data_3NJP
#
_entry.id   3NJP
#
_cell.length_a   220.167
_cell.length_b   220.167
_cell.length_c   113.123
_cell.angle_alpha   90.00
_cell.angle_beta   90.00
_cell.angle_gamma   120.00
#
_symmetry.space_group_name_H-M   'P 31 2 1'
#
loop_
_entity.id
_entity.type
_entity.pdbx_description
1 polymer 'Epidermal growth factor receptor'
2 polymer 'Epidermal growth factor'
3 non-polymer 2-acetamido-2-deoxy-beta-D-glucopyranose
4 non-polymer 'NONAETHYLENE GLYCOL'
5 water water
#
loop_
_entity_poly.entity_id
_entity_poly.type
_entity_poly.pdbx_seq_one_letter_code
_entity_poly.pdbx_strand_id
1 'polypeptide(L)'
;LEEKKVCQGTSNKLTQLGTFEDHFLSLQRMFNNCEVVLGNLEITYVQRNYDLSFLKTIQEVAGYVLIALNTVERIPLENL
QIIRGNMYYENSYALAVLSNYDANKTGLKELPMRNLQEILHGAVRFSNNPALCNVESIQWRDIVSSDFLSNMSMDFQNHL
GSCQKCDPSCPNGSCWGAGEENCQKLTKIICAQQCSGRCRGKSPSDCCHNQCAAGCTGPRESDCLVCRKFRDEATCKDTC
PPLMLYNPTTYQMDVNPEGKYSFGATCVKKCPRNYVVTDHGSCVRACGADSYEMEEDGVRKCKKCEGPCRKVCNGIGIGE
FKDSLSINATNIKHFKNCTSISGDLHILPVAFRGDSFTHTPPLDPQELDILKTVKEITGFLLIQAWPENRTDLHAFENLE
IIRGRTKQHGQFSLAVVSLNITSLGLRSLKEISDGDVIISGNKNLCYANTINWKKLFGTSGQKTKIISNRGENSCKATGQ
VCHALCSPEGCWGPEPRDCVSCRNVSRGRECVDKCKLLEGEPREFVENSECIQCHPECLPQAMNITCTGRGPDNCIQCAH
YIDGPHCVKTCPAGVMGENNTLVWKYADAGHVCHLCHPNCTYGCTGPGLEGCPT
;
A,B
2 'polypeptide(L)' ECPLSHDGYCLHDGVCMYIEALDKYACNCVVGYIGERCQYRDLKWWE C,D
#
# COMPACT_ATOMS: atom_id res chain seq x y z
N LEU A 1 -30.23 -13.56 13.58
CA LEU A 1 -30.32 -12.61 12.48
C LEU A 1 -28.96 -12.35 11.85
N GLU A 2 -28.93 -12.24 10.52
CA GLU A 2 -27.69 -11.96 9.81
C GLU A 2 -27.30 -10.49 9.95
N GLU A 3 -27.89 -9.64 9.11
CA GLU A 3 -27.66 -8.20 9.21
C GLU A 3 -28.86 -7.53 9.88
N LYS A 4 -28.69 -6.26 10.26
CA LYS A 4 -29.72 -5.55 11.01
C LYS A 4 -30.21 -4.30 10.27
N LYS A 5 -31.44 -3.90 10.57
CA LYS A 5 -32.02 -2.69 9.99
C LYS A 5 -31.48 -1.46 10.71
N VAL A 6 -31.07 -0.45 9.94
CA VAL A 6 -30.42 0.72 10.52
C VAL A 6 -31.23 2.00 10.38
N CYS A 7 -31.04 2.91 11.32
CA CYS A 7 -31.64 4.25 11.25
C CYS A 7 -30.55 5.31 11.44
N GLN A 8 -30.75 6.46 10.82
CA GLN A 8 -29.73 7.50 10.79
C GLN A 8 -29.42 8.10 12.16
N GLY A 9 -30.42 8.14 13.03
CA GLY A 9 -30.27 8.73 14.35
C GLY A 9 -30.48 10.23 14.32
N THR A 10 -30.80 10.81 15.47
CA THR A 10 -31.04 12.24 15.57
C THR A 10 -29.83 12.98 16.12
N SER A 11 -29.85 14.30 16.03
CA SER A 11 -28.76 15.13 16.51
C SER A 11 -29.26 16.52 16.86
N ASN A 12 -30.39 16.59 17.55
CA ASN A 12 -30.99 17.87 17.91
C ASN A 12 -30.78 18.22 19.37
N LYS A 13 -30.19 17.29 20.12
CA LYS A 13 -29.96 17.49 21.54
C LYS A 13 -31.26 17.83 22.27
N LEU A 14 -31.33 19.05 22.81
CA LEU A 14 -32.48 19.46 23.61
C LEU A 14 -33.54 20.18 22.78
N THR A 15 -33.31 20.26 21.47
CA THR A 15 -34.24 20.93 20.57
C THR A 15 -35.56 20.17 20.47
N GLN A 16 -36.66 20.92 20.42
CA GLN A 16 -37.99 20.33 20.29
C GLN A 16 -38.56 20.55 18.90
N LEU A 17 -38.91 19.46 18.22
CA LEU A 17 -39.41 19.54 16.85
C LEU A 17 -40.92 19.77 16.82
N GLY A 18 -41.32 21.03 16.74
CA GLY A 18 -42.73 21.39 16.71
C GLY A 18 -43.37 21.25 18.07
N THR A 19 -44.62 20.79 18.09
CA THR A 19 -45.31 20.57 19.35
C THR A 19 -45.02 19.16 19.87
N PHE A 20 -45.35 18.91 21.14
CA PHE A 20 -45.07 17.60 21.74
C PHE A 20 -45.45 16.45 20.82
N GLU A 21 -46.61 16.55 20.18
CA GLU A 21 -47.06 15.52 19.26
C GLU A 21 -46.16 15.47 18.04
N ASP A 22 -45.99 16.60 17.37
CA ASP A 22 -45.07 16.68 16.24
C ASP A 22 -43.76 16.00 16.61
N HIS A 23 -43.12 16.49 17.67
CA HIS A 23 -41.87 15.94 18.16
C HIS A 23 -41.94 14.42 18.26
N PHE A 24 -42.91 13.93 19.03
CA PHE A 24 -43.09 12.49 19.20
C PHE A 24 -43.24 11.78 17.87
N LEU A 25 -43.97 12.40 16.94
CA LEU A 25 -44.21 11.80 15.63
C LEU A 25 -42.90 11.69 14.85
N SER A 26 -42.06 12.71 14.96
CA SER A 26 -40.75 12.68 14.32
C SER A 26 -39.90 11.56 14.91
N LEU A 27 -39.90 11.48 16.24
CA LEU A 27 -39.18 10.42 16.95
C LEU A 27 -39.64 9.05 16.45
N GLN A 28 -40.95 8.91 16.29
CA GLN A 28 -41.55 7.64 15.88
C GLN A 28 -41.16 7.24 14.46
N ARG A 29 -41.24 8.20 13.53
CA ARG A 29 -40.91 7.92 12.14
C ARG A 29 -39.47 7.47 11.99
N MET A 30 -38.58 8.07 12.79
CA MET A 30 -37.15 7.80 12.69
C MET A 30 -36.78 6.40 13.20
N PHE A 31 -37.20 6.08 14.41
CA PHE A 31 -36.73 4.86 15.07
C PHE A 31 -37.66 3.66 14.93
N ASN A 32 -38.68 3.77 14.09
CA ASN A 32 -39.61 2.66 13.90
C ASN A 32 -38.94 1.47 13.22
N ASN A 33 -38.88 0.34 13.92
CA ASN A 33 -38.28 -0.89 13.40
C ASN A 33 -36.76 -0.88 13.39
N CYS A 34 -36.16 0.27 13.69
CA CYS A 34 -34.71 0.41 13.70
C CYS A 34 -34.07 -0.55 14.70
N GLU A 35 -33.00 -1.22 14.27
CA GLU A 35 -32.27 -2.15 15.14
C GLU A 35 -30.91 -1.59 15.50
N VAL A 36 -30.32 -0.81 14.59
CA VAL A 36 -29.02 -0.20 14.80
C VAL A 36 -29.07 1.29 14.52
N VAL A 37 -28.72 2.10 15.51
CA VAL A 37 -28.75 3.55 15.35
C VAL A 37 -27.37 4.07 14.98
N LEU A 38 -27.19 4.38 13.70
CA LEU A 38 -25.90 4.82 13.17
C LEU A 38 -25.43 6.11 13.83
N GLY A 39 -26.38 6.98 14.17
CA GLY A 39 -26.07 8.23 14.82
C GLY A 39 -26.35 8.21 16.31
N ASN A 40 -27.25 9.08 16.74
CA ASN A 40 -27.60 9.17 18.16
C ASN A 40 -29.05 8.78 18.46
N LEU A 41 -29.29 8.43 19.72
CA LEU A 41 -30.63 8.09 20.18
C LEU A 41 -31.11 9.12 21.18
N GLU A 42 -31.75 10.18 20.69
CA GLU A 42 -32.24 11.24 21.54
C GLU A 42 -33.74 11.12 21.77
N ILE A 43 -34.12 10.76 23.00
CA ILE A 43 -35.51 10.67 23.39
C ILE A 43 -35.85 11.83 24.31
N THR A 44 -36.47 12.86 23.77
CA THR A 44 -36.78 14.06 24.54
C THR A 44 -38.24 14.48 24.40
N TYR A 45 -38.76 15.16 25.42
CA TYR A 45 -40.11 15.73 25.40
C TYR A 45 -41.19 14.69 25.12
N VAL A 46 -40.97 13.46 25.56
CA VAL A 46 -41.99 12.42 25.45
C VAL A 46 -42.93 12.51 26.64
N GLN A 47 -44.18 12.87 26.37
CA GLN A 47 -45.16 13.11 27.42
C GLN A 47 -45.77 11.83 27.98
N ARG A 48 -46.60 11.99 29.02
CA ARG A 48 -47.32 10.86 29.61
C ARG A 48 -48.08 10.09 28.54
N ASN A 49 -48.55 8.89 28.88
CA ASN A 49 -49.20 8.03 27.91
C ASN A 49 -48.21 7.63 26.83
N TYR A 50 -48.39 8.19 25.63
CA TYR A 50 -47.49 8.01 24.48
C TYR A 50 -46.75 6.67 24.45
N ASP A 51 -47.09 5.85 23.47
CA ASP A 51 -46.51 4.52 23.34
C ASP A 51 -45.08 4.57 22.79
N LEU A 52 -44.13 4.16 23.62
CA LEU A 52 -42.72 4.09 23.22
C LEU A 52 -42.28 2.64 23.04
N SER A 53 -43.18 1.80 22.52
CA SER A 53 -42.89 0.39 22.35
C SER A 53 -41.94 0.12 21.19
N PHE A 54 -41.98 0.98 20.18
CA PHE A 54 -41.15 0.77 18.99
C PHE A 54 -39.65 0.81 19.31
N LEU A 55 -39.31 1.27 20.51
CA LEU A 55 -37.93 1.34 20.94
C LEU A 55 -37.37 -0.04 21.29
N LYS A 56 -38.27 -0.97 21.58
CA LYS A 56 -37.88 -2.31 22.00
C LYS A 56 -36.98 -3.01 20.97
N THR A 57 -37.09 -2.58 19.72
CA THR A 57 -36.34 -3.24 18.64
C THR A 57 -34.97 -2.60 18.39
N ILE A 58 -34.55 -1.74 19.30
CA ILE A 58 -33.23 -1.11 19.19
C ILE A 58 -32.18 -1.91 19.97
N GLN A 59 -31.21 -2.47 19.25
CA GLN A 59 -30.22 -3.34 19.86
C GLN A 59 -28.90 -2.63 20.14
N GLU A 60 -28.52 -1.71 19.26
CA GLU A 60 -27.25 -1.01 19.41
C GLU A 60 -27.28 0.42 18.88
N VAL A 61 -26.70 1.34 19.63
CA VAL A 61 -26.57 2.72 19.21
C VAL A 61 -25.10 3.09 19.08
N ALA A 62 -24.70 3.56 17.91
CA ALA A 62 -23.31 3.91 17.64
C ALA A 62 -22.85 5.12 18.44
N GLY A 63 -23.58 6.22 18.30
CA GLY A 63 -23.24 7.45 19.00
C GLY A 63 -23.58 7.39 20.48
N TYR A 64 -24.32 8.39 20.95
CA TYR A 64 -24.72 8.46 22.35
C TYR A 64 -26.22 8.39 22.52
N VAL A 65 -26.65 8.03 23.73
CA VAL A 65 -28.06 7.95 24.04
C VAL A 65 -28.46 9.07 25.00
N LEU A 66 -29.34 9.95 24.53
CA LEU A 66 -29.82 11.05 25.34
C LEU A 66 -31.27 10.80 25.78
N ILE A 67 -31.50 10.86 27.08
CA ILE A 67 -32.84 10.70 27.63
C ILE A 67 -33.12 11.83 28.62
N ALA A 68 -33.70 12.91 28.12
CA ALA A 68 -33.89 14.11 28.94
C ALA A 68 -35.21 14.81 28.65
N LEU A 69 -35.81 15.37 29.70
CA LEU A 69 -37.04 16.16 29.57
C LEU A 69 -38.24 15.32 29.14
N ASN A 70 -38.38 14.14 29.74
CA ASN A 70 -39.49 13.25 29.43
C ASN A 70 -40.42 13.06 30.62
N THR A 71 -41.70 13.34 30.42
CA THR A 71 -42.69 13.14 31.46
C THR A 71 -43.27 11.73 31.38
N VAL A 72 -42.93 11.03 30.30
CA VAL A 72 -43.35 9.65 30.13
C VAL A 72 -42.88 8.81 31.31
N GLU A 73 -43.53 7.68 31.54
CA GLU A 73 -43.28 6.91 32.76
C GLU A 73 -42.36 5.71 32.54
N ARG A 74 -42.25 5.26 31.29
CA ARG A 74 -41.43 4.09 30.98
CA ARG A 74 -41.43 4.09 30.98
C ARG A 74 -40.80 4.17 29.59
N ILE A 75 -39.56 3.70 29.49
CA ILE A 75 -38.84 3.68 28.22
C ILE A 75 -38.23 2.30 28.00
N PRO A 76 -38.81 1.53 27.06
CA PRO A 76 -38.47 0.12 26.85
C PRO A 76 -37.20 -0.12 26.03
N LEU A 77 -36.10 0.53 26.38
CA LEU A 77 -34.83 0.28 25.69
C LEU A 77 -34.20 -1.01 26.21
N GLU A 78 -35.02 -2.05 26.33
CA GLU A 78 -34.60 -3.30 26.93
C GLU A 78 -33.58 -4.09 26.10
N ASN A 79 -33.77 -4.10 24.79
CA ASN A 79 -32.92 -4.89 23.91
C ASN A 79 -31.61 -4.21 23.55
N LEU A 80 -31.42 -2.99 24.04
CA LEU A 80 -30.19 -2.25 23.81
C LEU A 80 -29.03 -2.97 24.48
N GLN A 81 -28.08 -3.44 23.67
CA GLN A 81 -26.96 -4.25 24.15
C GLN A 81 -25.69 -3.44 24.39
N ILE A 82 -25.42 -2.50 23.49
CA ILE A 82 -24.18 -1.74 23.55
C ILE A 82 -24.34 -0.30 23.08
N ILE A 83 -23.64 0.61 23.76
CA ILE A 83 -23.56 1.99 23.32
C ILE A 83 -22.10 2.30 23.03
N ARG A 84 -21.79 2.50 21.75
CA ARG A 84 -20.40 2.67 21.33
C ARG A 84 -19.82 4.02 21.72
N GLY A 85 -20.68 5.05 21.76
CA GLY A 85 -20.25 6.37 22.14
C GLY A 85 -19.34 7.02 21.10
N ASN A 86 -19.59 6.73 19.83
CA ASN A 86 -18.81 7.34 18.75
C ASN A 86 -18.81 8.85 18.87
N MET A 87 -19.82 9.38 19.55
CA MET A 87 -19.87 10.80 19.89
C MET A 87 -20.34 10.92 21.34
N TYR A 88 -20.16 12.09 21.92
CA TYR A 88 -20.54 12.30 23.32
C TYR A 88 -21.57 13.41 23.48
N TYR A 89 -22.29 13.36 24.59
CA TYR A 89 -23.17 14.46 24.96
C TYR A 89 -22.47 15.30 26.01
N GLU A 90 -22.22 16.57 25.67
CA GLU A 90 -21.50 17.48 26.56
C GLU A 90 -20.05 17.08 26.75
N ASN A 91 -19.45 16.48 25.73
CA ASN A 91 -18.03 16.16 25.73
C ASN A 91 -17.64 15.22 26.87
N SER A 92 -18.52 14.28 27.21
CA SER A 92 -18.26 13.38 28.33
C SER A 92 -19.04 12.09 28.25
N TYR A 93 -20.35 12.19 28.28
CA TYR A 93 -21.21 11.03 28.50
C TYR A 93 -21.68 10.34 27.21
N ALA A 94 -21.63 9.01 27.22
CA ALA A 94 -22.21 8.21 26.15
C ALA A 94 -23.69 8.01 26.43
N LEU A 95 -24.06 8.08 27.71
CA LEU A 95 -25.45 8.00 28.12
C LEU A 95 -25.75 9.11 29.11
N ALA A 96 -26.74 9.94 28.79
CA ALA A 96 -27.13 11.04 29.65
C ALA A 96 -28.64 11.06 29.88
N VAL A 97 -29.06 10.67 31.08
CA VAL A 97 -30.46 10.70 31.47
C VAL A 97 -30.71 11.88 32.40
N LEU A 98 -31.40 12.89 31.90
CA LEU A 98 -31.48 14.18 32.61
C LEU A 98 -32.91 14.69 32.82
N SER A 99 -33.13 15.27 33.99
CA SER A 99 -34.40 15.94 34.33
C SER A 99 -35.63 15.33 33.66
N ASN A 100 -35.94 14.09 34.01
CA ASN A 100 -37.12 13.42 33.47
C ASN A 100 -38.28 13.42 34.46
N TYR A 101 -38.72 14.60 34.87
CA TYR A 101 -39.81 14.70 35.82
C TYR A 101 -40.97 15.56 35.32
N ASP A 102 -42.17 15.25 35.81
CA ASP A 102 -43.35 16.03 35.50
C ASP A 102 -43.34 17.30 36.34
N ALA A 103 -44.30 18.19 36.10
CA ALA A 103 -44.45 19.38 36.93
C ALA A 103 -44.77 18.96 38.36
N ASN A 104 -45.36 17.77 38.49
CA ASN A 104 -45.72 17.22 39.79
C ASN A 104 -44.63 16.30 40.35
N LYS A 105 -43.42 16.42 39.80
CA LYS A 105 -42.28 15.64 40.25
C LYS A 105 -42.47 14.13 40.05
N THR A 106 -43.14 13.77 38.97
CA THR A 106 -43.38 12.36 38.64
C THR A 106 -43.36 12.11 37.13
N GLY A 107 -42.22 11.64 36.63
CA GLY A 107 -42.08 11.37 35.21
C GLY A 107 -41.53 9.98 34.93
N LEU A 108 -40.32 9.92 34.37
CA LEU A 108 -39.67 8.66 34.06
C LEU A 108 -39.51 7.80 35.31
N LYS A 109 -40.12 6.61 35.30
CA LYS A 109 -40.13 5.74 36.46
C LYS A 109 -39.34 4.45 36.25
N GLU A 110 -39.51 3.84 35.09
CA GLU A 110 -38.84 2.57 34.80
C GLU A 110 -38.01 2.60 33.53
N LEU A 111 -36.75 2.23 33.65
CA LEU A 111 -35.82 2.19 32.52
C LEU A 111 -35.22 0.79 32.42
N PRO A 112 -35.99 -0.16 31.89
CA PRO A 112 -35.67 -1.59 31.84
C PRO A 112 -34.54 -1.95 30.88
N MET A 113 -33.44 -1.20 30.91
CA MET A 113 -32.30 -1.52 30.05
C MET A 113 -31.52 -2.70 30.62
N ARG A 114 -32.12 -3.88 30.55
CA ARG A 114 -31.57 -5.07 31.19
C ARG A 114 -30.55 -5.80 30.33
N ASN A 115 -30.35 -5.32 29.11
CA ASN A 115 -29.38 -5.94 28.21
C ASN A 115 -28.22 -5.01 27.88
N LEU A 116 -28.27 -3.78 28.40
CA LEU A 116 -27.20 -2.82 28.21
C LEU A 116 -25.98 -3.27 29.00
N GLN A 117 -25.06 -3.94 28.32
CA GLN A 117 -23.91 -4.54 28.99
C GLN A 117 -22.58 -3.91 28.57
N GLU A 118 -22.62 -3.10 27.52
CA GLU A 118 -21.38 -2.52 26.99
C GLU A 118 -21.51 -1.05 26.62
N ILE A 119 -20.51 -0.26 27.00
CA ILE A 119 -20.40 1.13 26.59
C ILE A 119 -18.97 1.42 26.17
N LEU A 120 -18.66 1.14 24.90
CA LEU A 120 -17.29 1.20 24.40
C LEU A 120 -16.53 2.45 24.82
N HIS A 121 -17.18 3.60 24.73
CA HIS A 121 -16.53 4.86 25.06
C HIS A 121 -17.49 5.81 25.76
N GLY A 122 -16.93 6.78 26.48
CA GLY A 122 -17.73 7.79 27.15
C GLY A 122 -18.14 7.40 28.55
N ALA A 123 -18.66 8.38 29.29
CA ALA A 123 -19.12 8.16 30.66
C ALA A 123 -20.64 8.07 30.72
N VAL A 124 -21.19 8.16 31.93
CA VAL A 124 -22.63 8.09 32.13
C VAL A 124 -23.08 9.20 33.07
N ARG A 125 -24.25 9.78 32.77
CA ARG A 125 -24.77 10.88 33.57
C ARG A 125 -26.24 10.70 33.94
N PHE A 126 -26.51 10.56 35.23
CA PHE A 126 -27.88 10.54 35.74
C PHE A 126 -28.09 11.73 36.67
N SER A 127 -29.20 12.44 36.49
CA SER A 127 -29.45 13.64 37.28
C SER A 127 -30.91 14.06 37.23
N ASN A 128 -31.50 14.30 38.40
CA ASN A 128 -32.86 14.78 38.50
C ASN A 128 -33.89 13.83 37.88
N ASN A 129 -33.94 12.61 38.38
CA ASN A 129 -34.91 11.62 37.93
C ASN A 129 -35.71 11.10 39.11
N PRO A 130 -36.63 11.94 39.63
CA PRO A 130 -37.37 11.68 40.87
C PRO A 130 -38.09 10.34 40.89
N ALA A 131 -38.58 9.89 39.73
CA ALA A 131 -39.37 8.68 39.67
C ALA A 131 -38.57 7.44 39.27
N LEU A 132 -37.32 7.65 38.85
CA LEU A 132 -36.47 6.55 38.41
C LEU A 132 -36.28 5.50 39.51
N CYS A 133 -36.61 4.25 39.19
CA CYS A 133 -36.51 3.16 40.16
C CYS A 133 -35.50 2.09 39.73
N ASN A 134 -34.89 1.45 40.71
CA ASN A 134 -34.02 0.30 40.47
C ASN A 134 -32.67 0.61 39.82
N VAL A 135 -32.67 1.43 38.78
CA VAL A 135 -31.45 1.79 38.07
C VAL A 135 -30.34 2.19 39.03
N GLU A 136 -30.73 2.75 40.17
CA GLU A 136 -29.79 3.20 41.18
C GLU A 136 -28.99 2.05 41.79
N SER A 137 -29.31 0.83 41.36
CA SER A 137 -28.68 -0.36 41.94
C SER A 137 -27.73 -1.06 40.97
N ILE A 138 -27.52 -0.46 39.81
CA ILE A 138 -26.68 -1.07 38.78
C ILE A 138 -25.19 -0.80 39.01
N GLN A 139 -24.39 -1.86 38.93
CA GLN A 139 -22.94 -1.73 39.02
C GLN A 139 -22.40 -1.34 37.66
N TRP A 140 -22.20 -0.04 37.45
CA TRP A 140 -21.77 0.47 36.15
C TRP A 140 -20.31 0.16 35.84
N ARG A 141 -19.59 -0.35 36.82
CA ARG A 141 -18.19 -0.74 36.62
C ARG A 141 -18.10 -1.87 35.60
N ASP A 142 -19.22 -2.55 35.39
CA ASP A 142 -19.27 -3.66 34.43
C ASP A 142 -19.68 -3.17 33.05
N ILE A 143 -20.60 -2.22 33.01
CA ILE A 143 -21.11 -1.68 31.76
C ILE A 143 -20.15 -0.67 31.13
N VAL A 144 -19.55 0.18 31.96
CA VAL A 144 -18.64 1.22 31.48
C VAL A 144 -17.19 0.76 31.54
N SER A 145 -16.34 1.40 30.74
CA SER A 145 -14.91 1.08 30.73
C SER A 145 -14.17 1.91 31.78
N SER A 146 -13.20 1.29 32.44
CA SER A 146 -12.49 1.92 33.54
C SER A 146 -11.94 3.31 33.21
N ASP A 147 -11.62 3.53 31.95
CA ASP A 147 -11.01 4.79 31.52
C ASP A 147 -11.92 6.00 31.74
N PHE A 148 -13.22 5.76 31.76
CA PHE A 148 -14.19 6.86 31.81
C PHE A 148 -14.90 7.01 33.16
N LEU A 149 -14.84 5.98 33.99
CA LEU A 149 -15.58 6.00 35.25
C LEU A 149 -15.12 7.13 36.17
N SER A 150 -14.06 7.81 35.78
CA SER A 150 -13.57 8.98 36.51
C SER A 150 -14.42 10.20 36.18
N ASN A 151 -14.97 10.23 34.96
CA ASN A 151 -15.84 11.31 34.53
C ASN A 151 -17.31 11.02 34.82
N MET A 152 -17.60 9.82 35.30
CA MET A 152 -18.97 9.43 35.59
C MET A 152 -19.55 10.23 36.76
N SER A 153 -20.56 11.03 36.47
CA SER A 153 -21.27 11.76 37.51
C SER A 153 -22.75 11.37 37.48
N MET A 154 -23.19 10.67 38.52
CA MET A 154 -24.57 10.20 38.55
C MET A 154 -25.05 9.87 39.97
N ASP A 155 -26.05 10.59 40.43
CA ASP A 155 -26.66 10.33 41.72
C ASP A 155 -28.18 10.22 41.57
N PHE A 156 -28.77 9.27 42.27
CA PHE A 156 -30.21 9.04 42.19
C PHE A 156 -30.91 9.51 43.45
N GLN A 157 -31.98 10.29 43.28
CA GLN A 157 -32.74 10.78 44.41
C GLN A 157 -34.15 10.20 44.43
N ASN A 158 -34.39 9.30 45.39
CA ASN A 158 -35.69 8.65 45.54
C ASN A 158 -36.50 9.26 46.68
N HIS A 159 -37.00 10.47 46.47
CA HIS A 159 -37.76 11.17 47.50
C HIS A 159 -39.25 10.90 47.35
N LEU A 160 -39.59 9.83 46.65
CA LEU A 160 -40.97 9.41 46.48
C LEU A 160 -41.19 8.05 47.14
N GLY A 161 -40.84 6.98 46.43
CA GLY A 161 -40.81 5.66 47.03
C GLY A 161 -41.68 4.59 46.40
N SER A 162 -42.25 4.88 45.24
CA SER A 162 -43.13 3.93 44.56
C SER A 162 -42.34 2.79 43.93
N CYS A 163 -41.08 2.65 44.32
CA CYS A 163 -40.21 1.61 43.76
C CYS A 163 -40.34 0.29 44.50
N GLN A 164 -40.06 -0.80 43.80
CA GLN A 164 -40.05 -2.13 44.40
C GLN A 164 -38.62 -2.52 44.73
N LYS A 165 -38.39 -3.82 44.92
CA LYS A 165 -37.04 -4.32 45.12
C LYS A 165 -36.63 -5.29 44.01
N CYS A 166 -35.37 -5.68 44.02
CA CYS A 166 -34.85 -6.59 43.01
C CYS A 166 -35.04 -8.04 43.45
N ASP A 167 -35.34 -8.91 42.49
CA ASP A 167 -35.48 -10.33 42.75
C ASP A 167 -34.24 -10.84 43.48
N PRO A 168 -34.45 -11.60 44.57
CA PRO A 168 -33.37 -12.12 45.41
C PRO A 168 -32.28 -12.86 44.61
N SER A 169 -32.60 -13.23 43.38
CA SER A 169 -31.64 -13.94 42.52
C SER A 169 -30.64 -12.97 41.91
N CYS A 170 -31.05 -11.72 41.72
CA CYS A 170 -30.19 -10.71 41.12
C CYS A 170 -28.84 -10.60 41.84
N PRO A 171 -27.75 -10.60 41.06
CA PRO A 171 -26.39 -10.51 41.60
C PRO A 171 -26.13 -9.19 42.32
N ASN A 172 -25.96 -9.27 43.63
CA ASN A 172 -25.68 -8.08 44.44
C ASN A 172 -26.78 -7.03 44.35
N GLY A 173 -28.02 -7.49 44.26
CA GLY A 173 -29.17 -6.60 44.24
C GLY A 173 -29.17 -5.62 43.10
N SER A 174 -28.59 -6.01 41.97
CA SER A 174 -28.55 -5.16 40.78
C SER A 174 -29.68 -5.52 39.83
N CYS A 175 -30.57 -4.58 39.60
CA CYS A 175 -31.70 -4.81 38.70
C CYS A 175 -32.16 -3.52 38.04
N TRP A 176 -32.59 -3.63 36.78
CA TRP A 176 -33.08 -2.48 36.03
C TRP A 176 -34.58 -2.32 36.21
N GLY A 177 -35.19 -3.27 36.92
CA GLY A 177 -36.61 -3.25 37.17
C GLY A 177 -37.06 -4.50 37.92
N ALA A 178 -38.36 -4.66 38.06
CA ALA A 178 -38.91 -5.81 38.78
C ALA A 178 -38.75 -7.08 37.96
N GLY A 179 -39.14 -8.21 38.57
CA GLY A 179 -39.04 -9.49 37.90
C GLY A 179 -37.64 -10.06 37.96
N GLU A 180 -37.51 -11.34 37.61
CA GLU A 180 -36.23 -12.03 37.64
C GLU A 180 -35.44 -11.78 36.36
N GLU A 181 -36.11 -11.23 35.35
CA GLU A 181 -35.50 -10.99 34.04
C GLU A 181 -34.68 -9.69 34.01
N ASN A 182 -34.96 -8.78 34.94
CA ASN A 182 -34.29 -7.49 34.96
C ASN A 182 -33.05 -7.45 35.85
N CYS A 183 -32.50 -8.62 36.16
CA CYS A 183 -31.31 -8.70 37.00
C CYS A 183 -30.06 -8.44 36.17
N GLN A 184 -29.27 -7.45 36.57
CA GLN A 184 -28.06 -7.08 35.83
C GLN A 184 -27.22 -8.31 35.51
N LYS A 185 -26.99 -8.53 34.22
CA LYS A 185 -26.23 -9.68 33.76
C LYS A 185 -24.75 -9.34 33.64
N LEU A 186 -24.03 -9.41 34.76
CA LEU A 186 -22.61 -9.07 34.77
C LEU A 186 -21.77 -10.05 33.97
N THR A 187 -20.95 -9.51 33.08
CA THR A 187 -20.10 -10.33 32.21
C THR A 187 -18.73 -9.69 32.06
N LYS A 188 -18.36 -8.86 33.03
CA LYS A 188 -17.10 -8.12 32.96
C LYS A 188 -16.25 -8.30 34.22
N ILE A 189 -16.84 -8.01 35.38
CA ILE A 189 -16.12 -8.11 36.64
C ILE A 189 -16.34 -9.45 37.34
N ILE A 190 -16.85 -10.42 36.58
CA ILE A 190 -17.05 -11.76 37.10
C ILE A 190 -16.10 -12.73 36.39
N CYS A 191 -15.30 -12.19 35.48
CA CYS A 191 -14.40 -13.01 34.68
C CYS A 191 -13.14 -13.36 35.44
N ALA A 192 -12.68 -14.61 35.27
CA ALA A 192 -11.45 -15.06 35.89
C ALA A 192 -10.27 -14.26 35.36
N GLN A 193 -9.10 -14.48 35.94
CA GLN A 193 -7.90 -13.75 35.53
C GLN A 193 -7.47 -14.11 34.11
N GLN A 194 -7.62 -15.37 33.73
CA GLN A 194 -7.24 -15.82 32.39
C GLN A 194 -8.08 -15.16 31.32
N CYS A 195 -9.20 -14.57 31.71
CA CYS A 195 -10.09 -13.88 30.77
C CYS A 195 -9.47 -12.60 30.24
N SER A 196 -9.49 -12.43 28.93
CA SER A 196 -8.95 -11.25 28.28
C SER A 196 -10.00 -10.14 28.20
N GLY A 197 -11.20 -10.50 27.79
CA GLY A 197 -12.28 -9.54 27.65
C GLY A 197 -13.48 -9.86 28.52
N ARG A 198 -14.61 -10.17 27.87
CA ARG A 198 -15.85 -10.47 28.58
C ARG A 198 -15.95 -11.96 28.85
N CYS A 199 -17.08 -12.39 29.41
CA CYS A 199 -17.27 -13.79 29.75
C CYS A 199 -18.75 -14.15 29.92
N ARG A 200 -19.04 -15.44 29.82
CA ARG A 200 -20.39 -15.94 30.03
C ARG A 200 -20.63 -16.19 31.52
N GLY A 201 -19.66 -16.83 32.16
CA GLY A 201 -19.75 -17.13 33.58
C GLY A 201 -18.44 -16.80 34.30
N LYS A 202 -18.20 -17.48 35.41
CA LYS A 202 -17.00 -17.25 36.20
C LYS A 202 -15.92 -18.27 35.86
N SER A 203 -16.34 -19.46 35.44
CA SER A 203 -15.41 -20.51 35.04
C SER A 203 -14.67 -20.11 33.78
N PRO A 204 -13.35 -20.36 33.75
CA PRO A 204 -12.49 -20.02 32.61
C PRO A 204 -12.97 -20.65 31.30
N SER A 205 -13.84 -21.64 31.40
CA SER A 205 -14.37 -22.32 30.23
C SER A 205 -15.46 -21.49 29.57
N ASP A 206 -15.71 -20.30 30.13
CA ASP A 206 -16.79 -19.44 29.64
C ASP A 206 -16.24 -18.13 29.07
N CYS A 207 -14.92 -18.00 29.04
CA CYS A 207 -14.28 -16.79 28.54
C CYS A 207 -14.74 -16.44 27.12
N CYS A 208 -15.08 -15.17 26.92
CA CYS A 208 -15.51 -14.69 25.61
C CYS A 208 -14.31 -14.32 24.75
N HIS A 209 -14.46 -14.52 23.44
CA HIS A 209 -13.43 -14.17 22.48
C HIS A 209 -12.98 -12.71 22.66
N ASN A 210 -11.70 -12.46 22.41
CA ASN A 210 -11.14 -11.12 22.58
C ASN A 210 -11.97 -10.04 21.92
N GLN A 211 -12.62 -10.38 20.80
CA GLN A 211 -13.33 -9.39 20.00
C GLN A 211 -14.85 -9.35 20.26
N CYS A 212 -15.24 -9.64 21.50
CA CYS A 212 -16.65 -9.55 21.87
C CYS A 212 -16.92 -8.30 22.70
N ALA A 213 -18.14 -7.78 22.60
CA ALA A 213 -18.49 -6.53 23.26
C ALA A 213 -19.36 -6.74 24.48
N ALA A 214 -20.61 -7.13 24.27
CA ALA A 214 -21.57 -7.26 25.35
C ALA A 214 -21.56 -8.64 25.99
N GLY A 215 -20.69 -9.51 25.48
CA GLY A 215 -20.61 -10.87 25.97
C GLY A 215 -20.63 -11.86 24.82
N CYS A 216 -20.93 -13.11 25.12
CA CYS A 216 -20.96 -14.14 24.09
C CYS A 216 -21.81 -15.35 24.48
N THR A 217 -22.08 -16.20 23.50
CA THR A 217 -22.80 -17.44 23.73
C THR A 217 -21.86 -18.61 23.51
N GLY A 218 -20.56 -18.31 23.50
CA GLY A 218 -19.54 -19.30 23.26
C GLY A 218 -18.17 -18.67 23.08
N PRO A 219 -17.11 -19.44 23.34
CA PRO A 219 -15.73 -18.98 23.27
C PRO A 219 -15.32 -18.49 21.88
N ARG A 220 -15.83 -19.15 20.85
CA ARG A 220 -15.39 -18.88 19.48
C ARG A 220 -15.57 -17.44 19.03
N GLU A 221 -14.99 -17.14 17.87
CA GLU A 221 -14.98 -15.79 17.32
C GLU A 221 -16.33 -15.44 16.72
N SER A 222 -17.21 -16.43 16.59
CA SER A 222 -18.51 -16.24 15.95
C SER A 222 -19.64 -16.21 16.97
N ASP A 223 -19.33 -16.56 18.22
CA ASP A 223 -20.34 -16.67 19.25
C ASP A 223 -20.56 -15.36 20.00
N CYS A 224 -20.06 -14.27 19.44
CA CYS A 224 -20.20 -12.96 20.06
C CYS A 224 -21.63 -12.46 20.01
N LEU A 225 -21.99 -11.57 20.93
CA LEU A 225 -23.30 -10.93 20.91
C LEU A 225 -23.23 -9.71 19.99
N VAL A 226 -22.18 -8.91 20.15
CA VAL A 226 -21.96 -7.75 19.31
C VAL A 226 -20.47 -7.59 19.04
N CYS A 227 -20.11 -7.32 17.79
CA CYS A 227 -18.72 -7.12 17.43
C CYS A 227 -18.17 -5.87 18.11
N ARG A 228 -16.92 -5.91 18.52
CA ARG A 228 -16.29 -4.78 19.19
C ARG A 228 -15.64 -3.83 18.20
N LYS A 229 -15.15 -4.38 17.10
CA LYS A 229 -14.49 -3.59 16.06
C LYS A 229 -15.15 -3.78 14.69
N PHE A 230 -14.65 -4.75 13.94
CA PHE A 230 -15.16 -5.02 12.60
C PHE A 230 -16.01 -6.28 12.55
N ARG A 231 -16.91 -6.34 11.58
CA ARG A 231 -17.78 -7.48 11.41
C ARG A 231 -17.57 -8.13 10.04
N ASP A 232 -16.88 -9.26 10.02
CA ASP A 232 -16.66 -9.99 8.79
C ASP A 232 -17.69 -11.11 8.66
N GLU A 233 -18.85 -10.76 8.13
CA GLU A 233 -19.96 -11.71 8.01
C GLU A 233 -20.28 -12.38 9.34
N ALA A 234 -19.99 -13.67 9.43
CA ALA A 234 -20.36 -14.46 10.60
C ALA A 234 -19.57 -14.12 11.85
N THR A 235 -18.28 -13.83 11.68
CA THR A 235 -17.38 -13.64 12.81
C THR A 235 -16.95 -12.19 13.01
N CYS A 236 -16.55 -11.88 14.24
CA CYS A 236 -16.04 -10.54 14.57
C CYS A 236 -14.54 -10.49 14.41
N LYS A 237 -14.05 -9.51 13.65
CA LYS A 237 -12.62 -9.37 13.43
C LYS A 237 -12.11 -8.05 14.01
N ASP A 238 -10.84 -8.04 14.41
CA ASP A 238 -10.20 -6.81 14.85
C ASP A 238 -9.73 -6.04 13.63
N THR A 239 -9.38 -6.76 12.58
CA THR A 239 -8.88 -6.17 11.35
C THR A 239 -9.28 -7.03 10.15
N CYS A 240 -9.94 -6.43 9.18
CA CYS A 240 -10.38 -7.16 7.99
C CYS A 240 -9.20 -7.84 7.29
N PRO A 241 -9.42 -9.09 6.85
CA PRO A 241 -8.40 -9.89 6.15
C PRO A 241 -7.71 -9.12 5.03
N PRO A 242 -6.39 -8.91 5.16
CA PRO A 242 -5.61 -8.15 4.19
C PRO A 242 -5.72 -8.75 2.79
N LEU A 243 -5.66 -7.91 1.77
CA LEU A 243 -5.70 -8.37 0.39
C LEU A 243 -4.46 -9.21 0.11
N MET A 244 -3.37 -8.88 0.79
CA MET A 244 -2.11 -9.59 0.60
C MET A 244 -1.41 -9.83 1.93
N LEU A 245 -0.83 -11.02 2.08
CA LEU A 245 -0.13 -11.39 3.29
C LEU A 245 1.37 -11.49 3.04
N TYR A 246 2.16 -11.14 4.04
CA TYR A 246 3.62 -11.23 3.91
C TYR A 246 4.08 -12.68 4.08
N ASN A 247 5.01 -13.09 3.22
CA ASN A 247 5.53 -14.45 3.27
C ASN A 247 6.88 -14.50 4.00
N PRO A 248 6.87 -15.00 5.24
CA PRO A 248 8.05 -15.10 6.09
C PRO A 248 9.17 -15.91 5.44
N THR A 249 8.82 -16.76 4.50
CA THR A 249 9.80 -17.64 3.87
C THR A 249 10.48 -16.97 2.68
N THR A 250 9.67 -16.40 1.78
CA THR A 250 10.20 -15.82 0.55
C THR A 250 10.45 -14.32 0.65
N TYR A 251 10.18 -13.76 1.83
CA TYR A 251 10.38 -12.32 2.05
C TYR A 251 9.66 -11.48 1.00
N GLN A 252 8.52 -11.96 0.53
CA GLN A 252 7.72 -11.23 -0.43
C GLN A 252 6.26 -11.21 -0.01
N MET A 253 5.40 -10.63 -0.85
CA MET A 253 3.99 -10.51 -0.53
C MET A 253 3.16 -11.48 -1.37
N ASP A 254 2.27 -12.21 -0.72
CA ASP A 254 1.41 -13.17 -1.40
C ASP A 254 -0.04 -12.71 -1.33
N VAL A 255 -0.83 -13.08 -2.34
CA VAL A 255 -2.23 -12.72 -2.37
C VAL A 255 -3.06 -13.56 -1.41
N ASN A 256 -3.95 -12.90 -0.69
CA ASN A 256 -4.78 -13.57 0.30
C ASN A 256 -6.20 -13.84 -0.20
N PRO A 257 -6.55 -15.12 -0.37
CA PRO A 257 -7.89 -15.51 -0.81
C PRO A 257 -8.95 -14.99 0.16
N GLU A 258 -8.71 -15.15 1.45
CA GLU A 258 -9.64 -14.67 2.47
C GLU A 258 -9.72 -13.14 2.46
N GLY A 259 -8.98 -12.52 1.54
CA GLY A 259 -8.90 -11.07 1.47
C GLY A 259 -10.22 -10.36 1.32
N LYS A 260 -10.47 -9.40 2.22
CA LYS A 260 -11.67 -8.59 2.16
C LYS A 260 -11.33 -7.10 2.17
N TYR A 261 -12.32 -6.26 1.92
CA TYR A 261 -12.14 -4.82 1.94
C TYR A 261 -12.74 -4.22 3.21
N SER A 262 -12.24 -3.05 3.62
CA SER A 262 -12.71 -2.41 4.84
C SER A 262 -13.70 -1.30 4.56
N PHE A 263 -14.98 -1.62 4.65
CA PHE A 263 -16.04 -0.63 4.48
C PHE A 263 -16.75 -0.39 5.81
N GLY A 264 -16.63 0.83 6.33
CA GLY A 264 -17.21 1.16 7.61
C GLY A 264 -16.70 0.24 8.70
N ALA A 265 -17.62 -0.48 9.35
CA ALA A 265 -17.25 -1.43 10.38
C ALA A 265 -17.51 -2.86 9.92
N THR A 266 -17.66 -3.04 8.61
CA THR A 266 -17.90 -4.37 8.05
C THR A 266 -16.84 -4.75 7.02
N CYS A 267 -16.62 -6.04 6.85
CA CYS A 267 -15.65 -6.53 5.89
C CYS A 267 -16.35 -7.03 4.62
N VAL A 268 -16.22 -6.27 3.54
CA VAL A 268 -16.91 -6.57 2.29
C VAL A 268 -15.99 -7.24 1.27
N LYS A 269 -16.59 -7.76 0.20
CA LYS A 269 -15.82 -8.41 -0.86
C LYS A 269 -15.35 -7.38 -1.88
N LYS A 270 -16.14 -6.32 -2.07
CA LYS A 270 -15.75 -5.23 -2.95
C LYS A 270 -16.32 -3.90 -2.45
N CYS A 271 -15.66 -2.81 -2.81
CA CYS A 271 -16.09 -1.48 -2.38
C CYS A 271 -17.22 -0.96 -3.26
N PRO A 272 -18.15 -0.20 -2.66
CA PRO A 272 -19.20 0.48 -3.43
C PRO A 272 -18.58 1.31 -4.55
N ARG A 273 -19.14 1.22 -5.75
CA ARG A 273 -18.57 1.87 -6.92
C ARG A 273 -18.12 3.31 -6.69
N ASN A 274 -18.90 4.07 -5.93
CA ASN A 274 -18.62 5.48 -5.72
C ASN A 274 -17.48 5.75 -4.75
N TYR A 275 -17.11 4.75 -3.96
CA TYR A 275 -16.02 4.90 -3.01
C TYR A 275 -14.65 4.71 -3.64
N VAL A 276 -13.61 5.09 -2.91
CA VAL A 276 -12.23 4.95 -3.37
C VAL A 276 -11.58 3.70 -2.82
N VAL A 277 -11.00 2.90 -3.70
CA VAL A 277 -10.36 1.66 -3.30
C VAL A 277 -8.84 1.84 -3.14
N THR A 278 -8.37 1.68 -1.92
CA THR A 278 -6.93 1.82 -1.65
C THR A 278 -6.21 0.50 -1.83
N ASP A 279 -4.89 0.56 -1.89
CA ASP A 279 -4.07 -0.65 -2.04
C ASP A 279 -4.16 -1.54 -0.81
N HIS A 280 -4.22 -0.91 0.36
CA HIS A 280 -4.35 -1.65 1.62
C HIS A 280 -5.47 -2.68 1.52
N GLY A 281 -6.58 -2.26 0.92
CA GLY A 281 -7.77 -3.10 0.86
C GLY A 281 -8.87 -2.52 1.73
N SER A 282 -9.16 -1.24 1.52
CA SER A 282 -10.16 -0.54 2.32
C SER A 282 -10.83 0.57 1.52
N CYS A 283 -12.14 0.73 1.72
CA CYS A 283 -12.90 1.74 1.02
C CYS A 283 -12.84 3.06 1.78
N VAL A 284 -12.36 4.12 1.11
CA VAL A 284 -12.24 5.42 1.75
C VAL A 284 -13.01 6.50 0.99
N ARG A 285 -13.06 7.69 1.57
CA ARG A 285 -13.82 8.80 1.01
C ARG A 285 -12.94 9.88 0.38
N ALA A 286 -11.63 9.77 0.59
CA ALA A 286 -10.70 10.75 0.05
C ALA A 286 -9.27 10.20 -0.03
N CYS A 287 -8.47 10.82 -0.89
CA CYS A 287 -7.05 10.47 -0.99
C CYS A 287 -6.23 11.52 -0.26
N GLY A 288 -5.11 11.09 0.32
CA GLY A 288 -4.21 12.02 0.99
C GLY A 288 -3.84 13.17 0.06
N ALA A 289 -3.43 14.29 0.64
CA ALA A 289 -3.03 15.45 -0.15
C ALA A 289 -1.83 15.10 -1.03
N ASP A 290 -1.37 13.86 -0.93
CA ASP A 290 -0.21 13.38 -1.67
C ASP A 290 -0.62 12.85 -3.04
N SER A 291 -1.92 12.76 -3.29
CA SER A 291 -2.40 12.15 -4.52
C SER A 291 -3.76 12.68 -4.98
N TYR A 292 -4.24 12.14 -6.09
CA TYR A 292 -5.54 12.49 -6.64
C TYR A 292 -6.38 11.23 -6.87
N GLU A 293 -7.51 11.39 -7.54
CA GLU A 293 -8.39 10.25 -7.81
C GLU A 293 -8.34 9.83 -9.27
N MET A 294 -7.61 8.76 -9.55
CA MET A 294 -7.45 8.25 -10.91
C MET A 294 -8.33 7.02 -11.14
N GLU A 295 -9.37 7.18 -11.96
CA GLU A 295 -10.21 6.05 -12.32
C GLU A 295 -9.37 4.96 -12.97
N GLU A 296 -9.48 3.74 -12.47
CA GLU A 296 -8.64 2.65 -12.94
C GLU A 296 -9.49 1.51 -13.52
N ASP A 297 -9.98 1.71 -14.73
CA ASP A 297 -10.73 0.70 -15.47
C ASP A 297 -12.15 0.48 -14.95
N GLY A 298 -12.46 1.02 -13.78
CA GLY A 298 -13.80 0.90 -13.24
C GLY A 298 -13.91 1.16 -11.75
N VAL A 299 -12.77 1.31 -11.09
CA VAL A 299 -12.76 1.55 -9.66
C VAL A 299 -11.91 2.77 -9.31
N ARG A 300 -12.50 3.68 -8.54
CA ARG A 300 -11.79 4.88 -8.11
C ARG A 300 -10.56 4.50 -7.30
N LYS A 301 -9.39 4.84 -7.81
CA LYS A 301 -8.14 4.50 -7.14
C LYS A 301 -7.32 5.73 -6.76
N CYS A 302 -6.40 5.55 -5.82
CA CYS A 302 -5.50 6.62 -5.41
C CYS A 302 -4.06 6.28 -5.79
N LYS A 303 -3.39 7.21 -6.47
CA LYS A 303 -2.00 7.02 -6.84
C LYS A 303 -1.11 8.03 -6.11
N LYS A 304 -0.33 8.78 -6.86
CA LYS A 304 0.49 9.85 -6.29
C LYS A 304 0.58 11.04 -7.25
N CYS A 305 0.76 12.23 -6.68
CA CYS A 305 0.90 13.44 -7.48
C CYS A 305 2.35 13.62 -7.91
N GLU A 306 2.55 14.19 -9.10
CA GLU A 306 3.88 14.41 -9.63
C GLU A 306 4.42 15.75 -9.16
N GLY A 307 4.18 16.07 -7.89
CA GLY A 307 4.61 17.33 -7.33
C GLY A 307 3.58 17.91 -6.38
N PRO A 308 3.31 19.22 -6.49
CA PRO A 308 2.30 19.89 -5.68
C PRO A 308 0.89 19.52 -6.12
N CYS A 309 0.22 18.65 -5.36
CA CYS A 309 -1.13 18.23 -5.68
C CYS A 309 -2.09 19.41 -5.74
N ARG A 310 -3.11 19.30 -6.59
CA ARG A 310 -4.16 20.32 -6.65
C ARG A 310 -4.75 20.51 -5.26
N LYS A 311 -5.14 21.74 -4.95
CA LYS A 311 -5.72 22.04 -3.65
C LYS A 311 -6.99 21.23 -3.39
N VAL A 312 -7.00 20.53 -2.27
CA VAL A 312 -8.19 19.79 -1.84
C VAL A 312 -8.99 20.61 -0.84
N CYS A 313 -10.24 20.91 -1.18
CA CYS A 313 -11.08 21.74 -0.33
C CYS A 313 -12.05 20.92 0.51
N ASN A 314 -11.90 20.98 1.82
CA ASN A 314 -12.82 20.32 2.73
C ASN A 314 -14.22 20.93 2.63
N GLY A 315 -15.22 20.07 2.48
CA GLY A 315 -16.59 20.53 2.38
C GLY A 315 -17.15 20.97 3.72
N ILE A 316 -18.15 21.85 3.68
CA ILE A 316 -18.83 22.29 4.89
C ILE A 316 -19.21 21.10 5.75
N GLY A 317 -18.98 21.21 7.05
CA GLY A 317 -19.38 20.16 7.97
C GLY A 317 -18.26 19.18 8.29
N ILE A 318 -17.06 19.47 7.82
CA ILE A 318 -15.92 18.61 8.09
C ILE A 318 -14.64 19.41 8.30
N GLY A 319 -13.74 18.87 9.11
CA GLY A 319 -12.45 19.49 9.36
C GLY A 319 -12.54 20.96 9.74
N GLU A 320 -11.89 21.80 8.94
CA GLU A 320 -11.83 23.24 9.19
C GLU A 320 -13.21 23.90 9.23
N PHE A 321 -14.24 23.14 8.88
CA PHE A 321 -15.59 23.67 8.85
C PHE A 321 -16.59 22.78 9.56
N LYS A 322 -16.11 22.02 10.55
CA LYS A 322 -16.97 21.14 11.31
C LYS A 322 -18.07 21.92 12.02
N ASP A 323 -17.75 23.15 12.43
CA ASP A 323 -18.69 23.99 13.17
C ASP A 323 -19.66 24.73 12.27
N SER A 324 -19.17 25.23 11.14
CA SER A 324 -20.00 26.00 10.22
C SER A 324 -21.09 25.14 9.59
N LEU A 325 -22.30 25.67 9.51
CA LEU A 325 -23.43 24.93 8.96
C LEU A 325 -23.84 25.45 7.60
N SER A 326 -23.08 26.39 7.07
CA SER A 326 -23.34 26.92 5.73
C SER A 326 -22.19 27.77 5.23
N ILE A 327 -21.81 27.56 3.97
CA ILE A 327 -20.82 28.42 3.34
C ILE A 327 -21.29 29.86 3.49
N ASN A 328 -20.44 30.70 4.07
CA ASN A 328 -20.81 32.07 4.39
C ASN A 328 -19.73 33.08 4.03
N ALA A 329 -20.00 34.35 4.33
CA ALA A 329 -19.07 35.42 4.01
C ALA A 329 -17.69 35.18 4.59
N THR A 330 -17.64 34.50 5.73
CA THR A 330 -16.37 34.22 6.39
C THR A 330 -15.58 33.11 5.73
N ASN A 331 -16.12 31.90 5.79
CA ASN A 331 -15.41 30.69 5.35
C ASN A 331 -15.26 30.56 3.82
N ILE A 332 -15.94 31.40 3.08
CA ILE A 332 -15.95 31.30 1.62
C ILE A 332 -14.57 31.60 1.02
N LYS A 333 -13.66 32.15 1.81
CA LYS A 333 -12.31 32.45 1.35
C LYS A 333 -11.59 31.17 0.96
N HIS A 334 -11.90 30.08 1.65
CA HIS A 334 -11.19 28.82 1.47
C HIS A 334 -11.78 27.96 0.36
N PHE A 335 -12.54 28.59 -0.53
CA PHE A 335 -13.10 27.87 -1.68
C PHE A 335 -12.71 28.55 -2.98
N LYS A 336 -11.65 29.35 -2.93
CA LYS A 336 -11.24 30.16 -4.07
C LYS A 336 -11.04 29.32 -5.33
N ASN A 337 -9.90 28.65 -5.43
CA ASN A 337 -9.60 27.85 -6.61
C ASN A 337 -9.82 26.35 -6.38
N CYS A 338 -11.06 25.98 -6.09
CA CYS A 338 -11.39 24.57 -5.89
C CYS A 338 -11.94 23.95 -7.16
N THR A 339 -11.56 22.71 -7.42
CA THR A 339 -12.10 21.97 -8.55
C THR A 339 -12.78 20.71 -8.06
N SER A 340 -12.66 20.46 -6.76
CA SER A 340 -13.22 19.26 -6.16
C SER A 340 -13.44 19.46 -4.67
N ILE A 341 -14.69 19.68 -4.27
CA ILE A 341 -15.02 19.79 -2.86
C ILE A 341 -15.04 18.39 -2.26
N SER A 342 -14.16 18.16 -1.29
CA SER A 342 -14.07 16.85 -0.64
C SER A 342 -14.95 16.79 0.59
N GLY A 343 -16.25 16.91 0.37
CA GLY A 343 -17.22 16.90 1.46
C GLY A 343 -18.60 17.31 0.97
N ASP A 344 -19.26 18.16 1.75
CA ASP A 344 -20.61 18.61 1.39
C ASP A 344 -20.64 20.12 1.20
N LEU A 345 -21.67 20.60 0.50
CA LEU A 345 -21.89 22.03 0.35
C LEU A 345 -23.25 22.44 0.88
N HIS A 346 -23.26 23.34 1.85
CA HIS A 346 -24.50 23.84 2.44
C HIS A 346 -24.70 25.31 2.11
N ILE A 347 -25.65 25.60 1.22
CA ILE A 347 -26.02 26.97 0.95
C ILE A 347 -27.37 27.25 1.61
N LEU A 348 -27.32 27.88 2.78
CA LEU A 348 -28.52 28.10 3.60
C LEU A 348 -28.92 29.57 3.66
N PRO A 349 -30.18 29.83 4.02
CA PRO A 349 -30.69 31.20 4.14
C PRO A 349 -29.82 32.06 5.03
N VAL A 350 -29.55 31.57 6.25
CA VAL A 350 -28.79 32.31 7.24
C VAL A 350 -27.48 32.86 6.68
N ALA A 351 -26.94 32.19 5.68
CA ALA A 351 -25.68 32.61 5.08
C ALA A 351 -25.83 33.94 4.33
N PHE A 352 -27.03 34.20 3.83
CA PHE A 352 -27.27 35.40 3.03
C PHE A 352 -27.67 36.61 3.86
N ARG A 353 -28.53 36.42 4.85
CA ARG A 353 -28.95 37.53 5.70
C ARG A 353 -27.98 37.72 6.85
N GLY A 354 -26.95 36.88 6.91
CA GLY A 354 -25.95 36.97 7.95
C GLY A 354 -26.44 36.42 9.27
N ASP A 355 -25.54 35.77 10.01
CA ASP A 355 -25.90 35.20 11.30
C ASP A 355 -25.28 35.99 12.44
N SER A 356 -26.12 36.47 13.35
CA SER A 356 -25.65 37.24 14.50
C SER A 356 -25.10 36.31 15.57
N PHE A 357 -25.65 35.11 15.63
CA PHE A 357 -25.25 34.14 16.64
C PHE A 357 -23.81 33.69 16.47
N THR A 358 -23.41 33.44 15.22
CA THR A 358 -22.06 33.00 14.92
C THR A 358 -21.17 34.17 14.51
N HIS A 359 -21.69 35.39 14.63
CA HIS A 359 -20.94 36.59 14.29
C HIS A 359 -20.39 36.55 12.87
N THR A 360 -21.27 36.32 11.90
CA THR A 360 -20.85 36.30 10.50
C THR A 360 -21.70 37.23 9.65
N PRO A 361 -21.04 38.18 8.97
CA PRO A 361 -21.70 39.15 8.09
C PRO A 361 -22.42 38.47 6.94
N PRO A 362 -23.43 39.12 6.37
CA PRO A 362 -24.20 38.58 5.24
C PRO A 362 -23.29 38.30 4.04
N LEU A 363 -23.56 37.21 3.34
CA LEU A 363 -22.76 36.81 2.19
C LEU A 363 -23.08 37.67 0.97
N ASP A 364 -22.04 38.22 0.34
CA ASP A 364 -22.20 38.99 -0.88
C ASP A 364 -22.50 38.04 -2.04
N PRO A 365 -23.72 38.11 -2.60
CA PRO A 365 -24.16 37.25 -3.68
C PRO A 365 -23.17 37.24 -4.84
N GLN A 366 -22.48 38.35 -5.05
CA GLN A 366 -21.51 38.47 -6.12
C GLN A 366 -20.35 37.50 -5.94
N GLU A 367 -20.21 36.96 -4.72
CA GLU A 367 -19.07 36.11 -4.40
C GLU A 367 -19.35 34.61 -4.54
N LEU A 368 -20.57 34.27 -4.91
CA LEU A 368 -20.90 32.86 -5.18
C LEU A 368 -20.25 32.41 -6.48
N ASP A 369 -19.79 33.37 -7.27
CA ASP A 369 -19.11 33.06 -8.53
C ASP A 369 -17.80 32.33 -8.25
N ILE A 370 -17.37 32.35 -7.00
CA ILE A 370 -16.16 31.64 -6.59
C ILE A 370 -16.27 30.16 -6.93
N LEU A 371 -17.46 29.61 -6.74
CA LEU A 371 -17.71 28.19 -6.94
C LEU A 371 -17.70 27.78 -8.41
N LYS A 372 -17.65 28.76 -9.30
CA LYS A 372 -17.68 28.46 -10.74
C LYS A 372 -16.50 27.60 -11.17
N THR A 373 -15.58 27.37 -10.24
CA THR A 373 -14.43 26.53 -10.52
C THR A 373 -14.65 25.11 -10.03
N VAL A 374 -15.63 24.94 -9.15
CA VAL A 374 -15.95 23.64 -8.59
C VAL A 374 -16.40 22.69 -9.68
N LYS A 375 -15.81 21.50 -9.71
CA LYS A 375 -16.09 20.53 -10.76
C LYS A 375 -16.83 19.32 -10.22
N GLU A 376 -16.38 18.81 -9.09
CA GLU A 376 -17.01 17.63 -8.48
C GLU A 376 -17.16 17.76 -6.97
N ILE A 377 -18.16 17.07 -6.42
CA ILE A 377 -18.43 17.09 -5.00
C ILE A 377 -18.54 15.67 -4.46
N THR A 378 -17.56 15.26 -3.66
CA THR A 378 -17.51 13.89 -3.16
C THR A 378 -18.72 13.53 -2.31
N GLY A 379 -19.33 14.54 -1.69
CA GLY A 379 -20.48 14.33 -0.84
C GLY A 379 -21.79 14.76 -1.47
N PHE A 380 -22.59 15.52 -0.72
CA PHE A 380 -23.88 15.98 -1.22
C PHE A 380 -23.93 17.49 -1.39
N LEU A 381 -24.91 17.96 -2.17
CA LEU A 381 -25.12 19.37 -2.38
C LEU A 381 -26.49 19.78 -1.85
N LEU A 382 -26.51 20.59 -0.81
CA LEU A 382 -27.74 21.09 -0.22
C LEU A 382 -27.88 22.59 -0.43
N ILE A 383 -28.98 22.99 -1.06
CA ILE A 383 -29.23 24.40 -1.31
C ILE A 383 -30.65 24.79 -0.90
N GLN A 384 -30.79 25.31 0.31
CA GLN A 384 -32.09 25.70 0.84
C GLN A 384 -32.36 27.18 0.60
N ALA A 385 -31.36 27.87 0.06
CA ALA A 385 -31.49 29.30 -0.22
C ALA A 385 -30.60 29.70 -1.40
N TRP A 386 -30.89 30.84 -2.00
CA TRP A 386 -30.16 31.30 -3.17
C TRP A 386 -30.56 32.73 -3.50
N PRO A 387 -29.59 33.52 -4.01
CA PRO A 387 -29.83 34.92 -4.39
C PRO A 387 -31.10 35.08 -5.21
N GLU A 388 -31.97 35.98 -4.79
CA GLU A 388 -33.26 36.19 -5.44
C GLU A 388 -33.11 36.83 -6.82
N ASN A 389 -32.20 37.80 -6.91
CA ASN A 389 -31.95 38.47 -8.18
C ASN A 389 -31.43 37.50 -9.23
N ARG A 390 -30.86 36.39 -8.78
CA ARG A 390 -30.37 35.37 -9.69
C ARG A 390 -31.47 34.38 -10.04
N THR A 391 -31.58 34.08 -11.34
CA THR A 391 -32.61 33.18 -11.83
C THR A 391 -32.08 31.76 -12.01
N ASP A 392 -30.76 31.62 -11.92
CA ASP A 392 -30.10 30.37 -12.25
C ASP A 392 -29.14 29.97 -11.12
N LEU A 393 -28.88 28.67 -10.99
CA LEU A 393 -27.84 28.20 -10.08
C LEU A 393 -26.48 28.35 -10.75
N HIS A 394 -26.15 29.59 -11.09
CA HIS A 394 -24.95 29.90 -11.87
C HIS A 394 -23.65 29.34 -11.27
N ALA A 395 -23.46 29.56 -9.97
CA ALA A 395 -22.22 29.15 -9.30
C ALA A 395 -21.82 27.72 -9.68
N PHE A 396 -22.80 26.84 -9.80
CA PHE A 396 -22.53 25.44 -10.12
C PHE A 396 -22.76 25.17 -11.60
N GLU A 397 -22.38 26.14 -12.42
CA GLU A 397 -22.53 26.03 -13.87
C GLU A 397 -21.63 24.95 -14.45
N ASN A 398 -20.51 24.69 -13.79
CA ASN A 398 -19.54 23.72 -14.29
C ASN A 398 -19.42 22.47 -13.42
N LEU A 399 -20.41 22.26 -12.55
CA LEU A 399 -20.44 21.07 -11.71
C LEU A 399 -20.74 19.85 -12.58
N GLU A 400 -19.80 18.90 -12.60
CA GLU A 400 -19.93 17.72 -13.45
C GLU A 400 -20.43 16.49 -12.71
N ILE A 401 -19.90 16.26 -11.51
CA ILE A 401 -20.21 15.03 -10.78
C ILE A 401 -20.51 15.25 -9.31
N ILE A 402 -21.52 14.54 -8.81
CA ILE A 402 -21.81 14.50 -7.38
C ILE A 402 -21.73 13.04 -6.91
N ARG A 403 -20.66 12.72 -6.21
CA ARG A 403 -20.40 11.34 -5.79
C ARG A 403 -21.39 10.84 -4.76
N GLY A 404 -21.84 11.73 -3.87
CA GLY A 404 -22.77 11.36 -2.83
C GLY A 404 -22.22 10.30 -1.90
N ARG A 405 -20.93 10.38 -1.60
CA ARG A 405 -20.32 9.48 -0.63
C ARG A 405 -20.94 9.75 0.74
N THR A 406 -21.48 10.95 0.90
CA THR A 406 -22.31 11.29 2.05
C THR A 406 -23.57 11.99 1.57
N LYS A 407 -24.68 11.70 2.23
CA LYS A 407 -25.97 12.28 1.85
C LYS A 407 -26.60 12.90 3.09
N GLN A 408 -27.44 13.92 2.90
CA GLN A 408 -28.11 14.50 4.06
C GLN A 408 -29.23 13.58 4.52
N HIS A 409 -29.39 13.49 5.85
CA HIS A 409 -30.29 12.50 6.44
C HIS A 409 -29.88 11.11 5.99
N GLY A 410 -28.77 11.04 5.27
CA GLY A 410 -28.24 9.78 4.78
C GLY A 410 -28.91 9.30 3.51
N GLN A 411 -29.73 10.15 2.90
CA GLN A 411 -30.52 9.73 1.75
C GLN A 411 -30.31 10.58 0.50
N PHE A 412 -30.28 11.90 0.66
CA PHE A 412 -30.24 12.80 -0.49
C PHE A 412 -28.86 13.35 -0.79
N SER A 413 -28.44 13.21 -2.04
CA SER A 413 -27.15 13.71 -2.50
C SER A 413 -27.31 15.06 -3.22
N LEU A 414 -28.50 15.33 -3.71
CA LEU A 414 -28.81 16.63 -4.30
C LEU A 414 -30.17 17.12 -3.81
N ALA A 415 -30.16 18.29 -3.18
CA ALA A 415 -31.39 18.84 -2.62
C ALA A 415 -31.52 20.32 -2.93
N VAL A 416 -32.35 20.64 -3.92
CA VAL A 416 -32.65 22.02 -4.27
C VAL A 416 -34.09 22.30 -3.91
N VAL A 417 -34.31 22.85 -2.72
CA VAL A 417 -35.66 23.06 -2.22
C VAL A 417 -35.90 24.49 -1.76
N SER A 418 -37.16 24.92 -1.81
CA SER A 418 -37.59 26.21 -1.29
C SER A 418 -36.88 27.38 -1.96
N LEU A 419 -36.49 27.21 -3.21
CA LEU A 419 -35.80 28.27 -3.94
C LEU A 419 -36.78 29.12 -4.75
N ASN A 420 -36.23 30.09 -5.48
CA ASN A 420 -37.03 31.00 -6.29
C ASN A 420 -36.58 31.03 -7.73
N ILE A 421 -35.58 30.22 -8.06
CA ILE A 421 -35.04 30.17 -9.41
C ILE A 421 -36.09 29.71 -10.41
N THR A 422 -35.87 30.03 -11.68
CA THR A 422 -36.79 29.61 -12.74
C THR A 422 -36.20 28.46 -13.54
N SER A 423 -34.90 28.24 -13.36
CA SER A 423 -34.21 27.16 -14.05
C SER A 423 -33.04 26.65 -13.21
N LEU A 424 -32.81 25.35 -13.25
CA LEU A 424 -31.71 24.75 -12.50
C LEU A 424 -30.36 25.28 -12.99
N GLY A 425 -30.04 24.97 -14.24
CA GLY A 425 -28.83 25.49 -14.86
C GLY A 425 -27.58 24.66 -14.64
N LEU A 426 -27.75 23.42 -14.19
CA LEU A 426 -26.64 22.51 -13.99
C LEU A 426 -26.31 21.82 -15.30
N ARG A 427 -26.04 22.62 -16.33
CA ARG A 427 -25.84 22.12 -17.69
C ARG A 427 -24.57 21.28 -17.83
N SER A 428 -23.84 21.08 -16.74
CA SER A 428 -22.61 20.31 -16.79
C SER A 428 -22.72 19.04 -15.96
N LEU A 429 -23.81 18.92 -15.20
CA LEU A 429 -24.06 17.75 -14.37
C LEU A 429 -24.22 16.51 -15.24
N LYS A 430 -23.25 15.61 -15.17
CA LYS A 430 -23.26 14.41 -16.00
C LYS A 430 -23.32 13.14 -15.18
N GLU A 431 -23.29 13.27 -13.86
CA GLU A 431 -23.28 12.09 -13.00
C GLU A 431 -23.60 12.38 -11.54
N ILE A 432 -24.55 11.62 -10.99
CA ILE A 432 -24.82 11.61 -9.56
C ILE A 432 -24.66 10.18 -9.05
N SER A 433 -23.42 9.86 -8.69
CA SER A 433 -23.03 8.48 -8.38
C SER A 433 -23.94 7.74 -7.40
N ASP A 434 -24.44 8.43 -6.40
CA ASP A 434 -25.29 7.81 -5.39
C ASP A 434 -26.14 8.84 -4.66
N GLY A 435 -27.21 8.38 -4.02
CA GLY A 435 -28.09 9.25 -3.27
C GLY A 435 -29.28 9.73 -4.08
N ASP A 436 -30.41 9.92 -3.41
CA ASP A 436 -31.61 10.41 -4.09
C ASP A 436 -31.53 11.90 -4.39
N VAL A 437 -32.36 12.34 -5.33
CA VAL A 437 -32.40 13.75 -5.71
C VAL A 437 -33.77 14.33 -5.40
N ILE A 438 -33.79 15.34 -4.52
CA ILE A 438 -35.04 16.02 -4.20
C ILE A 438 -35.01 17.47 -4.67
N ILE A 439 -35.98 17.82 -5.51
CA ILE A 439 -36.09 19.18 -6.03
C ILE A 439 -37.56 19.62 -5.94
N SER A 440 -37.90 20.32 -4.87
CA SER A 440 -39.29 20.71 -4.63
C SER A 440 -39.42 22.08 -3.98
N GLY A 441 -40.66 22.54 -3.84
CA GLY A 441 -40.94 23.80 -3.20
C GLY A 441 -40.38 25.00 -3.93
N ASN A 442 -40.07 24.81 -5.21
CA ASN A 442 -39.51 25.90 -6.03
C ASN A 442 -40.61 26.55 -6.88
N LYS A 443 -41.29 27.53 -6.29
CA LYS A 443 -42.46 28.15 -6.91
C LYS A 443 -42.45 28.13 -8.43
N ASN A 444 -41.59 28.95 -9.02
CA ASN A 444 -41.54 29.10 -10.47
C ASN A 444 -40.32 28.44 -11.11
N LEU A 445 -40.22 27.13 -10.97
CA LEU A 445 -39.11 26.38 -11.54
C LEU A 445 -39.58 25.38 -12.59
N CYS A 446 -39.08 25.52 -13.81
CA CYS A 446 -39.45 24.64 -14.91
C CYS A 446 -38.32 23.71 -15.30
N TYR A 447 -38.56 22.89 -16.32
CA TYR A 447 -37.53 21.99 -16.86
C TYR A 447 -37.13 20.90 -15.88
N ALA A 448 -37.50 21.05 -14.62
CA ALA A 448 -37.06 20.12 -13.58
C ALA A 448 -37.52 18.69 -13.81
N ASN A 449 -38.75 18.53 -14.30
CA ASN A 449 -39.32 17.22 -14.53
C ASN A 449 -39.02 16.67 -15.93
N THR A 450 -38.01 17.22 -16.57
CA THR A 450 -37.66 16.82 -17.93
C THR A 450 -36.36 16.03 -17.98
N ILE A 451 -35.58 16.09 -16.91
CA ILE A 451 -34.28 15.43 -16.87
C ILE A 451 -34.42 13.92 -16.77
N ASN A 452 -33.69 13.20 -17.62
CA ASN A 452 -33.60 11.75 -17.51
C ASN A 452 -32.62 11.39 -16.41
N TRP A 453 -33.08 11.45 -15.17
CA TRP A 453 -32.22 11.17 -14.03
C TRP A 453 -31.64 9.76 -14.10
N LYS A 454 -32.38 8.86 -14.76
CA LYS A 454 -31.96 7.47 -14.88
C LYS A 454 -30.63 7.35 -15.61
N LYS A 455 -30.17 8.47 -16.15
CA LYS A 455 -28.91 8.51 -16.89
C LYS A 455 -27.74 8.98 -16.00
N LEU A 456 -28.04 9.89 -15.08
CA LEU A 456 -27.02 10.43 -14.19
C LEU A 456 -26.73 9.48 -13.03
N PHE A 457 -27.74 8.71 -12.62
CA PHE A 457 -27.58 7.79 -11.50
C PHE A 457 -26.58 6.69 -11.84
N GLY A 458 -26.13 5.98 -10.82
CA GLY A 458 -25.18 4.89 -11.00
C GLY A 458 -25.25 3.85 -9.90
N THR A 459 -26.40 3.79 -9.22
CA THR A 459 -26.59 2.85 -8.13
C THR A 459 -28.05 2.44 -8.00
N SER A 460 -28.29 1.21 -7.54
CA SER A 460 -29.63 0.70 -7.35
C SER A 460 -30.41 1.54 -6.35
N GLY A 461 -31.65 1.86 -6.68
CA GLY A 461 -32.57 2.46 -5.73
C GLY A 461 -32.57 3.98 -5.71
N GLN A 462 -31.76 4.60 -6.56
CA GLN A 462 -31.74 6.06 -6.61
C GLN A 462 -33.09 6.60 -7.07
N LYS A 463 -33.78 7.30 -6.17
CA LYS A 463 -35.09 7.87 -6.44
C LYS A 463 -34.99 9.36 -6.72
N THR A 464 -36.11 9.95 -7.14
CA THR A 464 -36.15 11.38 -7.45
C THR A 464 -37.44 12.02 -6.93
N LYS A 465 -37.29 12.90 -5.95
CA LYS A 465 -38.44 13.55 -5.32
C LYS A 465 -38.60 14.97 -5.84
N ILE A 466 -39.36 15.13 -6.91
CA ILE A 466 -39.60 16.44 -7.51
C ILE A 466 -41.08 16.79 -7.47
N ILE A 467 -41.47 17.61 -6.50
CA ILE A 467 -42.87 18.00 -6.35
C ILE A 467 -43.02 19.48 -6.06
N SER A 468 -44.27 19.94 -6.03
CA SER A 468 -44.59 21.32 -5.70
C SER A 468 -43.65 22.34 -6.35
N ASN A 469 -43.58 22.31 -7.68
CA ASN A 469 -42.82 23.29 -8.43
C ASN A 469 -43.74 24.07 -9.37
N ARG A 470 -43.17 24.59 -10.45
CA ARG A 470 -43.96 25.24 -11.48
C ARG A 470 -44.72 24.17 -12.25
N GLY A 471 -46.03 24.35 -12.39
CA GLY A 471 -46.85 23.39 -13.10
C GLY A 471 -46.30 23.09 -14.49
N GLU A 472 -46.30 21.81 -14.86
CA GLU A 472 -45.83 21.40 -16.18
C GLU A 472 -46.67 22.06 -17.27
N ASN A 473 -47.98 22.08 -17.07
CA ASN A 473 -48.90 22.71 -18.01
C ASN A 473 -48.64 24.21 -18.12
N SER A 474 -48.22 24.81 -17.00
CA SER A 474 -47.91 26.23 -16.97
C SER A 474 -46.60 26.52 -17.68
N CYS A 475 -45.62 25.65 -17.51
CA CYS A 475 -44.33 25.80 -18.16
C CYS A 475 -44.48 25.80 -19.68
N LYS A 476 -45.24 24.84 -20.20
CA LYS A 476 -45.45 24.75 -21.64
C LYS A 476 -46.31 25.90 -22.14
N ALA A 477 -47.13 26.44 -21.24
CA ALA A 477 -48.00 27.56 -21.57
C ALA A 477 -47.19 28.83 -21.87
N THR A 478 -46.25 29.15 -20.98
CA THR A 478 -45.42 30.33 -21.14
C THR A 478 -44.21 30.01 -22.02
N GLY A 479 -44.33 28.97 -22.83
CA GLY A 479 -43.29 28.59 -23.76
C GLY A 479 -41.93 28.34 -23.11
N GLN A 480 -41.94 27.98 -21.83
CA GLN A 480 -40.72 27.68 -21.12
C GLN A 480 -40.45 26.18 -21.11
N VAL A 481 -40.21 25.62 -22.29
CA VAL A 481 -39.93 24.20 -22.42
C VAL A 481 -38.53 23.96 -22.97
N CYS A 482 -38.22 22.71 -23.26
CA CYS A 482 -36.90 22.35 -23.79
C CYS A 482 -36.73 22.82 -25.24
N HIS A 483 -35.55 23.33 -25.55
CA HIS A 483 -35.25 23.80 -26.90
C HIS A 483 -35.46 22.69 -27.93
N ALA A 484 -35.75 23.09 -29.16
CA ALA A 484 -36.03 22.13 -30.23
C ALA A 484 -34.83 21.23 -30.52
N LEU A 485 -33.63 21.71 -30.19
CA LEU A 485 -32.42 20.93 -30.42
C LEU A 485 -32.15 19.97 -29.28
N CYS A 486 -32.94 20.06 -28.22
CA CYS A 486 -32.78 19.19 -27.05
C CYS A 486 -33.35 17.81 -27.30
N SER A 487 -32.52 16.79 -27.13
CA SER A 487 -32.95 15.40 -27.22
C SER A 487 -33.93 15.10 -26.08
N PRO A 488 -34.78 14.08 -26.26
CA PRO A 488 -35.72 13.65 -25.23
C PRO A 488 -35.07 13.42 -23.87
N GLU A 489 -33.73 13.41 -23.85
CA GLU A 489 -32.98 13.20 -22.61
C GLU A 489 -33.34 14.26 -21.56
N GLY A 490 -33.84 15.40 -22.01
CA GLY A 490 -34.23 16.47 -21.12
C GLY A 490 -33.43 17.75 -21.32
N CYS A 491 -33.66 18.74 -20.46
CA CYS A 491 -32.95 20.00 -20.57
C CYS A 491 -32.80 20.69 -19.21
N TRP A 492 -31.64 21.31 -19.00
CA TRP A 492 -31.37 22.03 -17.76
C TRP A 492 -31.81 23.49 -17.85
N GLY A 493 -32.43 23.85 -18.96
CA GLY A 493 -32.88 25.21 -19.18
C GLY A 493 -33.45 25.39 -20.58
N PRO A 494 -33.77 26.64 -20.92
CA PRO A 494 -34.41 26.99 -22.20
C PRO A 494 -33.40 27.01 -23.34
N GLU A 495 -32.19 27.47 -23.04
CA GLU A 495 -31.15 27.66 -24.04
C GLU A 495 -30.65 26.35 -24.64
N PRO A 496 -30.12 26.41 -25.88
CA PRO A 496 -29.56 25.24 -26.56
C PRO A 496 -28.30 24.70 -25.88
N ARG A 497 -27.78 25.46 -24.93
CA ARG A 497 -26.59 25.04 -24.18
C ARG A 497 -26.98 24.24 -22.95
N ASP A 498 -28.28 24.20 -22.66
CA ASP A 498 -28.79 23.57 -21.45
C ASP A 498 -29.26 22.14 -21.69
N CYS A 499 -29.02 21.61 -22.88
CA CYS A 499 -29.45 20.27 -23.22
C CYS A 499 -28.65 19.19 -22.48
N VAL A 500 -29.33 18.14 -22.05
CA VAL A 500 -28.67 17.00 -21.44
C VAL A 500 -27.91 16.22 -22.50
N SER A 501 -28.62 15.87 -23.57
CA SER A 501 -28.00 15.25 -24.73
C SER A 501 -28.49 15.97 -25.98
N CYS A 502 -27.67 15.99 -27.02
CA CYS A 502 -28.00 16.74 -28.23
C CYS A 502 -28.83 15.92 -29.22
N ARG A 503 -29.65 16.60 -29.99
CA ARG A 503 -30.44 15.96 -31.04
C ARG A 503 -29.54 15.47 -32.16
N ASN A 504 -28.96 16.41 -32.89
CA ASN A 504 -28.09 16.07 -34.02
C ASN A 504 -26.61 16.06 -33.63
N VAL A 505 -26.00 17.23 -33.60
CA VAL A 505 -24.59 17.36 -33.24
C VAL A 505 -24.37 18.46 -32.21
N SER A 506 -23.11 18.79 -31.96
CA SER A 506 -22.76 19.76 -30.92
C SER A 506 -21.48 20.53 -31.21
N ARG A 507 -21.52 21.83 -30.96
CA ARG A 507 -20.35 22.70 -31.11
C ARG A 507 -19.71 22.93 -29.74
N GLY A 508 -18.87 22.01 -29.31
CA GLY A 508 -18.20 22.13 -28.03
C GLY A 508 -19.13 21.90 -26.87
N ARG A 509 -19.73 22.98 -26.37
CA ARG A 509 -20.64 22.90 -25.23
C ARG A 509 -22.04 23.37 -25.58
N GLU A 510 -22.38 23.34 -26.85
CA GLU A 510 -23.69 23.77 -27.32
C GLU A 510 -24.27 22.82 -28.36
N CYS A 511 -25.56 22.53 -28.25
CA CYS A 511 -26.26 21.70 -29.22
C CYS A 511 -26.68 22.52 -30.42
N VAL A 512 -26.52 21.95 -31.61
CA VAL A 512 -26.90 22.63 -32.85
C VAL A 512 -27.76 21.74 -33.74
N ASP A 513 -27.97 22.17 -34.98
CA ASP A 513 -28.83 21.44 -35.90
C ASP A 513 -28.06 20.70 -36.98
N LYS A 514 -26.80 21.10 -37.19
CA LYS A 514 -25.95 20.45 -38.18
C LYS A 514 -24.57 21.09 -38.25
N CYS A 515 -23.58 20.30 -38.63
CA CYS A 515 -22.22 20.79 -38.77
C CYS A 515 -22.07 21.55 -40.09
N LYS A 516 -21.11 22.46 -40.14
CA LYS A 516 -20.85 23.24 -41.35
C LYS A 516 -19.94 22.48 -42.30
N LEU A 517 -20.52 21.57 -43.07
CA LEU A 517 -19.78 20.75 -44.01
C LEU A 517 -19.68 21.36 -45.41
N LEU A 518 -20.84 21.68 -45.99
CA LEU A 518 -20.89 22.23 -47.34
C LEU A 518 -20.76 23.75 -47.32
N GLU A 519 -21.36 24.38 -46.31
CA GLU A 519 -21.30 25.84 -46.18
C GLU A 519 -20.78 26.25 -44.81
N GLY A 520 -21.18 27.42 -44.35
CA GLY A 520 -20.70 27.95 -43.09
C GLY A 520 -19.27 28.46 -43.24
N GLU A 521 -18.94 29.52 -42.52
CA GLU A 521 -17.62 30.14 -42.63
C GLU A 521 -16.49 29.17 -42.23
N PRO A 522 -16.46 28.73 -40.97
CA PRO A 522 -15.45 27.74 -40.58
C PRO A 522 -15.88 26.33 -40.99
N ARG A 523 -15.08 25.68 -41.82
CA ARG A 523 -15.40 24.33 -42.27
C ARG A 523 -15.15 23.31 -41.17
N GLU A 524 -16.05 22.33 -41.05
CA GLU A 524 -15.95 21.33 -40.00
C GLU A 524 -16.18 19.92 -40.52
N PHE A 525 -16.00 18.93 -39.64
CA PHE A 525 -16.27 17.53 -39.97
C PHE A 525 -17.01 16.89 -38.80
N VAL A 526 -17.67 15.76 -39.07
CA VAL A 526 -18.52 15.13 -38.06
C VAL A 526 -17.96 13.81 -37.54
N GLU A 527 -17.68 13.76 -36.25
CA GLU A 527 -17.29 12.52 -35.58
C GLU A 527 -17.78 12.51 -34.13
N ASN A 528 -18.61 11.53 -33.80
CA ASN A 528 -19.21 11.44 -32.47
C ASN A 528 -20.14 12.60 -32.19
N SER A 529 -20.95 12.96 -33.18
CA SER A 529 -21.91 14.06 -33.04
C SER A 529 -21.24 15.35 -32.59
N GLU A 530 -19.94 15.48 -32.86
CA GLU A 530 -19.21 16.68 -32.51
C GLU A 530 -18.65 17.38 -33.74
N CYS A 531 -18.71 18.71 -33.74
CA CYS A 531 -18.22 19.50 -34.86
C CYS A 531 -16.85 20.09 -34.55
N ILE A 532 -15.85 19.66 -35.31
CA ILE A 532 -14.49 20.18 -35.16
C ILE A 532 -14.03 20.81 -36.47
N GLN A 533 -13.46 22.01 -36.39
CA GLN A 533 -13.00 22.72 -37.57
C GLN A 533 -11.77 22.07 -38.19
N CYS A 534 -11.78 21.94 -39.51
CA CYS A 534 -10.64 21.39 -40.23
C CYS A 534 -9.47 22.36 -40.12
N HIS A 535 -8.28 21.90 -40.48
CA HIS A 535 -7.10 22.77 -40.48
C HIS A 535 -7.32 23.92 -41.46
N PRO A 536 -7.03 25.15 -41.02
CA PRO A 536 -7.26 26.36 -41.82
C PRO A 536 -6.68 26.25 -43.22
N GLU A 537 -5.70 25.37 -43.40
CA GLU A 537 -5.07 25.19 -44.71
C GLU A 537 -5.94 24.39 -45.67
N CYS A 538 -7.20 24.19 -45.30
CA CYS A 538 -8.15 23.51 -46.17
C CYS A 538 -8.94 24.51 -46.98
N LEU A 539 -9.13 24.21 -48.27
CA LEU A 539 -9.84 25.11 -49.17
C LEU A 539 -11.34 24.85 -49.14
N PRO A 540 -12.12 25.88 -48.75
CA PRO A 540 -13.57 25.81 -48.66
C PRO A 540 -14.21 25.31 -49.96
N GLN A 541 -14.59 24.05 -50.00
CA GLN A 541 -15.21 23.46 -51.17
C GLN A 541 -16.69 23.85 -51.27
N ALA A 542 -17.03 24.56 -52.34
CA ALA A 542 -18.41 24.98 -52.55
C ALA A 542 -19.29 23.83 -53.02
N MET A 543 -18.65 22.72 -53.37
CA MET A 543 -19.36 21.54 -53.84
C MET A 543 -19.47 20.49 -52.74
N ASN A 544 -18.50 19.58 -52.70
CA ASN A 544 -18.51 18.51 -51.70
C ASN A 544 -18.00 19.01 -50.34
N ILE A 545 -17.65 18.06 -49.47
CA ILE A 545 -17.16 18.40 -48.13
C ILE A 545 -15.80 19.11 -48.21
N THR A 546 -15.23 19.41 -47.05
CA THR A 546 -13.98 20.14 -46.99
C THR A 546 -12.80 19.26 -46.54
N CYS A 547 -12.99 18.53 -45.45
CA CYS A 547 -11.95 17.65 -44.94
C CYS A 547 -12.53 16.45 -44.19
N THR A 548 -11.66 15.55 -43.76
CA THR A 548 -12.07 14.36 -43.04
C THR A 548 -11.19 14.12 -41.82
N GLY A 549 -10.89 15.19 -41.09
CA GLY A 549 -10.06 15.09 -39.90
C GLY A 549 -9.62 16.45 -39.39
N ARG A 550 -8.87 16.46 -38.30
CA ARG A 550 -8.39 17.70 -37.70
C ARG A 550 -7.12 18.19 -38.38
N GLY A 551 -6.14 17.31 -38.51
CA GLY A 551 -4.87 17.65 -39.13
C GLY A 551 -4.98 17.88 -40.63
N PRO A 552 -4.06 18.67 -41.19
CA PRO A 552 -4.02 19.00 -42.63
C PRO A 552 -3.88 17.76 -43.50
N ASP A 553 -3.66 16.61 -42.88
CA ASP A 553 -3.48 15.36 -43.60
C ASP A 553 -4.78 14.91 -44.26
N ASN A 554 -5.88 15.57 -43.91
CA ASN A 554 -7.20 15.15 -44.38
C ASN A 554 -7.90 16.22 -45.21
N CYS A 555 -7.13 17.11 -45.83
CA CYS A 555 -7.70 18.16 -46.66
C CYS A 555 -7.90 17.70 -48.09
N ILE A 556 -9.02 18.07 -48.69
CA ILE A 556 -9.29 17.73 -50.08
C ILE A 556 -8.42 18.56 -51.01
N GLN A 557 -8.08 19.77 -50.56
CA GLN A 557 -7.21 20.66 -51.32
C GLN A 557 -6.68 21.79 -50.44
N CYS A 558 -5.42 22.12 -50.59
CA CYS A 558 -4.78 23.15 -49.77
C CYS A 558 -5.15 24.56 -50.24
N ALA A 559 -5.14 25.50 -49.30
CA ALA A 559 -5.44 26.90 -49.62
C ALA A 559 -4.21 27.60 -50.15
N HIS A 560 -3.03 27.10 -49.78
CA HIS A 560 -1.77 27.65 -50.23
C HIS A 560 -0.88 26.57 -50.85
N TYR A 561 0.21 26.26 -50.16
CA TYR A 561 1.18 25.29 -50.65
C TYR A 561 0.99 23.93 -49.99
N ILE A 562 1.75 22.94 -50.45
CA ILE A 562 1.66 21.58 -49.91
C ILE A 562 3.05 20.97 -49.74
N ASP A 563 3.43 20.68 -48.50
CA ASP A 563 4.72 20.09 -48.20
C ASP A 563 4.57 18.61 -47.84
N GLY A 564 4.42 17.77 -48.86
CA GLY A 564 4.21 16.35 -48.65
C GLY A 564 2.78 16.07 -48.24
N PRO A 565 2.60 15.17 -47.25
CA PRO A 565 1.28 14.84 -46.73
C PRO A 565 0.58 16.05 -46.12
N HIS A 566 1.29 16.77 -45.24
CA HIS A 566 0.72 17.92 -44.55
C HIS A 566 0.61 19.14 -45.47
N CYS A 567 -0.49 19.87 -45.35
CA CYS A 567 -0.68 21.10 -46.09
C CYS A 567 -0.19 22.29 -45.25
N VAL A 568 0.76 23.04 -45.79
CA VAL A 568 1.38 24.13 -45.04
C VAL A 568 1.00 25.51 -45.58
N LYS A 569 1.10 26.51 -44.72
CA LYS A 569 0.81 27.89 -45.11
C LYS A 569 1.92 28.45 -45.99
N THR A 570 3.16 28.27 -45.56
CA THR A 570 4.32 28.68 -46.32
C THR A 570 5.44 27.66 -46.20
N CYS A 571 6.06 27.33 -47.32
CA CYS A 571 7.13 26.32 -47.35
C CYS A 571 8.19 26.58 -46.29
N PRO A 572 8.68 25.52 -45.64
CA PRO A 572 9.68 25.61 -44.58
C PRO A 572 10.91 26.42 -45.00
N ALA A 573 11.40 27.26 -44.10
CA ALA A 573 12.57 28.09 -44.39
C ALA A 573 13.40 28.33 -43.13
N GLY A 574 13.99 27.26 -42.60
CA GLY A 574 14.82 27.35 -41.41
C GLY A 574 14.68 26.15 -40.50
N VAL A 575 13.88 25.17 -40.93
CA VAL A 575 13.66 23.96 -40.16
C VAL A 575 14.95 23.16 -40.00
N MET A 576 15.21 22.71 -38.78
CA MET A 576 16.39 21.90 -38.49
C MET A 576 16.33 20.55 -39.21
N GLY A 577 17.44 20.14 -39.80
CA GLY A 577 17.50 18.88 -40.51
C GLY A 577 18.63 17.98 -40.00
N GLU A 578 19.15 17.15 -40.89
CA GLU A 578 20.24 16.24 -40.54
C GLU A 578 21.59 16.90 -40.77
N ASN A 579 22.59 16.46 -40.01
CA ASN A 579 23.94 17.01 -40.11
C ASN A 579 23.98 18.50 -39.77
N ASN A 580 23.01 18.94 -38.97
CA ASN A 580 22.91 20.34 -38.56
C ASN A 580 22.71 21.27 -39.75
N THR A 581 22.26 20.70 -40.87
CA THR A 581 22.04 21.48 -42.08
C THR A 581 20.63 22.06 -42.12
N LEU A 582 20.54 23.37 -42.37
CA LEU A 582 19.26 24.05 -42.45
C LEU A 582 18.48 23.59 -43.68
N VAL A 583 17.15 23.74 -43.63
CA VAL A 583 16.30 23.30 -44.73
C VAL A 583 15.53 24.45 -45.37
N TRP A 584 15.65 24.58 -46.68
CA TRP A 584 14.94 25.61 -47.44
C TRP A 584 14.17 24.98 -48.59
N LYS A 585 12.94 25.42 -48.80
CA LYS A 585 12.11 24.87 -49.86
C LYS A 585 11.44 25.96 -50.69
N TYR A 586 10.98 25.59 -51.88
CA TYR A 586 10.33 26.52 -52.79
C TYR A 586 9.08 25.92 -53.40
N ALA A 587 8.05 26.73 -53.60
CA ALA A 587 6.83 26.29 -54.26
C ALA A 587 6.99 26.36 -55.77
N ASP A 588 6.41 25.39 -56.47
CA ASP A 588 6.54 25.33 -57.92
C ASP A 588 5.18 25.51 -58.61
N ALA A 589 4.90 24.64 -59.58
CA ALA A 589 3.66 24.73 -60.35
C ALA A 589 2.43 24.52 -59.47
N GLY A 590 2.21 23.29 -59.04
CA GLY A 590 1.06 22.96 -58.22
C GLY A 590 1.24 23.33 -56.76
N HIS A 591 1.94 24.44 -56.52
CA HIS A 591 2.18 24.93 -55.16
C HIS A 591 2.83 23.86 -54.28
N VAL A 592 3.51 22.91 -54.90
CA VAL A 592 4.18 21.84 -54.19
C VAL A 592 5.55 22.29 -53.69
N CYS A 593 5.89 21.93 -52.45
CA CYS A 593 7.16 22.33 -51.85
C CYS A 593 8.26 21.32 -52.13
N HIS A 594 9.42 21.82 -52.54
CA HIS A 594 10.57 20.96 -52.84
C HIS A 594 11.85 21.52 -52.22
N LEU A 595 12.77 20.63 -51.86
CA LEU A 595 14.04 21.04 -51.28
C LEU A 595 14.90 21.81 -52.28
N CYS A 596 15.36 22.99 -51.86
CA CYS A 596 16.22 23.81 -52.71
C CYS A 596 17.61 23.19 -52.82
N HIS A 597 18.49 23.85 -53.57
CA HIS A 597 19.87 23.39 -53.71
C HIS A 597 20.61 23.64 -52.40
N PRO A 598 21.34 22.62 -51.91
CA PRO A 598 22.07 22.69 -50.65
C PRO A 598 23.03 23.88 -50.57
N ASN A 599 23.36 24.47 -51.71
CA ASN A 599 24.27 25.61 -51.76
C ASN A 599 23.60 26.90 -51.27
N CYS A 600 22.33 27.07 -51.64
CA CYS A 600 21.59 28.28 -51.28
C CYS A 600 21.39 28.38 -49.77
N THR A 601 22.24 29.18 -49.12
CA THR A 601 22.15 29.40 -47.68
C THR A 601 21.03 30.39 -47.37
N TYR A 602 20.83 31.34 -48.27
CA TYR A 602 19.79 32.35 -48.12
C TYR A 602 18.48 31.85 -48.73
N GLY A 603 18.40 30.55 -48.96
CA GLY A 603 17.24 29.95 -49.60
C GLY A 603 17.26 30.15 -51.10
N CYS A 604 16.19 29.74 -51.76
CA CYS A 604 16.09 29.87 -53.20
C CYS A 604 14.64 29.99 -53.67
N THR A 605 14.37 31.00 -54.48
CA THR A 605 13.03 31.21 -55.02
C THR A 605 12.79 30.31 -56.23
N GLY A 606 13.76 29.44 -56.50
CA GLY A 606 13.66 28.51 -57.61
C GLY A 606 14.62 27.34 -57.45
N PRO A 607 14.51 26.34 -58.34
CA PRO A 607 15.35 25.14 -58.32
C PRO A 607 16.82 25.46 -58.59
N GLY A 608 17.71 24.77 -57.88
CA GLY A 608 19.15 24.91 -58.09
C GLY A 608 19.66 26.34 -57.92
N LEU A 609 20.86 26.58 -58.42
CA LEU A 609 21.47 27.90 -58.31
C LEU A 609 20.78 28.90 -59.24
N GLU A 610 20.11 28.38 -60.26
CA GLU A 610 19.38 29.23 -61.21
C GLU A 610 18.08 29.74 -60.60
N GLY A 611 17.85 29.40 -59.33
CA GLY A 611 16.66 29.83 -58.63
C GLY A 611 16.96 30.85 -57.54
N CYS A 612 18.21 30.87 -57.09
CA CYS A 612 18.64 31.81 -56.07
C CYS A 612 19.66 32.80 -56.65
N PRO A 613 19.16 33.91 -57.21
CA PRO A 613 19.99 34.94 -57.85
C PRO A 613 20.93 35.63 -56.86
N THR A 614 21.78 36.51 -57.37
CA THR A 614 22.71 37.26 -56.54
C THR A 614 22.86 38.70 -57.03
N LEU B 1 14.73 -12.29 26.39
CA LEU B 1 15.99 -11.87 26.99
C LEU B 1 17.17 -12.09 26.04
N GLU B 2 17.42 -13.36 25.73
CA GLU B 2 18.54 -13.73 24.86
C GLU B 2 18.03 -14.33 23.55
N GLU B 3 18.12 -13.56 22.48
CA GLU B 3 17.67 -14.05 21.17
C GLU B 3 18.38 -15.34 20.81
N LYS B 4 17.60 -16.35 20.44
CA LYS B 4 18.13 -17.68 20.16
C LYS B 4 19.28 -17.64 19.16
N LYS B 5 20.18 -18.62 19.26
CA LYS B 5 21.32 -18.72 18.35
C LYS B 5 20.91 -19.47 17.09
N VAL B 6 21.26 -18.93 15.94
CA VAL B 6 20.80 -19.48 14.67
C VAL B 6 21.92 -19.99 13.78
N CYS B 7 21.67 -21.12 13.13
CA CYS B 7 22.59 -21.70 12.16
C CYS B 7 21.88 -21.85 10.81
N GLN B 8 22.64 -21.76 9.73
CA GLN B 8 22.05 -21.78 8.40
C GLN B 8 21.39 -23.12 8.09
N GLY B 9 22.10 -24.21 8.39
CA GLY B 9 21.58 -25.55 8.14
C GLY B 9 22.08 -26.10 6.82
N THR B 10 22.26 -27.41 6.76
CA THR B 10 22.80 -28.05 5.56
C THR B 10 21.71 -28.35 4.54
N SER B 11 22.13 -28.61 3.30
CA SER B 11 21.21 -28.96 2.22
C SER B 11 21.90 -29.86 1.21
N ASN B 12 22.45 -30.97 1.70
CA ASN B 12 23.19 -31.90 0.86
C ASN B 12 22.43 -33.20 0.67
N LYS B 13 21.40 -33.39 1.49
CA LYS B 13 20.61 -34.62 1.46
C LYS B 13 21.46 -35.87 1.75
N LEU B 14 21.50 -36.79 0.79
CA LEU B 14 22.21 -38.04 0.98
C LEU B 14 23.67 -37.95 0.59
N THR B 15 24.13 -36.76 0.24
CA THR B 15 25.53 -36.55 -0.13
C THR B 15 26.44 -36.59 1.09
N GLN B 16 27.62 -37.18 0.93
CA GLN B 16 28.59 -37.28 2.00
C GLN B 16 29.77 -36.35 1.77
N LEU B 17 30.09 -35.53 2.77
CA LEU B 17 31.17 -34.55 2.65
C LEU B 17 32.49 -35.14 3.15
N GLY B 18 33.23 -35.77 2.25
CA GLY B 18 34.53 -36.32 2.57
C GLY B 18 34.46 -37.63 3.33
N THR B 19 35.48 -37.89 4.14
CA THR B 19 35.53 -39.11 4.94
C THR B 19 34.55 -39.00 6.09
N PHE B 20 34.18 -40.14 6.68
CA PHE B 20 33.22 -40.15 7.77
C PHE B 20 33.55 -39.12 8.85
N GLU B 21 34.84 -38.94 9.11
CA GLU B 21 35.26 -37.94 10.09
C GLU B 21 35.04 -36.53 9.56
N ASP B 22 35.46 -36.30 8.31
CA ASP B 22 35.21 -35.03 7.66
C ASP B 22 33.73 -34.70 7.77
N HIS B 23 32.90 -35.57 7.22
CA HIS B 23 31.46 -35.38 7.20
C HIS B 23 30.89 -35.07 8.57
N PHE B 24 31.40 -35.77 9.59
CA PHE B 24 30.96 -35.55 10.95
C PHE B 24 31.45 -34.21 11.47
N LEU B 25 32.73 -33.95 11.23
CA LEU B 25 33.36 -32.74 11.75
C LEU B 25 32.74 -31.48 11.14
N SER B 26 32.16 -31.62 9.95
CA SER B 26 31.43 -30.52 9.33
C SER B 26 30.05 -30.38 9.96
N LEU B 27 29.40 -31.52 10.20
CA LEU B 27 28.09 -31.53 10.84
C LEU B 27 28.18 -30.86 12.21
N GLN B 28 29.36 -30.92 12.82
CA GLN B 28 29.58 -30.34 14.14
C GLN B 28 29.78 -28.83 14.06
N ARG B 29 30.49 -28.37 13.03
CA ARG B 29 30.81 -26.97 12.88
C ARG B 29 29.58 -26.13 12.50
N MET B 30 28.58 -26.78 11.92
CA MET B 30 27.37 -26.09 11.48
C MET B 30 26.33 -26.00 12.60
N PHE B 31 26.26 -27.01 13.44
CA PHE B 31 25.22 -27.08 14.47
C PHE B 31 25.72 -26.92 15.89
N ASN B 32 26.98 -26.55 16.04
CA ASN B 32 27.54 -26.33 17.37
C ASN B 32 26.91 -25.11 18.04
N ASN B 33 26.23 -25.33 19.15
CA ASN B 33 25.58 -24.27 19.92
C ASN B 33 24.28 -23.78 19.28
N CYS B 34 23.98 -24.29 18.10
CA CYS B 34 22.79 -23.88 17.36
C CYS B 34 21.51 -24.17 18.13
N GLU B 35 20.58 -23.20 18.11
CA GLU B 35 19.31 -23.36 18.78
C GLU B 35 18.15 -23.33 17.79
N VAL B 36 18.37 -22.70 16.65
CA VAL B 36 17.35 -22.57 15.62
C VAL B 36 17.93 -22.78 14.23
N VAL B 37 17.58 -23.90 13.60
CA VAL B 37 18.05 -24.20 12.26
C VAL B 37 17.15 -23.55 11.23
N LEU B 38 17.64 -22.45 10.63
CA LEU B 38 16.85 -21.69 9.67
C LEU B 38 16.53 -22.51 8.42
N GLY B 39 17.43 -23.45 8.09
CA GLY B 39 17.26 -24.29 6.93
C GLY B 39 16.95 -25.73 7.29
N ASN B 40 17.72 -26.66 6.74
CA ASN B 40 17.49 -28.08 6.97
C ASN B 40 18.45 -28.69 8.00
N LEU B 41 17.93 -29.65 8.77
CA LEU B 41 18.75 -30.42 9.70
C LEU B 41 19.01 -31.79 9.10
N GLU B 42 20.19 -31.98 8.53
CA GLU B 42 20.53 -33.24 7.88
C GLU B 42 21.65 -33.99 8.59
N ILE B 43 21.27 -34.92 9.46
CA ILE B 43 22.22 -35.77 10.15
C ILE B 43 22.36 -37.10 9.41
N THR B 44 23.45 -37.25 8.66
CA THR B 44 23.67 -38.46 7.87
C THR B 44 25.11 -38.93 7.97
N TYR B 45 25.31 -40.23 7.79
CA TYR B 45 26.65 -40.84 7.76
C TYR B 45 27.45 -40.69 9.05
N VAL B 46 26.75 -40.59 10.18
CA VAL B 46 27.41 -40.52 11.48
C VAL B 46 27.66 -41.94 12.00
N GLN B 47 28.92 -42.28 12.20
CA GLN B 47 29.29 -43.65 12.56
C GLN B 47 29.29 -43.90 14.07
N ARG B 48 29.46 -45.16 14.45
CA ARG B 48 29.43 -45.58 15.84
C ARG B 48 30.35 -44.75 16.72
N ASN B 49 29.99 -44.60 17.99
CA ASN B 49 30.86 -43.99 18.99
C ASN B 49 31.23 -42.54 18.76
N TYR B 50 30.59 -41.90 17.78
CA TYR B 50 30.76 -40.48 17.57
C TYR B 50 29.85 -39.69 18.51
N ASP B 51 30.32 -38.52 18.92
CA ASP B 51 29.58 -37.72 19.90
C ASP B 51 28.67 -36.70 19.24
N LEU B 52 27.37 -36.95 19.30
CA LEU B 52 26.39 -36.03 18.74
C LEU B 52 25.69 -35.25 19.85
N SER B 53 26.40 -35.04 20.95
CA SER B 53 25.83 -34.38 22.12
C SER B 53 25.52 -32.91 21.87
N PHE B 54 26.11 -32.34 20.83
CA PHE B 54 25.88 -30.93 20.52
C PHE B 54 24.51 -30.70 19.90
N LEU B 55 23.86 -31.78 19.49
CA LEU B 55 22.54 -31.69 18.86
C LEU B 55 21.44 -31.53 19.90
N LYS B 56 21.82 -31.35 21.15
CA LYS B 56 20.84 -31.19 22.22
C LYS B 56 20.33 -29.76 22.33
N THR B 57 21.06 -28.83 21.72
CA THR B 57 20.73 -27.41 21.84
C THR B 57 19.76 -26.94 20.76
N ILE B 58 19.56 -27.76 19.74
CA ILE B 58 18.62 -27.42 18.67
C ILE B 58 17.18 -27.46 19.19
N GLN B 59 16.51 -26.32 19.12
CA GLN B 59 15.14 -26.21 19.63
C GLN B 59 14.12 -26.29 18.51
N GLU B 60 14.46 -25.75 17.35
CA GLU B 60 13.53 -25.71 16.22
C GLU B 60 14.24 -25.76 14.87
N VAL B 61 13.65 -26.49 13.94
CA VAL B 61 14.18 -26.58 12.58
C VAL B 61 13.13 -26.10 11.59
N ALA B 62 13.45 -25.05 10.84
CA ALA B 62 12.51 -24.42 9.92
C ALA B 62 12.21 -25.29 8.70
N GLY B 63 13.25 -25.93 8.15
CA GLY B 63 13.08 -26.79 6.99
C GLY B 63 12.56 -28.16 7.37
N TYR B 64 13.29 -29.20 6.96
CA TYR B 64 12.93 -30.57 7.31
C TYR B 64 14.09 -31.24 8.06
N VAL B 65 13.81 -32.38 8.66
CA VAL B 65 14.83 -33.13 9.39
C VAL B 65 15.08 -34.48 8.74
N LEU B 66 16.25 -34.62 8.13
CA LEU B 66 16.65 -35.86 7.47
C LEU B 66 17.67 -36.61 8.31
N ILE B 67 17.32 -37.82 8.71
CA ILE B 67 18.21 -38.68 9.48
C ILE B 67 18.34 -40.03 8.77
N ALA B 68 19.39 -40.17 7.96
CA ALA B 68 19.55 -41.36 7.13
C ALA B 68 20.99 -41.88 7.09
N LEU B 69 21.14 -43.19 6.94
CA LEU B 69 22.45 -43.81 6.77
C LEU B 69 23.39 -43.53 7.94
N ASN B 70 22.88 -43.66 9.16
CA ASN B 70 23.67 -43.47 10.36
C ASN B 70 23.87 -44.77 11.12
N THR B 71 25.11 -45.11 11.43
CA THR B 71 25.40 -46.30 12.23
C THR B 71 25.52 -45.91 13.69
N VAL B 72 25.61 -44.62 13.96
CA VAL B 72 25.66 -44.12 15.33
C VAL B 72 24.48 -44.68 16.10
N GLU B 73 24.63 -44.79 17.42
CA GLU B 73 23.61 -45.46 18.22
C GLU B 73 22.54 -44.51 18.76
N ARG B 74 22.95 -43.33 19.24
CA ARG B 74 22.00 -42.39 19.82
C ARG B 74 22.11 -40.98 19.23
N ILE B 75 20.97 -40.41 18.88
CA ILE B 75 20.90 -39.04 18.40
C ILE B 75 20.03 -38.20 19.34
N PRO B 76 20.66 -37.29 20.09
CA PRO B 76 20.02 -36.53 21.17
C PRO B 76 19.24 -35.30 20.72
N LEU B 77 18.35 -35.44 19.73
CA LEU B 77 17.48 -34.34 19.35
C LEU B 77 16.35 -34.20 20.35
N GLU B 78 16.70 -34.05 21.61
CA GLU B 78 15.72 -34.06 22.69
C GLU B 78 15.03 -32.72 22.89
N ASN B 79 15.77 -31.62 22.77
CA ASN B 79 15.21 -30.29 22.96
C ASN B 79 14.54 -29.74 21.72
N LEU B 80 14.37 -30.60 20.72
CA LEU B 80 13.69 -30.22 19.49
C LEU B 80 12.19 -30.11 19.76
N GLN B 81 11.65 -28.90 19.58
CA GLN B 81 10.25 -28.64 19.88
C GLN B 81 9.35 -28.69 18.64
N ILE B 82 9.81 -28.10 17.55
CA ILE B 82 8.97 -27.98 16.36
C ILE B 82 9.76 -28.06 15.06
N ILE B 83 9.15 -28.67 14.06
CA ILE B 83 9.69 -28.68 12.71
C ILE B 83 8.72 -27.93 11.80
N ARG B 84 9.12 -26.77 11.34
CA ARG B 84 8.26 -25.91 10.53
C ARG B 84 7.77 -26.61 9.27
N GLY B 85 8.72 -27.12 8.48
CA GLY B 85 8.37 -27.79 7.24
C GLY B 85 8.34 -26.84 6.06
N ASN B 86 9.11 -25.76 6.15
CA ASN B 86 9.20 -24.79 5.06
C ASN B 86 9.61 -25.46 3.75
N MET B 87 10.33 -26.57 3.89
CA MET B 87 10.69 -27.41 2.75
C MET B 87 10.45 -28.87 3.10
N TYR B 88 10.23 -29.70 2.08
CA TYR B 88 10.05 -31.13 2.32
C TYR B 88 11.19 -31.94 1.73
N TYR B 89 11.47 -33.08 2.36
CA TYR B 89 12.41 -34.05 1.79
C TYR B 89 11.62 -35.01 0.90
N GLU B 90 12.03 -35.09 -0.36
CA GLU B 90 11.31 -35.89 -1.35
C GLU B 90 9.92 -35.34 -1.63
N ASN B 91 9.72 -34.06 -1.31
CA ASN B 91 8.47 -33.37 -1.60
C ASN B 91 7.25 -34.00 -0.92
N SER B 92 7.43 -34.47 0.31
CA SER B 92 6.34 -35.11 1.03
C SER B 92 6.51 -35.08 2.54
N TYR B 93 7.75 -35.12 3.00
CA TYR B 93 8.01 -35.25 4.43
C TYR B 93 8.81 -34.09 5.03
N ALA B 94 8.51 -33.76 6.27
CA ALA B 94 9.27 -32.76 7.00
C ALA B 94 10.20 -33.47 7.99
N LEU B 95 10.02 -34.78 8.11
CA LEU B 95 10.85 -35.60 8.98
C LEU B 95 11.06 -36.99 8.38
N ALA B 96 12.29 -37.29 7.98
CA ALA B 96 12.59 -38.56 7.34
C ALA B 96 13.73 -39.29 8.05
N VAL B 97 13.39 -40.37 8.74
CA VAL B 97 14.39 -41.23 9.38
C VAL B 97 14.53 -42.51 8.57
N LEU B 98 15.56 -42.57 7.74
CA LEU B 98 15.70 -43.65 6.77
C LEU B 98 16.94 -44.52 6.99
N SER B 99 16.84 -45.78 6.61
CA SER B 99 17.94 -46.73 6.63
C SER B 99 19.08 -46.36 7.57
N ASN B 100 18.83 -46.46 8.88
CA ASN B 100 19.85 -46.21 9.88
C ASN B 100 20.35 -47.50 10.51
N TYR B 101 20.90 -48.38 9.69
CA TYR B 101 21.40 -49.66 10.18
C TYR B 101 22.85 -49.91 9.79
N ASP B 102 23.54 -50.69 10.61
CA ASP B 102 24.91 -51.08 10.35
C ASP B 102 24.91 -52.26 9.38
N ALA B 103 26.09 -52.66 8.93
CA ALA B 103 26.19 -53.85 8.09
C ALA B 103 25.67 -55.05 8.88
N ASN B 104 25.94 -55.06 10.17
CA ASN B 104 25.47 -56.12 11.05
C ASN B 104 24.03 -55.89 11.50
N LYS B 105 23.32 -55.03 10.76
CA LYS B 105 21.94 -54.70 11.07
C LYS B 105 21.80 -54.13 12.48
N THR B 106 22.68 -53.19 12.81
CA THR B 106 22.67 -52.56 14.13
C THR B 106 23.11 -51.10 14.05
N GLY B 107 22.15 -50.21 13.80
CA GLY B 107 22.43 -48.80 13.69
C GLY B 107 21.73 -47.98 14.75
N LEU B 108 21.12 -46.88 14.33
CA LEU B 108 20.41 -45.99 15.24
C LEU B 108 19.47 -46.78 16.14
N LYS B 109 19.60 -46.58 17.45
CA LYS B 109 18.81 -47.32 18.42
C LYS B 109 17.85 -46.41 19.18
N GLU B 110 18.34 -45.24 19.59
CA GLU B 110 17.55 -44.34 20.42
C GLU B 110 17.42 -42.95 19.80
N LEU B 111 16.18 -42.49 19.66
CA LEU B 111 15.92 -41.15 19.14
C LEU B 111 15.03 -40.38 20.10
N PRO B 112 15.62 -39.89 21.20
CA PRO B 112 14.89 -39.24 22.31
C PRO B 112 14.30 -37.89 21.94
N MET B 113 13.43 -37.84 20.95
CA MET B 113 12.76 -36.59 20.59
C MET B 113 11.51 -36.39 21.44
N ARG B 114 11.72 -36.26 22.74
CA ARG B 114 10.63 -36.21 23.70
C ARG B 114 9.94 -34.85 23.76
N ASN B 115 10.49 -33.88 23.05
CA ASN B 115 9.93 -32.53 23.05
C ASN B 115 9.38 -32.11 21.69
N LEU B 116 9.54 -32.98 20.69
CA LEU B 116 8.96 -32.75 19.38
C LEU B 116 7.45 -32.96 19.48
N GLN B 117 6.70 -31.86 19.44
CA GLN B 117 5.25 -31.93 19.62
C GLN B 117 4.50 -31.36 18.42
N GLU B 118 5.17 -30.52 17.65
CA GLU B 118 4.52 -29.84 16.54
C GLU B 118 5.28 -30.00 15.22
N ILE B 119 4.54 -30.33 14.17
CA ILE B 119 5.09 -30.37 12.82
C ILE B 119 4.14 -29.66 11.86
N LEU B 120 4.31 -28.35 11.75
CA LEU B 120 3.39 -27.49 11.01
C LEU B 120 3.04 -28.00 9.62
N HIS B 121 4.06 -28.27 8.81
CA HIS B 121 3.83 -28.68 7.43
C HIS B 121 4.66 -29.91 7.07
N GLY B 122 4.13 -30.73 6.17
CA GLY B 122 4.81 -31.94 5.74
C GLY B 122 4.35 -33.17 6.48
N ALA B 123 4.82 -34.34 6.04
CA ALA B 123 4.48 -35.60 6.69
C ALA B 123 5.71 -36.25 7.29
N VAL B 124 5.55 -37.46 7.83
CA VAL B 124 6.66 -38.16 8.45
C VAL B 124 6.94 -39.49 7.76
N ARG B 125 8.20 -39.92 7.80
CA ARG B 125 8.61 -41.15 7.14
C ARG B 125 9.68 -41.88 7.94
N PHE B 126 9.34 -43.08 8.41
CA PHE B 126 10.31 -43.94 9.08
C PHE B 126 10.44 -45.25 8.30
N SER B 127 11.69 -45.69 8.09
CA SER B 127 11.94 -46.87 7.28
C SER B 127 13.33 -47.45 7.53
N ASN B 128 13.41 -48.78 7.52
CA ASN B 128 14.68 -49.48 7.66
C ASN B 128 15.49 -49.04 8.88
N ASN B 129 14.88 -49.10 10.06
CA ASN B 129 15.54 -48.76 11.29
C ASN B 129 15.41 -49.90 12.30
N PRO B 130 16.25 -50.94 12.14
CA PRO B 130 16.19 -52.19 12.90
C PRO B 130 16.38 -52.00 14.41
N ALA B 131 17.26 -51.09 14.79
CA ALA B 131 17.60 -50.90 16.20
C ALA B 131 16.71 -49.88 16.89
N LEU B 132 15.88 -49.20 16.11
CA LEU B 132 15.02 -48.14 16.64
C LEU B 132 14.07 -48.67 17.71
N CYS B 133 14.08 -48.03 18.87
CA CYS B 133 13.27 -48.44 19.99
C CYS B 133 12.29 -47.35 20.43
N ASN B 134 11.08 -47.78 20.81
CA ASN B 134 10.10 -46.90 21.44
C ASN B 134 9.35 -45.98 20.47
N VAL B 135 10.06 -45.42 19.51
CA VAL B 135 9.46 -44.50 18.54
C VAL B 135 8.22 -45.11 17.88
N GLU B 136 8.20 -46.44 17.84
CA GLU B 136 7.09 -47.17 17.23
C GLU B 136 5.79 -47.01 18.02
N SER B 137 5.88 -46.39 19.19
CA SER B 137 4.73 -46.24 20.07
C SER B 137 4.23 -44.79 20.15
N ILE B 138 4.70 -43.95 19.24
CA ILE B 138 4.31 -42.54 19.24
C ILE B 138 3.03 -42.30 18.45
N GLN B 139 2.03 -41.72 19.12
CA GLN B 139 0.78 -41.34 18.46
C GLN B 139 1.01 -40.06 17.65
N TRP B 140 1.57 -40.20 16.46
CA TRP B 140 1.94 -39.06 15.64
C TRP B 140 0.74 -38.15 15.33
N ARG B 141 -0.46 -38.68 15.52
CA ARG B 141 -1.68 -37.91 15.29
C ARG B 141 -1.66 -36.58 16.03
N ASP B 142 -0.87 -36.52 17.09
CA ASP B 142 -0.75 -35.31 17.91
C ASP B 142 0.34 -34.39 17.37
N ILE B 143 1.45 -34.97 16.94
CA ILE B 143 2.59 -34.20 16.47
C ILE B 143 2.39 -33.64 15.07
N VAL B 144 1.79 -34.45 14.21
CA VAL B 144 1.62 -34.08 12.80
C VAL B 144 0.24 -33.48 12.55
N SER B 145 0.15 -32.63 11.53
CA SER B 145 -1.13 -32.07 11.12
C SER B 145 -1.95 -33.13 10.39
N SER B 146 -3.27 -33.00 10.46
CA SER B 146 -4.17 -33.99 9.86
C SER B 146 -4.18 -33.89 8.34
N ASP B 147 -3.80 -32.74 7.81
CA ASP B 147 -3.79 -32.52 6.37
C ASP B 147 -2.73 -33.40 5.68
N PHE B 148 -1.70 -33.77 6.42
CA PHE B 148 -0.61 -34.56 5.86
C PHE B 148 -0.62 -35.99 6.37
N LEU B 149 -1.52 -36.28 7.30
CA LEU B 149 -1.61 -37.60 7.90
C LEU B 149 -1.77 -38.68 6.83
N SER B 150 -2.42 -38.32 5.74
CA SER B 150 -2.65 -39.24 4.63
C SER B 150 -1.36 -39.59 3.89
N ASN B 151 -0.50 -38.59 3.70
CA ASN B 151 0.77 -38.81 2.99
C ASN B 151 1.86 -39.41 3.87
N MET B 152 1.52 -39.73 5.11
CA MET B 152 2.48 -40.32 6.04
C MET B 152 2.70 -41.80 5.77
N SER B 153 3.95 -42.18 5.60
CA SER B 153 4.30 -43.59 5.42
C SER B 153 5.40 -43.97 6.40
N MET B 154 5.12 -44.95 7.25
CA MET B 154 6.10 -45.37 8.24
C MET B 154 5.74 -46.71 8.88
N ASP B 155 6.72 -47.60 8.94
CA ASP B 155 6.57 -48.89 9.61
C ASP B 155 7.87 -49.27 10.33
N PHE B 156 7.72 -49.80 11.54
CA PHE B 156 8.88 -50.09 12.38
C PHE B 156 9.13 -51.59 12.47
N GLN B 157 10.28 -51.95 13.04
CA GLN B 157 10.64 -53.35 13.27
C GLN B 157 11.51 -53.48 14.52
N ASN B 158 11.45 -54.64 15.16
CA ASN B 158 12.22 -54.87 16.38
C ASN B 158 13.16 -56.06 16.22
N HIS B 159 14.04 -55.99 15.23
CA HIS B 159 14.98 -57.07 14.98
C HIS B 159 16.20 -56.96 15.89
N LEU B 160 16.04 -56.23 16.98
CA LEU B 160 17.11 -56.05 17.95
C LEU B 160 16.77 -56.75 19.26
N GLY B 161 15.54 -56.53 19.73
CA GLY B 161 15.06 -57.20 20.93
C GLY B 161 15.47 -56.52 22.22
N SER B 162 16.55 -55.73 22.16
CA SER B 162 17.08 -55.09 23.36
C SER B 162 16.38 -53.76 23.65
N CYS B 163 15.15 -53.61 23.14
CA CYS B 163 14.36 -52.41 23.42
C CYS B 163 13.66 -52.54 24.78
N GLN B 164 13.59 -51.43 25.50
CA GLN B 164 12.96 -51.43 26.82
C GLN B 164 11.47 -51.13 26.72
N LYS B 165 10.80 -51.07 27.87
CA LYS B 165 9.37 -50.83 27.91
C LYS B 165 9.08 -49.40 28.36
N CYS B 166 7.90 -48.90 28.01
CA CYS B 166 7.51 -47.53 28.35
C CYS B 166 6.99 -47.43 29.78
N ASP B 167 7.52 -46.45 30.52
CA ASP B 167 7.06 -46.16 31.87
C ASP B 167 5.54 -46.08 31.88
N PRO B 168 4.90 -46.73 32.86
CA PRO B 168 3.44 -46.75 32.99
C PRO B 168 2.82 -45.35 32.83
N SER B 169 3.45 -44.34 33.41
CA SER B 169 2.93 -42.98 33.36
C SER B 169 2.80 -42.45 31.93
N CYS B 170 3.42 -43.16 30.99
CA CYS B 170 3.34 -42.78 29.58
C CYS B 170 1.94 -43.02 29.04
N PRO B 171 1.31 -41.97 28.50
CA PRO B 171 -0.05 -42.03 27.96
C PRO B 171 -0.17 -43.09 26.86
N ASN B 172 -1.09 -44.03 27.04
CA ASN B 172 -1.29 -45.10 26.07
CA ASN B 172 -1.29 -45.11 26.07
C ASN B 172 0.01 -45.81 25.73
N GLY B 173 0.93 -45.88 26.69
CA GLY B 173 2.21 -46.53 26.50
C GLY B 173 3.07 -45.90 25.44
N SER B 174 2.87 -44.60 25.19
CA SER B 174 3.62 -43.88 24.18
C SER B 174 4.86 -43.22 24.78
N CYS B 175 6.03 -43.54 24.21
CA CYS B 175 7.28 -42.97 24.70
C CYS B 175 8.36 -42.98 23.63
N TRP B 176 9.23 -41.98 23.65
CA TRP B 176 10.33 -41.88 22.71
C TRP B 176 11.52 -42.70 23.17
N GLY B 177 11.61 -42.94 24.47
CA GLY B 177 12.72 -43.68 25.03
C GLY B 177 12.45 -44.12 26.46
N ALA B 178 13.51 -44.47 27.18
CA ALA B 178 13.37 -44.93 28.56
C ALA B 178 13.09 -43.77 29.52
N GLY B 179 12.96 -44.10 30.80
CA GLY B 179 12.69 -43.09 31.82
C GLY B 179 11.29 -42.51 31.72
N GLU B 180 10.91 -41.76 32.76
CA GLU B 180 9.60 -41.11 32.79
C GLU B 180 9.63 -39.80 32.02
N GLU B 181 10.83 -39.33 31.71
CA GLU B 181 11.01 -38.07 31.01
C GLU B 181 10.71 -38.18 29.53
N ASN B 182 10.90 -39.38 28.98
CA ASN B 182 10.73 -39.59 27.55
C ASN B 182 9.30 -39.95 27.15
N CYS B 183 8.35 -39.64 28.00
CA CYS B 183 6.94 -39.89 27.70
C CYS B 183 6.42 -38.84 26.72
N GLN B 184 5.74 -39.29 25.67
CA GLN B 184 5.18 -38.38 24.69
C GLN B 184 4.18 -37.44 25.36
N LYS B 185 4.46 -36.14 25.27
CA LYS B 185 3.57 -35.13 25.83
C LYS B 185 2.52 -34.73 24.80
N LEU B 186 1.28 -35.13 25.02
CA LEU B 186 0.20 -34.80 24.09
C LEU B 186 -0.40 -33.44 24.43
N THR B 187 -0.54 -32.60 23.41
CA THR B 187 -1.10 -31.27 23.58
C THR B 187 -2.01 -30.92 22.40
N LYS B 188 -2.57 -31.95 21.77
CA LYS B 188 -3.36 -31.77 20.56
C LYS B 188 -4.65 -32.56 20.60
N ILE B 189 -4.54 -33.88 20.74
CA ILE B 189 -5.71 -34.76 20.70
C ILE B 189 -6.37 -34.91 22.06
N ILE B 190 -5.82 -34.22 23.06
CA ILE B 190 -6.39 -34.26 24.41
C ILE B 190 -6.79 -32.87 24.86
N CYS B 191 -7.75 -32.28 24.15
CA CYS B 191 -8.19 -30.93 24.45
C CYS B 191 -9.71 -30.82 24.35
N ALA B 192 -10.28 -29.86 25.08
CA ALA B 192 -11.72 -29.65 25.03
C ALA B 192 -12.20 -29.40 23.60
N GLN B 193 -13.46 -29.69 23.34
CA GLN B 193 -14.04 -29.51 22.01
C GLN B 193 -14.03 -28.04 21.62
N GLN B 194 -13.81 -27.17 22.60
CA GLN B 194 -13.78 -25.72 22.36
C GLN B 194 -12.36 -25.19 22.34
N CYS B 195 -11.39 -26.08 22.15
CA CYS B 195 -10.00 -25.67 22.03
C CYS B 195 -9.64 -25.43 20.57
N SER B 196 -9.24 -24.21 20.25
CA SER B 196 -8.89 -23.84 18.88
C SER B 196 -7.72 -24.67 18.37
N GLY B 197 -6.64 -24.74 19.15
CA GLY B 197 -5.45 -25.46 18.74
C GLY B 197 -4.91 -26.41 19.80
N ARG B 198 -3.82 -26.01 20.43
CA ARG B 198 -3.16 -26.86 21.42
C ARG B 198 -3.62 -26.53 22.83
N CYS B 199 -3.12 -27.28 23.81
CA CYS B 199 -3.52 -27.07 25.21
C CYS B 199 -2.45 -27.56 26.19
N ARG B 200 -2.66 -27.24 27.47
CA ARG B 200 -1.75 -27.69 28.52
C ARG B 200 -2.30 -28.95 29.18
N GLY B 201 -3.62 -29.00 29.32
CA GLY B 201 -4.29 -30.13 29.93
C GLY B 201 -5.57 -30.48 29.21
N LYS B 202 -6.48 -31.17 29.90
CA LYS B 202 -7.73 -31.58 29.29
C LYS B 202 -8.84 -30.58 29.58
N SER B 203 -8.80 -29.99 30.76
CA SER B 203 -9.80 -28.98 31.14
C SER B 203 -9.75 -27.79 30.19
N PRO B 204 -10.92 -27.23 29.87
CA PRO B 204 -11.03 -26.07 28.97
C PRO B 204 -10.31 -24.85 29.50
N SER B 205 -9.87 -24.91 30.76
CA SER B 205 -9.14 -23.81 31.38
C SER B 205 -7.64 -23.93 31.10
N ASP B 206 -7.29 -24.80 30.16
CA ASP B 206 -5.90 -25.05 29.84
C ASP B 206 -5.59 -24.79 28.37
N CYS B 207 -6.59 -24.32 27.63
CA CYS B 207 -6.43 -24.03 26.20
C CYS B 207 -5.29 -23.05 25.96
N CYS B 208 -4.39 -23.42 25.04
CA CYS B 208 -3.30 -22.54 24.65
C CYS B 208 -3.82 -21.46 23.72
N HIS B 209 -3.00 -20.46 23.44
CA HIS B 209 -3.38 -19.40 22.53
C HIS B 209 -3.45 -19.90 21.10
N ASN B 210 -4.34 -19.31 20.31
CA ASN B 210 -4.54 -19.71 18.92
C ASN B 210 -3.24 -19.74 18.13
N GLN B 211 -2.27 -18.91 18.54
CA GLN B 211 -1.02 -18.79 17.82
C GLN B 211 0.15 -19.46 18.56
N CYS B 212 -0.08 -20.69 19.01
CA CYS B 212 0.97 -21.45 19.69
C CYS B 212 1.31 -22.71 18.90
N ALA B 213 2.60 -23.03 18.86
CA ALA B 213 3.07 -24.18 18.10
C ALA B 213 2.85 -25.50 18.83
N ALA B 214 3.84 -25.90 19.63
CA ALA B 214 3.77 -27.17 20.35
C ALA B 214 2.82 -27.09 21.53
N GLY B 215 3.20 -26.30 22.54
CA GLY B 215 2.39 -26.14 23.73
C GLY B 215 2.51 -24.73 24.28
N CYS B 216 2.09 -24.56 25.53
CA CYS B 216 2.15 -23.25 26.16
C CYS B 216 2.26 -23.35 27.67
N THR B 217 2.78 -22.30 28.30
CA THR B 217 2.89 -22.24 29.74
C THR B 217 1.65 -21.58 30.34
N GLY B 218 0.93 -20.86 29.49
CA GLY B 218 -0.28 -20.17 29.90
C GLY B 218 -1.21 -19.94 28.73
N PRO B 219 -2.44 -19.49 29.01
CA PRO B 219 -3.48 -19.28 28.00
C PRO B 219 -3.15 -18.14 27.04
N ARG B 220 -2.48 -17.10 27.55
CA ARG B 220 -2.26 -15.87 26.78
C ARG B 220 -1.30 -16.00 25.62
N GLU B 221 -1.27 -14.97 24.78
CA GLU B 221 -0.49 -14.96 23.55
C GLU B 221 1.03 -14.98 23.79
N SER B 222 1.44 -14.55 24.98
CA SER B 222 2.85 -14.45 25.31
C SER B 222 3.34 -15.64 26.14
N ASP B 223 2.49 -16.64 26.30
CA ASP B 223 2.84 -17.81 27.09
C ASP B 223 3.13 -19.01 26.19
N CYS B 224 3.58 -18.74 24.98
CA CYS B 224 3.85 -19.79 24.00
C CYS B 224 5.23 -20.40 24.14
N LEU B 225 5.34 -21.69 23.81
CA LEU B 225 6.64 -22.33 23.70
C LEU B 225 7.30 -21.85 22.41
N VAL B 226 6.55 -21.94 21.32
CA VAL B 226 7.01 -21.45 20.03
C VAL B 226 5.85 -20.82 19.25
N CYS B 227 6.11 -19.69 18.63
CA CYS B 227 5.09 -19.01 17.83
C CYS B 227 4.72 -19.85 16.62
N ARG B 228 3.47 -19.75 16.18
CA ARG B 228 2.98 -20.54 15.06
C ARG B 228 3.23 -19.84 13.73
N LYS B 229 3.30 -18.51 13.78
CA LYS B 229 3.51 -17.71 12.58
C LYS B 229 4.63 -16.70 12.80
N PHE B 230 4.27 -15.51 13.28
CA PHE B 230 5.24 -14.43 13.47
C PHE B 230 5.60 -14.25 14.94
N ARG B 231 6.63 -13.45 15.19
CA ARG B 231 7.09 -13.21 16.55
C ARG B 231 7.26 -11.72 16.81
N ASP B 232 6.32 -11.15 17.56
CA ASP B 232 6.39 -9.74 17.94
C ASP B 232 6.95 -9.59 19.34
N GLU B 233 8.27 -9.72 19.45
CA GLU B 233 8.95 -9.69 20.74
C GLU B 233 8.43 -10.77 21.67
N ALA B 234 7.72 -10.36 22.72
CA ALA B 234 7.25 -11.28 23.74
C ALA B 234 6.14 -12.20 23.24
N THR B 235 5.32 -11.68 22.33
CA THR B 235 4.10 -12.39 21.93
C THR B 235 4.19 -13.02 20.54
N CYS B 236 3.24 -13.91 20.26
CA CYS B 236 3.13 -14.56 18.96
C CYS B 236 1.92 -13.99 18.21
N LYS B 237 2.18 -13.20 17.18
CA LYS B 237 1.12 -12.61 16.37
C LYS B 237 0.85 -13.44 15.12
N ASP B 238 -0.37 -13.35 14.59
CA ASP B 238 -0.72 -14.00 13.35
C ASP B 238 -0.30 -13.12 12.18
N THR B 239 -0.42 -11.81 12.39
CA THR B 239 -0.04 -10.81 11.39
C THR B 239 0.62 -9.63 12.10
N CYS B 240 1.78 -9.23 11.61
CA CYS B 240 2.48 -8.09 12.19
C CYS B 240 1.58 -6.86 12.21
N PRO B 241 1.53 -6.17 13.36
CA PRO B 241 0.70 -4.97 13.58
C PRO B 241 0.82 -3.94 12.45
N PRO B 242 -0.27 -3.73 11.71
CA PRO B 242 -0.31 -2.82 10.55
C PRO B 242 0.24 -1.44 10.90
N LEU B 243 0.93 -0.82 9.94
CA LEU B 243 1.43 0.54 10.14
C LEU B 243 0.28 1.53 10.21
N MET B 244 -0.82 1.19 9.55
CA MET B 244 -2.00 2.04 9.56
C MET B 244 -3.28 1.22 9.69
N LEU B 245 -4.29 1.79 10.34
CA LEU B 245 -5.54 1.10 10.58
C LEU B 245 -6.71 1.86 9.98
N TYR B 246 -7.73 1.12 9.55
CA TYR B 246 -8.91 1.74 8.97
C TYR B 246 -9.81 2.29 10.08
N ASN B 247 -10.30 3.51 9.89
CA ASN B 247 -11.19 4.12 10.85
C ASN B 247 -12.64 4.00 10.42
N PRO B 248 -13.36 3.04 11.00
CA PRO B 248 -14.74 2.73 10.61
C PRO B 248 -15.66 3.95 10.69
N THR B 249 -15.29 4.92 11.54
CA THR B 249 -16.12 6.09 11.73
C THR B 249 -15.86 7.16 10.67
N THR B 250 -14.59 7.44 10.42
CA THR B 250 -14.22 8.48 9.45
C THR B 250 -14.04 7.90 8.05
N TYR B 251 -14.20 6.59 7.92
CA TYR B 251 -14.06 5.91 6.63
C TYR B 251 -12.71 6.23 5.98
N GLN B 252 -11.72 6.53 6.81
CA GLN B 252 -10.41 6.91 6.31
C GLN B 252 -9.30 6.08 6.95
N MET B 253 -8.06 6.54 6.79
CA MET B 253 -6.90 5.79 7.27
C MET B 253 -6.16 6.53 8.38
N ASP B 254 -5.80 5.80 9.43
CA ASP B 254 -5.08 6.38 10.56
C ASP B 254 -3.77 5.63 10.81
N VAL B 255 -2.82 6.32 11.42
CA VAL B 255 -1.52 5.72 11.74
C VAL B 255 -1.58 4.89 13.02
N ASN B 256 -1.04 3.68 12.95
CA ASN B 256 -1.01 2.78 14.10
C ASN B 256 0.31 2.87 14.86
N PRO B 257 0.26 3.37 16.10
CA PRO B 257 1.44 3.46 16.96
C PRO B 257 2.02 2.07 17.24
N GLU B 258 1.14 1.09 17.44
CA GLU B 258 1.56 -0.28 17.70
C GLU B 258 2.13 -0.92 16.44
N GLY B 259 2.27 -0.14 15.38
CA GLY B 259 2.69 -0.65 14.08
C GLY B 259 4.12 -1.14 14.01
N LYS B 260 4.32 -2.29 13.37
CA LYS B 260 5.65 -2.84 13.16
C LYS B 260 5.82 -3.30 11.71
N TYR B 261 7.08 -3.37 11.27
CA TYR B 261 7.39 -3.87 9.94
C TYR B 261 7.56 -5.39 9.95
N SER B 262 7.37 -6.01 8.79
CA SER B 262 7.45 -7.47 8.70
C SER B 262 8.76 -7.93 8.08
N PHE B 263 9.62 -8.50 8.91
CA PHE B 263 10.90 -9.04 8.44
C PHE B 263 10.95 -10.54 8.68
N GLY B 264 10.77 -11.31 7.62
CA GLY B 264 10.75 -12.75 7.72
C GLY B 264 9.60 -13.21 8.61
N ALA B 265 9.93 -13.88 9.71
CA ALA B 265 8.92 -14.36 10.63
C ALA B 265 8.94 -13.58 11.93
N THR B 266 9.53 -12.39 11.88
CA THR B 266 9.57 -11.51 13.05
C THR B 266 8.99 -10.14 12.73
N CYS B 267 8.54 -9.45 13.77
CA CYS B 267 8.02 -8.09 13.62
C CYS B 267 9.02 -7.10 14.18
N VAL B 268 9.59 -6.28 13.31
CA VAL B 268 10.62 -5.32 13.72
C VAL B 268 10.12 -3.88 13.69
N LYS B 269 10.89 -2.99 14.31
CA LYS B 269 10.53 -1.58 14.37
C LYS B 269 10.89 -0.88 13.06
N LYS B 270 11.92 -1.38 12.40
CA LYS B 270 12.32 -0.86 11.10
C LYS B 270 12.99 -1.94 10.26
N CYS B 271 13.03 -1.74 8.95
CA CYS B 271 13.62 -2.69 8.03
C CYS B 271 15.12 -2.48 7.91
N PRO B 272 15.87 -3.57 7.75
CA PRO B 272 17.31 -3.44 7.45
C PRO B 272 17.51 -2.48 6.28
N ARG B 273 18.50 -1.61 6.39
CA ARG B 273 18.73 -0.57 5.39
C ARG B 273 18.93 -1.12 3.97
N ASN B 274 19.30 -2.38 3.86
CA ASN B 274 19.54 -2.99 2.54
C ASN B 274 18.31 -3.64 1.93
N TYR B 275 17.22 -3.69 2.70
CA TYR B 275 15.98 -4.28 2.19
C TYR B 275 15.07 -3.22 1.58
N VAL B 276 13.91 -3.66 1.09
CA VAL B 276 12.94 -2.76 0.48
C VAL B 276 11.72 -2.58 1.39
N VAL B 277 11.39 -1.32 1.67
CA VAL B 277 10.25 -1.01 2.52
C VAL B 277 9.00 -0.74 1.69
N THR B 278 7.96 -1.52 1.94
CA THR B 278 6.70 -1.34 1.23
C THR B 278 5.76 -0.45 2.04
N ASP B 279 4.70 0.02 1.40
CA ASP B 279 3.69 0.82 2.09
C ASP B 279 2.89 -0.06 3.05
N HIS B 280 2.82 -1.35 2.75
CA HIS B 280 2.14 -2.31 3.61
C HIS B 280 2.74 -2.30 5.00
N GLY B 281 4.07 -2.17 5.05
CA GLY B 281 4.79 -2.23 6.31
C GLY B 281 5.51 -3.55 6.45
N SER B 282 6.17 -3.97 5.38
CA SER B 282 6.88 -5.25 5.36
C SER B 282 8.15 -5.17 4.51
N CYS B 283 9.23 -5.72 5.04
CA CYS B 283 10.52 -5.70 4.37
C CYS B 283 10.63 -6.80 3.32
N VAL B 284 10.72 -6.42 2.05
CA VAL B 284 10.83 -7.39 0.97
C VAL B 284 12.16 -7.29 0.26
N ARG B 285 12.44 -8.25 -0.62
CA ARG B 285 13.72 -8.29 -1.31
C ARG B 285 13.62 -7.80 -2.75
N ALA B 286 12.39 -7.56 -3.21
CA ALA B 286 12.16 -7.06 -4.56
C ALA B 286 10.74 -6.55 -4.75
N CYS B 287 10.57 -5.64 -5.70
CA CYS B 287 9.26 -5.10 -6.00
C CYS B 287 8.62 -5.90 -7.13
N GLY B 288 7.31 -5.78 -7.27
CA GLY B 288 6.61 -6.42 -8.38
C GLY B 288 7.06 -5.81 -9.69
N ALA B 289 6.69 -6.44 -10.80
CA ALA B 289 7.06 -5.95 -12.13
C ALA B 289 6.34 -4.63 -12.43
N ASP B 290 5.63 -4.11 -11.45
CA ASP B 290 4.88 -2.88 -11.60
C ASP B 290 5.68 -1.70 -11.05
N SER B 291 6.87 -1.98 -10.52
CA SER B 291 7.62 -0.96 -9.81
C SER B 291 9.12 -1.05 -10.05
N TYR B 292 9.83 -0.02 -9.59
CA TYR B 292 11.29 -0.03 -9.53
C TYR B 292 11.70 0.32 -8.11
N GLU B 293 12.99 0.54 -7.89
CA GLU B 293 13.47 0.93 -6.57
C GLU B 293 13.86 2.40 -6.51
N MET B 294 13.04 3.20 -5.85
CA MET B 294 13.32 4.62 -5.67
C MET B 294 13.90 4.86 -4.29
N GLU B 295 15.16 5.27 -4.23
CA GLU B 295 15.78 5.58 -2.95
C GLU B 295 15.36 6.95 -2.46
N GLU B 296 16.30 7.70 -1.92
CA GLU B 296 15.97 8.93 -1.20
C GLU B 296 14.85 8.59 -0.23
N ASP B 297 14.15 9.59 0.28
CA ASP B 297 13.05 9.33 1.21
C ASP B 297 13.61 8.63 2.44
N GLY B 298 14.93 8.45 2.48
CA GLY B 298 15.60 7.76 3.55
C GLY B 298 15.97 6.33 3.20
N VAL B 299 14.98 5.53 2.82
CA VAL B 299 15.19 4.11 2.56
C VAL B 299 14.84 3.70 1.14
N ARG B 300 14.94 2.40 0.85
CA ARG B 300 14.59 1.86 -0.45
C ARG B 300 13.12 1.47 -0.49
N LYS B 301 12.33 2.18 -1.30
CA LYS B 301 10.90 1.91 -1.40
C LYS B 301 10.52 1.36 -2.77
N CYS B 302 9.23 1.16 -2.97
CA CYS B 302 8.70 0.66 -4.24
C CYS B 302 7.69 1.61 -4.86
N LYS B 303 8.10 2.34 -5.90
CA LYS B 303 7.19 3.22 -6.62
C LYS B 303 6.88 2.63 -7.99
N LYS B 304 5.64 2.80 -8.44
CA LYS B 304 5.23 2.26 -9.74
C LYS B 304 6.01 2.89 -10.89
N CYS B 305 5.81 2.35 -12.09
CA CYS B 305 6.59 2.76 -13.25
C CYS B 305 5.79 3.61 -14.24
N GLU B 306 6.40 4.71 -14.68
CA GLU B 306 5.83 5.52 -15.75
C GLU B 306 5.94 4.78 -17.09
N GLY B 307 4.95 3.94 -17.37
CA GLY B 307 4.96 3.14 -18.59
C GLY B 307 5.56 1.76 -18.34
N PRO B 308 6.24 1.21 -19.36
CA PRO B 308 6.87 -0.10 -19.28
C PRO B 308 8.09 -0.10 -18.35
N CYS B 309 8.05 -0.92 -17.32
CA CYS B 309 9.18 -1.03 -16.39
C CYS B 309 10.39 -1.65 -17.07
N ARG B 310 11.58 -1.27 -16.62
CA ARG B 310 12.81 -1.89 -17.10
C ARG B 310 12.74 -3.40 -16.88
N LYS B 311 13.52 -4.14 -17.65
CA LYS B 311 13.54 -5.59 -17.53
C LYS B 311 14.21 -6.05 -16.23
N VAL B 312 13.47 -6.83 -15.44
CA VAL B 312 14.00 -7.38 -14.19
C VAL B 312 14.58 -8.77 -14.43
N CYS B 313 15.78 -9.01 -13.94
CA CYS B 313 16.47 -10.28 -14.18
C CYS B 313 16.59 -11.11 -12.91
N ASN B 314 15.81 -12.18 -12.84
CA ASN B 314 15.88 -13.10 -11.71
C ASN B 314 17.24 -13.79 -11.64
N GLY B 315 17.92 -13.62 -10.51
CA GLY B 315 19.22 -14.21 -10.32
C GLY B 315 19.20 -15.73 -10.23
N ILE B 316 20.38 -16.33 -10.28
CA ILE B 316 20.50 -17.78 -10.19
C ILE B 316 20.04 -18.29 -8.83
N GLY B 317 19.11 -19.22 -8.84
CA GLY B 317 18.61 -19.82 -7.62
C GLY B 317 17.24 -19.34 -7.20
N ILE B 318 16.56 -18.65 -8.11
CA ILE B 318 15.22 -18.14 -7.81
C ILE B 318 14.34 -18.10 -9.06
N GLY B 319 13.05 -18.35 -8.87
CA GLY B 319 12.09 -18.32 -9.96
C GLY B 319 12.43 -19.24 -11.10
N GLU B 320 12.66 -18.66 -12.27
CA GLU B 320 12.95 -19.43 -13.47
C GLU B 320 14.29 -20.17 -13.39
N PHE B 321 15.10 -19.82 -12.39
CA PHE B 321 16.41 -20.44 -12.24
C PHE B 321 16.59 -21.09 -10.88
N LYS B 322 15.49 -21.58 -10.31
CA LYS B 322 15.53 -22.22 -9.01
C LYS B 322 16.43 -23.46 -9.02
N ASP B 323 16.47 -24.15 -10.15
CA ASP B 323 17.23 -25.40 -10.26
C ASP B 323 18.62 -25.20 -10.87
N SER B 324 18.75 -24.24 -11.77
CA SER B 324 20.04 -23.93 -12.37
C SER B 324 20.99 -23.40 -11.30
N LEU B 325 22.14 -24.07 -11.15
CA LEU B 325 23.06 -23.75 -10.07
C LEU B 325 24.20 -22.82 -10.51
N SER B 326 24.21 -22.47 -11.78
CA SER B 326 25.23 -21.55 -12.29
C SER B 326 24.82 -20.97 -13.63
N ILE B 327 25.27 -19.75 -13.89
CA ILE B 327 24.99 -19.11 -15.17
C ILE B 327 25.62 -19.93 -16.30
N ASN B 328 24.78 -20.68 -17.01
CA ASN B 328 25.25 -21.55 -18.07
C ASN B 328 24.87 -21.05 -19.46
N ALA B 329 25.38 -21.72 -20.49
CA ALA B 329 25.15 -21.31 -21.87
C ALA B 329 23.68 -21.35 -22.25
N THR B 330 22.88 -22.05 -21.46
CA THR B 330 21.46 -22.18 -21.72
C THR B 330 20.66 -20.99 -21.18
N ASN B 331 20.79 -20.75 -19.87
CA ASN B 331 20.00 -19.71 -19.21
C ASN B 331 20.59 -18.30 -19.34
N ILE B 332 21.70 -18.19 -20.07
CA ILE B 332 22.37 -16.90 -20.22
C ILE B 332 21.62 -15.98 -21.18
N LYS B 333 20.70 -16.56 -21.95
CA LYS B 333 19.91 -15.80 -22.91
C LYS B 333 19.11 -14.72 -22.20
N HIS B 334 18.65 -15.06 -21.00
CA HIS B 334 17.75 -14.19 -20.25
C HIS B 334 18.49 -13.12 -19.45
N PHE B 335 19.76 -12.89 -19.79
CA PHE B 335 20.57 -11.90 -19.10
C PHE B 335 21.13 -10.85 -20.07
N LYS B 336 20.46 -10.69 -21.21
CA LYS B 336 20.95 -9.81 -22.26
C LYS B 336 21.12 -8.37 -21.78
N ASN B 337 20.01 -7.64 -21.66
CA ASN B 337 20.06 -6.25 -21.21
C ASN B 337 19.66 -6.08 -19.75
N CYS B 338 20.51 -6.56 -18.86
CA CYS B 338 20.25 -6.45 -17.43
C CYS B 338 21.09 -5.35 -16.79
N THR B 339 20.41 -4.43 -16.11
CA THR B 339 21.11 -3.39 -15.36
C THR B 339 21.01 -3.71 -13.87
N SER B 340 20.09 -4.59 -13.52
CA SER B 340 19.88 -4.97 -12.12
C SER B 340 19.54 -6.45 -12.01
N ILE B 341 20.35 -7.18 -11.26
CA ILE B 341 20.11 -8.60 -11.02
C ILE B 341 19.35 -8.81 -9.72
N SER B 342 18.04 -9.03 -9.83
CA SER B 342 17.19 -9.24 -8.68
C SER B 342 17.34 -10.66 -8.15
N GLY B 343 18.49 -10.94 -7.54
CA GLY B 343 18.80 -12.26 -7.03
C GLY B 343 20.29 -12.46 -6.88
N ASP B 344 20.77 -13.65 -7.20
CA ASP B 344 22.18 -13.97 -7.03
C ASP B 344 22.85 -14.31 -8.36
N LEU B 345 24.18 -14.27 -8.37
CA LEU B 345 24.94 -14.67 -9.55
C LEU B 345 25.93 -15.77 -9.18
N HIS B 346 25.85 -16.90 -9.90
CA HIS B 346 26.76 -18.01 -9.67
C HIS B 346 27.56 -18.32 -10.93
N ILE B 347 28.85 -17.99 -10.90
CA ILE B 347 29.75 -18.34 -12.00
C ILE B 347 30.60 -19.54 -11.61
N LEU B 348 30.12 -20.73 -11.95
CA LEU B 348 30.78 -21.97 -11.55
C LEU B 348 31.55 -22.61 -12.70
N PRO B 349 32.57 -23.41 -12.38
CA PRO B 349 33.39 -24.10 -13.38
C PRO B 349 32.56 -25.03 -14.26
N VAL B 350 31.46 -25.54 -13.71
CA VAL B 350 30.59 -26.46 -14.44
C VAL B 350 29.93 -25.77 -15.63
N ALA B 351 29.92 -24.45 -15.61
CA ALA B 351 29.30 -23.68 -16.69
C ALA B 351 30.20 -23.58 -17.90
N PHE B 352 31.51 -23.48 -17.67
CA PHE B 352 32.47 -23.32 -18.75
C PHE B 352 32.75 -24.63 -19.49
N ARG B 353 33.00 -25.69 -18.73
CA ARG B 353 33.32 -26.98 -19.32
C ARG B 353 32.06 -27.78 -19.64
N GLY B 354 30.91 -27.13 -19.55
CA GLY B 354 29.64 -27.77 -19.85
C GLY B 354 29.25 -28.83 -18.84
N ASP B 355 27.95 -29.14 -18.77
CA ASP B 355 27.44 -30.13 -17.84
C ASP B 355 26.59 -31.16 -18.56
N SER B 356 26.99 -32.43 -18.46
CA SER B 356 26.32 -33.51 -19.18
C SER B 356 25.15 -34.09 -18.40
N PHE B 357 24.98 -33.66 -17.15
CA PHE B 357 23.89 -34.17 -16.32
C PHE B 357 22.63 -33.35 -16.51
N THR B 358 22.80 -32.03 -16.61
CA THR B 358 21.67 -31.13 -16.82
C THR B 358 21.49 -30.85 -18.31
N HIS B 359 22.31 -31.50 -19.12
CA HIS B 359 22.21 -31.41 -20.58
C HIS B 359 22.37 -29.99 -21.08
N THR B 360 23.43 -29.33 -20.63
CA THR B 360 23.74 -27.98 -21.09
C THR B 360 25.16 -27.91 -21.64
N PRO B 361 25.32 -27.27 -22.81
CA PRO B 361 26.61 -27.12 -23.48
C PRO B 361 27.54 -26.19 -22.70
N PRO B 362 28.85 -26.28 -22.98
CA PRO B 362 29.85 -25.39 -22.39
C PRO B 362 29.55 -23.93 -22.69
N LEU B 363 30.03 -23.03 -21.83
CA LEU B 363 29.78 -21.61 -21.99
C LEU B 363 30.89 -20.92 -22.78
N ASP B 364 30.52 -20.10 -23.75
CA ASP B 364 31.48 -19.32 -24.50
C ASP B 364 31.89 -18.09 -23.70
N PRO B 365 33.15 -18.05 -23.25
CA PRO B 365 33.68 -16.95 -22.43
C PRO B 365 33.44 -15.59 -23.07
N GLN B 366 33.28 -15.56 -24.39
CA GLN B 366 33.00 -14.32 -25.10
C GLN B 366 31.61 -13.80 -24.71
N GLU B 367 30.78 -14.69 -24.18
CA GLU B 367 29.40 -14.35 -23.83
C GLU B 367 29.24 -13.82 -22.41
N LEU B 368 30.35 -13.65 -21.70
CA LEU B 368 30.28 -13.08 -20.35
C LEU B 368 30.30 -11.56 -20.39
N ASP B 369 30.63 -11.01 -21.55
CA ASP B 369 30.61 -9.56 -21.74
C ASP B 369 29.18 -9.05 -21.65
N ILE B 370 28.23 -9.97 -21.74
CA ILE B 370 26.81 -9.64 -21.63
C ILE B 370 26.53 -8.94 -20.30
N LEU B 371 27.27 -9.33 -19.27
CA LEU B 371 27.06 -8.82 -17.91
C LEU B 371 27.63 -7.42 -17.71
N LYS B 372 28.25 -6.87 -18.75
CA LYS B 372 28.83 -5.53 -18.64
C LYS B 372 27.76 -4.46 -18.51
N THR B 373 26.49 -4.85 -18.67
CA THR B 373 25.38 -3.92 -18.51
C THR B 373 24.84 -3.97 -17.09
N VAL B 374 25.17 -5.04 -16.36
CA VAL B 374 24.73 -5.20 -14.98
C VAL B 374 25.33 -4.12 -14.09
N LYS B 375 24.45 -3.31 -13.48
CA LYS B 375 24.89 -2.18 -12.67
C LYS B 375 24.89 -2.53 -11.18
N GLU B 376 23.85 -3.24 -10.74
CA GLU B 376 23.73 -3.63 -9.34
C GLU B 376 23.23 -5.05 -9.18
N ILE B 377 23.62 -5.71 -8.09
CA ILE B 377 23.15 -7.05 -7.78
C ILE B 377 22.56 -7.08 -6.38
N THR B 378 21.28 -7.43 -6.29
CA THR B 378 20.56 -7.40 -5.02
C THR B 378 21.08 -8.44 -4.04
N GLY B 379 21.26 -9.67 -4.51
CA GLY B 379 21.73 -10.75 -3.67
C GLY B 379 23.23 -10.73 -3.47
N PHE B 380 23.88 -11.84 -3.82
CA PHE B 380 25.33 -11.94 -3.71
C PHE B 380 25.97 -12.39 -5.02
N LEU B 381 27.27 -12.20 -5.12
CA LEU B 381 28.01 -12.58 -6.31
C LEU B 381 29.06 -13.64 -5.98
N LEU B 382 28.84 -14.85 -6.48
CA LEU B 382 29.75 -15.96 -6.25
C LEU B 382 30.47 -16.35 -7.53
N ILE B 383 31.80 -16.24 -7.50
CA ILE B 383 32.61 -16.59 -8.66
C ILE B 383 33.64 -17.64 -8.30
N GLN B 384 33.37 -18.90 -8.65
CA GLN B 384 34.29 -19.98 -8.36
C GLN B 384 35.13 -20.35 -9.58
N ALA B 385 34.75 -19.82 -10.73
CA ALA B 385 35.50 -20.04 -11.96
C ALA B 385 35.44 -18.81 -12.86
N TRP B 386 36.39 -18.71 -13.78
CA TRP B 386 36.48 -17.55 -14.65
C TRP B 386 37.52 -17.84 -15.74
N PRO B 387 37.24 -17.39 -16.98
CA PRO B 387 38.10 -17.67 -18.12
C PRO B 387 39.58 -17.41 -17.81
N GLU B 388 40.46 -18.28 -18.32
CA GLU B 388 41.88 -18.12 -18.10
C GLU B 388 42.48 -17.10 -19.07
N ASN B 389 42.00 -17.12 -20.31
CA ASN B 389 42.46 -16.16 -21.31
C ASN B 389 42.14 -14.72 -20.90
N ARG B 390 41.34 -14.58 -19.86
CA ARG B 390 41.04 -13.26 -19.30
C ARG B 390 41.79 -13.06 -17.98
N THR B 391 42.30 -11.85 -17.78
CA THR B 391 43.12 -11.55 -16.60
C THR B 391 42.40 -10.58 -15.69
N ASP B 392 41.09 -10.45 -15.87
CA ASP B 392 40.33 -9.43 -15.15
C ASP B 392 38.86 -9.82 -15.05
N LEU B 393 38.22 -9.41 -13.96
CA LEU B 393 36.77 -9.53 -13.84
C LEU B 393 36.12 -8.42 -14.67
N HIS B 394 36.22 -8.53 -15.98
CA HIS B 394 35.78 -7.49 -16.90
C HIS B 394 34.27 -7.35 -16.97
N ALA B 395 33.57 -8.48 -16.91
CA ALA B 395 32.11 -8.50 -17.05
C ALA B 395 31.42 -7.66 -15.98
N PHE B 396 32.12 -7.42 -14.88
CA PHE B 396 31.53 -6.68 -13.76
C PHE B 396 32.23 -5.34 -13.52
N GLU B 397 32.87 -4.81 -14.55
CA GLU B 397 33.56 -3.53 -14.43
C GLU B 397 32.59 -2.39 -14.18
N ASN B 398 31.31 -2.63 -14.48
CA ASN B 398 30.27 -1.63 -14.26
C ASN B 398 29.45 -1.92 -13.02
N LEU B 399 29.77 -3.01 -12.34
CA LEU B 399 29.08 -3.37 -11.10
C LEU B 399 29.32 -2.28 -10.06
N GLU B 400 28.25 -1.64 -9.63
CA GLU B 400 28.36 -0.52 -8.69
C GLU B 400 27.98 -0.92 -7.26
N ILE B 401 26.89 -1.67 -7.12
CA ILE B 401 26.39 -2.02 -5.80
C ILE B 401 26.04 -3.49 -5.66
N ILE B 402 26.42 -4.06 -4.51
CA ILE B 402 25.99 -5.40 -4.14
C ILE B 402 25.22 -5.30 -2.82
N ARG B 403 23.90 -5.46 -2.91
CA ARG B 403 23.02 -5.27 -1.77
C ARG B 403 23.20 -6.33 -0.69
N GLY B 404 23.40 -7.57 -1.11
CA GLY B 404 23.60 -8.67 -0.18
C GLY B 404 22.36 -9.03 0.60
N ARG B 405 21.18 -8.77 0.03
CA ARG B 405 19.93 -9.15 0.67
C ARG B 405 19.93 -10.65 0.92
N THR B 406 20.75 -11.37 0.16
CA THR B 406 20.96 -12.79 0.36
C THR B 406 22.45 -13.08 0.20
N LYS B 407 23.00 -13.91 1.09
CA LYS B 407 24.42 -14.19 1.08
C LYS B 407 24.68 -15.70 0.99
N GLN B 408 25.84 -16.06 0.45
CA GLN B 408 26.23 -17.47 0.36
C GLN B 408 26.41 -18.02 1.77
N HIS B 409 25.76 -19.15 2.05
CA HIS B 409 25.73 -19.73 3.38
C HIS B 409 25.13 -18.75 4.37
N GLY B 410 24.56 -17.67 3.85
CA GLY B 410 23.97 -16.63 4.69
C GLY B 410 25.00 -15.69 5.27
N GLN B 411 26.20 -15.69 4.68
CA GLN B 411 27.28 -14.86 5.20
C GLN B 411 27.94 -13.98 4.15
N PHE B 412 28.36 -14.59 3.05
CA PHE B 412 29.17 -13.88 2.06
C PHE B 412 28.35 -13.28 0.92
N SER B 413 28.55 -11.98 0.69
CA SER B 413 27.85 -11.28 -0.38
C SER B 413 28.75 -11.13 -1.60
N LEU B 414 30.05 -11.31 -1.40
CA LEU B 414 31.03 -11.25 -2.48
C LEU B 414 32.10 -12.30 -2.28
N ALA B 415 32.17 -13.26 -3.21
CA ALA B 415 33.12 -14.36 -3.09
C ALA B 415 33.90 -14.56 -4.38
N VAL B 416 35.20 -14.28 -4.33
CA VAL B 416 36.07 -14.49 -5.48
C VAL B 416 37.20 -15.43 -5.07
N VAL B 417 37.08 -16.70 -5.47
CA VAL B 417 38.03 -17.71 -5.05
C VAL B 417 38.44 -18.65 -6.17
N SER B 418 39.62 -19.25 -6.02
CA SER B 418 40.12 -20.25 -6.96
C SER B 418 40.17 -19.73 -8.39
N LEU B 419 40.74 -18.54 -8.56
CA LEU B 419 40.80 -17.93 -9.89
C LEU B 419 42.22 -17.57 -10.33
N ASN B 420 42.39 -17.44 -11.64
CA ASN B 420 43.70 -17.17 -12.22
C ASN B 420 43.87 -15.68 -12.55
N ILE B 421 42.95 -14.86 -12.05
CA ILE B 421 42.98 -13.43 -12.31
C ILE B 421 44.22 -12.78 -11.71
N THR B 422 44.66 -11.67 -12.31
CA THR B 422 45.80 -10.93 -11.79
C THR B 422 45.34 -9.66 -11.07
N SER B 423 44.11 -9.24 -11.37
CA SER B 423 43.55 -8.04 -10.77
C SER B 423 42.02 -8.09 -10.75
N LEU B 424 41.43 -7.74 -9.62
CA LEU B 424 39.98 -7.73 -9.48
C LEU B 424 39.29 -7.00 -10.64
N GLY B 425 39.50 -5.68 -10.71
CA GLY B 425 38.98 -4.89 -11.81
C GLY B 425 37.56 -4.40 -11.60
N LEU B 426 37.15 -4.31 -10.35
CA LEU B 426 35.82 -3.80 -10.01
C LEU B 426 35.89 -2.31 -9.75
N ARG B 427 36.28 -1.56 -10.78
CA ARG B 427 36.52 -0.12 -10.66
C ARG B 427 35.25 0.71 -10.49
N SER B 428 34.09 0.04 -10.52
CA SER B 428 32.82 0.74 -10.36
C SER B 428 32.15 0.40 -9.03
N LEU B 429 32.64 -0.64 -8.36
CA LEU B 429 32.08 -1.08 -7.09
C LEU B 429 32.19 0.02 -6.04
N LYS B 430 31.05 0.57 -5.64
CA LYS B 430 31.02 1.69 -4.71
C LYS B 430 30.47 1.31 -3.34
N GLU B 431 29.60 0.30 -3.31
CA GLU B 431 29.02 -0.13 -2.04
C GLU B 431 28.67 -1.62 -2.00
N ILE B 432 29.02 -2.26 -0.90
CA ILE B 432 28.59 -3.62 -0.61
C ILE B 432 27.69 -3.59 0.62
N SER B 433 26.40 -3.33 0.40
CA SER B 433 25.45 -3.04 1.47
C SER B 433 25.57 -3.93 2.71
N ASP B 434 25.74 -5.23 2.51
CA ASP B 434 25.80 -6.18 3.62
C ASP B 434 26.56 -7.43 3.22
N GLY B 435 26.79 -8.32 4.18
CA GLY B 435 27.50 -9.56 3.91
C GLY B 435 29.00 -9.41 4.01
N ASP B 436 29.70 -10.53 4.02
CA ASP B 436 31.16 -10.51 4.11
C ASP B 436 31.82 -10.70 2.75
N VAL B 437 33.05 -10.22 2.62
CA VAL B 437 33.79 -10.35 1.38
C VAL B 437 34.93 -11.35 1.54
N ILE B 438 34.94 -12.37 0.69
CA ILE B 438 36.01 -13.35 0.72
C ILE B 438 36.70 -13.46 -0.65
N ILE B 439 37.97 -13.08 -0.68
CA ILE B 439 38.75 -13.15 -1.90
C ILE B 439 40.03 -13.94 -1.62
N SER B 440 39.95 -15.26 -1.83
CA SER B 440 41.06 -16.14 -1.51
C SER B 440 41.29 -17.16 -2.61
N GLY B 441 42.21 -18.09 -2.37
CA GLY B 441 42.54 -19.11 -3.34
C GLY B 441 42.93 -18.53 -4.68
N ASN B 442 43.37 -17.27 -4.65
CA ASN B 442 43.76 -16.57 -5.87
C ASN B 442 45.28 -16.39 -5.93
N LYS B 443 45.93 -17.21 -6.75
CA LYS B 443 47.38 -17.21 -6.86
C LYS B 443 47.92 -15.85 -7.26
N ASN B 444 47.44 -15.36 -8.41
CA ASN B 444 48.01 -14.16 -9.01
C ASN B 444 47.27 -12.87 -8.72
N LEU B 445 46.77 -12.72 -7.50
CA LEU B 445 46.04 -11.51 -7.13
C LEU B 445 46.90 -10.62 -6.23
N CYS B 446 47.15 -9.40 -6.66
CA CYS B 446 48.11 -8.53 -5.97
C CYS B 446 47.53 -7.18 -5.51
N TYR B 447 46.30 -6.88 -5.93
CA TYR B 447 45.71 -5.58 -5.61
C TYR B 447 44.57 -5.70 -4.62
N ALA B 448 44.25 -6.93 -4.23
CA ALA B 448 43.08 -7.19 -3.39
C ALA B 448 43.10 -6.49 -2.04
N ASN B 449 44.19 -6.66 -1.29
CA ASN B 449 44.25 -6.18 0.09
C ASN B 449 44.54 -4.69 0.23
N THR B 450 44.65 -3.99 -0.89
CA THR B 450 44.97 -2.58 -0.87
C THR B 450 43.73 -1.70 -0.67
N ILE B 451 42.57 -2.22 -1.08
CA ILE B 451 41.31 -1.49 -0.96
C ILE B 451 40.83 -1.40 0.48
N ASN B 452 40.40 -0.21 0.89
CA ASN B 452 39.77 -0.03 2.19
C ASN B 452 38.32 -0.50 2.14
N TRP B 453 38.10 -1.77 2.44
CA TRP B 453 36.78 -2.38 2.32
C TRP B 453 35.76 -1.80 3.31
N LYS B 454 36.24 -1.33 4.45
CA LYS B 454 35.35 -0.75 5.46
C LYS B 454 34.54 0.40 4.86
N LYS B 455 35.14 1.12 3.93
CA LYS B 455 34.47 2.22 3.25
C LYS B 455 33.30 1.70 2.41
N LEU B 456 33.46 0.51 1.85
CA LEU B 456 32.48 -0.06 0.95
C LEU B 456 31.29 -0.68 1.69
N PHE B 457 31.53 -1.10 2.93
CA PHE B 457 30.49 -1.77 3.71
C PHE B 457 29.41 -0.81 4.18
N GLY B 458 28.28 -1.36 4.60
CA GLY B 458 27.14 -0.55 5.01
C GLY B 458 26.41 -1.06 6.25
N THR B 459 26.84 -2.20 6.77
CA THR B 459 26.22 -2.76 7.96
C THR B 459 27.28 -3.06 9.03
N SER B 460 26.83 -3.34 10.25
CA SER B 460 27.75 -3.61 11.35
C SER B 460 28.38 -4.99 11.22
N GLY B 461 29.68 -5.05 11.47
CA GLY B 461 30.39 -6.32 11.55
C GLY B 461 30.65 -7.00 10.22
N GLN B 462 30.67 -6.22 9.14
CA GLN B 462 31.01 -6.78 7.83
C GLN B 462 32.49 -7.10 7.80
N LYS B 463 32.81 -8.37 7.60
CA LYS B 463 34.19 -8.84 7.64
C LYS B 463 34.79 -8.95 6.24
N THR B 464 36.10 -9.14 6.18
CA THR B 464 36.79 -9.26 4.90
C THR B 464 37.87 -10.34 4.96
N LYS B 465 37.65 -11.43 4.22
CA LYS B 465 38.57 -12.56 4.23
C LYS B 465 39.40 -12.61 2.95
N ILE B 466 40.59 -12.05 3.00
CA ILE B 466 41.49 -12.03 1.84
C ILE B 466 42.81 -12.73 2.17
N ILE B 467 42.88 -14.03 1.91
CA ILE B 467 44.06 -14.81 2.19
C ILE B 467 44.53 -15.61 0.98
N SER B 468 45.74 -16.16 1.07
CA SER B 468 46.29 -17.00 0.01
C SER B 468 46.29 -16.29 -1.35
N ASN B 469 46.61 -15.01 -1.34
CA ASN B 469 46.76 -14.24 -2.57
C ASN B 469 48.22 -13.82 -2.77
N ARG B 470 49.00 -14.71 -3.38
CA ARG B 470 50.43 -14.52 -3.52
C ARG B 470 50.80 -13.11 -3.97
N GLY B 471 51.47 -12.36 -3.10
CA GLY B 471 52.00 -11.07 -3.48
C GLY B 471 51.66 -9.91 -2.56
N GLU B 472 52.20 -9.94 -1.35
CA GLU B 472 52.14 -8.78 -0.46
C GLU B 472 53.42 -7.97 -0.66
N ASN B 473 54.53 -8.69 -0.80
CA ASN B 473 55.81 -8.10 -1.12
C ASN B 473 56.37 -8.72 -2.40
N SER B 474 55.72 -9.78 -2.86
CA SER B 474 56.08 -10.43 -4.10
C SER B 474 55.51 -9.64 -5.29
N CYS B 475 54.31 -9.12 -5.10
CA CYS B 475 53.68 -8.28 -6.13
C CYS B 475 54.44 -6.97 -6.28
N LYS B 476 54.86 -6.39 -5.16
CA LYS B 476 55.60 -5.14 -5.19
C LYS B 476 56.94 -5.34 -5.87
N ALA B 477 57.42 -6.58 -5.88
CA ALA B 477 58.68 -6.92 -6.54
C ALA B 477 58.51 -6.86 -8.05
N THR B 478 57.32 -7.23 -8.52
CA THR B 478 57.02 -7.18 -9.95
C THR B 478 56.40 -5.83 -10.31
N GLY B 479 56.50 -4.88 -9.37
CA GLY B 479 55.98 -3.54 -9.59
C GLY B 479 54.49 -3.52 -9.86
N GLN B 480 53.76 -4.42 -9.19
CA GLN B 480 52.32 -4.51 -9.37
C GLN B 480 51.57 -3.92 -8.18
N VAL B 481 51.84 -2.66 -7.90
CA VAL B 481 51.15 -1.94 -6.83
C VAL B 481 50.30 -0.82 -7.43
N CYS B 482 49.67 -0.04 -6.56
CA CYS B 482 48.82 1.06 -7.02
C CYS B 482 49.63 2.09 -7.79
N HIS B 483 49.01 2.67 -8.81
CA HIS B 483 49.66 3.71 -9.61
C HIS B 483 50.05 4.89 -8.73
N ALA B 484 50.82 5.81 -9.29
CA ALA B 484 51.26 6.98 -8.54
C ALA B 484 50.12 7.98 -8.38
N LEU B 485 49.07 7.81 -9.16
CA LEU B 485 47.92 8.72 -9.12
C LEU B 485 46.74 8.06 -8.41
N CYS B 486 47.03 7.19 -7.46
CA CYS B 486 46.00 6.51 -6.69
C CYS B 486 46.07 6.90 -5.22
N SER B 487 45.02 7.57 -4.74
CA SER B 487 44.92 7.94 -3.34
C SER B 487 45.08 6.70 -2.46
N PRO B 488 45.58 6.88 -1.23
CA PRO B 488 45.79 5.79 -0.27
C PRO B 488 44.55 4.91 -0.06
N GLU B 489 43.42 5.29 -0.64
CA GLU B 489 42.20 4.51 -0.52
C GLU B 489 42.38 3.10 -1.10
N GLY B 490 43.34 2.95 -2.00
CA GLY B 490 43.61 1.68 -2.64
C GLY B 490 43.38 1.73 -4.13
N CYS B 491 43.44 0.58 -4.79
CA CYS B 491 43.24 0.52 -6.24
C CYS B 491 42.85 -0.87 -6.71
N TRP B 492 41.90 -0.92 -7.64
CA TRP B 492 41.44 -2.18 -8.21
C TRP B 492 42.34 -2.66 -9.34
N GLY B 493 43.57 -2.14 -9.39
CA GLY B 493 44.51 -2.52 -10.41
C GLY B 493 45.65 -1.51 -10.59
N PRO B 494 46.47 -1.71 -11.63
CA PRO B 494 47.67 -0.91 -11.88
C PRO B 494 47.29 0.38 -12.56
N GLU B 495 46.49 0.27 -13.60
CA GLU B 495 46.07 1.39 -14.43
C GLU B 495 45.50 2.52 -13.57
N PRO B 496 45.68 3.77 -14.02
CA PRO B 496 45.19 4.95 -13.31
C PRO B 496 43.66 4.94 -13.21
N ARG B 497 43.01 4.20 -14.10
CA ARG B 497 41.56 4.07 -14.07
C ARG B 497 41.11 3.11 -12.98
N ASP B 498 42.05 2.29 -12.50
CA ASP B 498 41.75 1.29 -11.49
C ASP B 498 41.87 1.86 -10.08
N CYS B 499 41.81 3.18 -9.97
CA CYS B 499 41.93 3.84 -8.66
C CYS B 499 40.56 4.06 -8.02
N VAL B 500 40.54 4.05 -6.69
CA VAL B 500 39.32 4.35 -5.95
C VAL B 500 39.11 5.86 -5.90
N SER B 501 40.05 6.55 -5.24
CA SER B 501 40.07 8.00 -5.22
C SER B 501 41.39 8.49 -5.81
N CYS B 502 41.38 9.69 -6.38
CA CYS B 502 42.56 10.22 -7.05
C CYS B 502 43.48 11.00 -6.12
N ARG B 503 44.73 11.16 -6.53
CA ARG B 503 45.71 11.92 -5.77
C ARG B 503 45.52 13.41 -5.98
N ASN B 504 45.50 13.82 -7.24
CA ASN B 504 45.31 15.22 -7.59
C ASN B 504 43.96 15.47 -8.25
N VAL B 505 43.86 15.15 -9.54
CA VAL B 505 42.63 15.33 -10.29
C VAL B 505 42.31 14.12 -11.13
N SER B 506 41.37 14.27 -12.07
CA SER B 506 40.94 13.15 -12.91
C SER B 506 40.35 13.60 -14.24
N ARG B 507 40.54 12.76 -15.26
CA ARG B 507 39.98 13.03 -16.58
C ARG B 507 38.87 12.02 -16.88
N GLY B 508 37.79 12.09 -16.12
CA GLY B 508 36.68 11.17 -16.29
C GLY B 508 36.82 9.92 -15.45
N ARG B 509 37.25 8.83 -16.08
CA ARG B 509 37.38 7.55 -15.39
C ARG B 509 38.85 7.25 -15.07
N GLU B 510 39.71 8.23 -15.28
CA GLU B 510 41.15 8.06 -15.07
C GLU B 510 41.74 9.19 -14.25
N CYS B 511 42.74 8.85 -13.43
CA CYS B 511 43.42 9.86 -12.61
C CYS B 511 44.59 10.48 -13.35
N VAL B 512 44.89 11.73 -13.04
CA VAL B 512 46.00 12.44 -13.67
C VAL B 512 46.76 13.29 -12.67
N ASP B 513 47.91 13.82 -13.09
CA ASP B 513 48.77 14.59 -12.19
C ASP B 513 48.35 16.05 -12.10
N LYS B 514 47.76 16.58 -13.17
CA LYS B 514 47.27 17.96 -13.16
C LYS B 514 46.39 18.26 -14.37
N CYS B 515 45.40 19.12 -14.17
CA CYS B 515 44.49 19.51 -15.24
C CYS B 515 45.21 20.35 -16.28
N LYS B 516 44.69 20.35 -17.50
CA LYS B 516 45.31 21.10 -18.58
C LYS B 516 44.99 22.59 -18.52
N LEU B 517 45.46 23.24 -17.46
CA LEU B 517 45.38 24.69 -17.33
C LEU B 517 46.61 25.31 -17.98
N LEU B 518 46.45 26.51 -18.52
CA LEU B 518 47.55 27.21 -19.19
C LEU B 518 47.91 26.56 -20.53
N GLU B 519 48.44 25.34 -20.47
CA GLU B 519 48.87 24.63 -21.67
C GLU B 519 47.95 23.47 -22.02
N GLY B 520 48.48 22.48 -22.72
CA GLY B 520 47.71 21.32 -23.12
C GLY B 520 47.06 21.52 -24.48
N GLU B 521 46.40 20.48 -24.98
CA GLU B 521 45.69 20.58 -26.25
C GLU B 521 44.26 21.08 -26.03
N PRO B 522 43.50 20.41 -25.13
CA PRO B 522 42.20 20.94 -24.73
C PRO B 522 42.30 21.77 -23.45
N ARG B 523 41.77 22.98 -23.47
CA ARG B 523 41.75 23.82 -22.29
C ARG B 523 40.77 23.25 -21.27
N GLU B 524 41.10 23.34 -19.99
CA GLU B 524 40.27 22.76 -18.95
C GLU B 524 40.17 23.64 -17.70
N PHE B 525 39.27 23.28 -16.80
CA PHE B 525 39.13 23.96 -15.51
C PHE B 525 38.93 22.95 -14.40
N VAL B 526 39.03 23.40 -13.15
CA VAL B 526 39.02 22.49 -12.01
C VAL B 526 37.87 22.74 -11.03
N GLU B 527 37.05 21.70 -10.84
CA GLU B 527 36.00 21.73 -9.83
C GLU B 527 35.78 20.32 -9.28
N ASN B 528 35.89 20.18 -7.97
CA ASN B 528 35.78 18.88 -7.31
C ASN B 528 36.84 17.90 -7.81
N SER B 529 38.00 18.45 -8.17
CA SER B 529 39.14 17.64 -8.60
C SER B 529 38.88 16.92 -9.93
N GLU B 530 38.06 17.53 -10.78
CA GLU B 530 37.77 16.97 -12.09
C GLU B 530 38.17 17.94 -13.21
N CYS B 531 38.68 17.39 -14.31
CA CYS B 531 39.11 18.20 -15.44
C CYS B 531 38.07 18.19 -16.56
N ILE B 532 37.41 19.32 -16.76
CA ILE B 532 36.41 19.45 -17.81
C ILE B 532 36.91 20.38 -18.91
N GLN B 533 36.69 19.99 -20.16
CA GLN B 533 37.13 20.79 -21.30
C GLN B 533 36.34 22.09 -21.39
N CYS B 534 37.02 23.14 -21.84
CA CYS B 534 36.37 24.43 -22.06
C CYS B 534 35.66 24.42 -23.40
N HIS B 535 34.56 25.16 -23.49
CA HIS B 535 33.81 25.26 -24.74
C HIS B 535 34.78 25.61 -25.87
N PRO B 536 34.67 24.89 -26.99
CA PRO B 536 35.57 25.06 -28.15
C PRO B 536 35.78 26.52 -28.54
N GLU B 537 34.82 27.38 -28.25
CA GLU B 537 34.90 28.79 -28.60
C GLU B 537 35.67 29.60 -27.56
N CYS B 538 36.59 28.94 -26.87
CA CYS B 538 37.44 29.63 -25.90
C CYS B 538 38.87 29.74 -26.41
N LEU B 539 39.33 30.96 -26.62
CA LEU B 539 40.66 31.21 -27.16
C LEU B 539 41.73 30.66 -26.22
N PRO B 540 42.61 29.79 -26.76
CA PRO B 540 43.73 29.21 -26.03
C PRO B 540 44.60 30.28 -25.37
N GLN B 541 44.51 30.39 -24.05
CA GLN B 541 45.29 31.37 -23.31
C GLN B 541 46.65 30.80 -22.92
N ALA B 542 47.71 31.33 -23.52
CA ALA B 542 49.07 30.88 -23.24
C ALA B 542 49.62 31.53 -21.97
N MET B 543 48.89 32.52 -21.46
CA MET B 543 49.29 33.22 -20.25
C MET B 543 48.62 32.64 -19.01
N ASN B 544 47.42 33.13 -18.71
CA ASN B 544 46.67 32.67 -17.55
C ASN B 544 45.78 31.47 -17.91
N ILE B 545 44.70 31.31 -17.16
CA ILE B 545 43.74 30.23 -17.42
C ILE B 545 42.96 30.53 -18.69
N THR B 546 42.04 29.64 -19.05
CA THR B 546 41.27 29.78 -20.28
C THR B 546 39.78 30.05 -20.00
N CYS B 547 39.19 29.27 -19.10
CA CYS B 547 37.78 29.43 -18.78
C CYS B 547 37.50 29.10 -17.30
N THR B 548 36.27 29.38 -16.87
CA THR B 548 35.87 29.10 -15.50
C THR B 548 34.60 28.26 -15.46
N GLY B 549 34.33 27.57 -16.55
CA GLY B 549 33.15 26.72 -16.65
C GLY B 549 33.07 26.00 -17.98
N ARG B 550 32.03 25.18 -18.14
CA ARG B 550 31.84 24.41 -19.36
C ARG B 550 31.32 25.28 -20.50
N GLY B 551 30.31 26.08 -20.20
CA GLY B 551 29.66 26.91 -21.20
C GLY B 551 30.54 28.03 -21.73
N PRO B 552 30.23 28.52 -22.94
CA PRO B 552 30.95 29.61 -23.60
C PRO B 552 30.81 30.93 -22.86
N ASP B 553 30.05 30.91 -21.76
CA ASP B 553 29.78 32.12 -20.98
C ASP B 553 30.96 32.46 -20.06
N ASN B 554 31.79 31.48 -19.78
CA ASN B 554 32.88 31.64 -18.82
C ASN B 554 34.26 31.79 -19.47
N CYS B 555 34.27 32.00 -20.78
CA CYS B 555 35.52 32.17 -21.51
C CYS B 555 36.14 33.52 -21.18
N ILE B 556 37.47 33.60 -21.29
CA ILE B 556 38.19 34.85 -21.07
C ILE B 556 38.28 35.64 -22.38
N GLN B 557 38.15 34.93 -23.49
CA GLN B 557 38.14 35.55 -24.80
C GLN B 557 37.67 34.56 -25.87
N CYS B 558 36.72 35.00 -26.70
CA CYS B 558 36.15 34.14 -27.73
C CYS B 558 37.15 33.83 -28.84
N ALA B 559 36.95 32.70 -29.51
CA ALA B 559 37.84 32.28 -30.60
C ALA B 559 37.42 32.91 -31.92
N HIS B 560 36.12 33.18 -32.06
CA HIS B 560 35.59 33.80 -33.26
C HIS B 560 34.78 35.04 -32.94
N TYR B 561 33.45 34.92 -33.03
CA TYR B 561 32.57 36.04 -32.76
C TYR B 561 31.93 35.93 -31.38
N ILE B 562 31.29 37.01 -30.94
CA ILE B 562 30.65 37.03 -29.63
C ILE B 562 29.22 37.57 -29.69
N ASP B 563 28.25 36.66 -29.59
CA ASP B 563 26.84 37.05 -29.57
C ASP B 563 26.37 37.25 -28.15
N GLY B 564 26.58 38.46 -27.63
CA GLY B 564 26.20 38.77 -26.27
C GLY B 564 27.02 37.98 -25.26
N PRO B 565 26.34 37.48 -24.22
CA PRO B 565 26.97 36.71 -23.13
C PRO B 565 27.67 35.45 -23.63
N HIS B 566 27.16 34.86 -24.71
CA HIS B 566 27.70 33.59 -25.21
C HIS B 566 28.81 33.81 -26.24
N CYS B 567 29.69 32.81 -26.37
CA CYS B 567 30.72 32.81 -27.40
C CYS B 567 30.31 31.89 -28.54
N VAL B 568 30.01 32.49 -29.70
CA VAL B 568 29.50 31.73 -30.83
C VAL B 568 30.56 31.57 -31.92
N LYS B 569 30.42 30.51 -32.72
CA LYS B 569 31.32 30.27 -33.84
C LYS B 569 30.97 31.19 -35.00
N THR B 570 29.68 31.33 -35.28
CA THR B 570 29.18 32.22 -36.33
C THR B 570 27.86 32.84 -35.89
N CYS B 571 27.74 34.15 -36.05
CA CYS B 571 26.52 34.86 -35.67
C CYS B 571 25.28 34.20 -36.28
N PRO B 572 24.22 34.05 -35.47
CA PRO B 572 22.97 33.41 -35.89
C PRO B 572 22.48 33.94 -37.23
N ALA B 573 21.88 33.06 -38.03
CA ALA B 573 21.37 33.43 -39.34
C ALA B 573 20.24 32.52 -39.79
N GLY B 574 19.17 32.47 -39.00
CA GLY B 574 18.02 31.64 -39.32
C GLY B 574 17.37 31.04 -38.08
N VAL B 575 17.72 31.58 -36.91
CA VAL B 575 17.19 31.09 -35.65
C VAL B 575 15.76 31.59 -35.41
N MET B 576 14.89 30.70 -34.95
CA MET B 576 13.51 31.05 -34.66
C MET B 576 13.41 32.11 -33.58
N GLY B 577 12.49 33.05 -33.75
CA GLY B 577 12.29 34.10 -32.77
C GLY B 577 10.83 34.26 -32.38
N GLU B 578 10.48 35.46 -31.92
CA GLU B 578 9.10 35.75 -31.53
C GLU B 578 8.25 36.08 -32.74
N ASN B 579 6.95 35.81 -32.63
CA ASN B 579 6.00 36.09 -33.72
C ASN B 579 6.43 35.44 -35.03
N ASN B 580 7.11 34.30 -34.93
CA ASN B 580 7.53 33.55 -36.11
C ASN B 580 8.50 34.32 -37.00
N THR B 581 9.09 35.39 -36.46
CA THR B 581 10.05 36.20 -37.20
C THR B 581 11.45 35.62 -37.08
N LEU B 582 12.10 35.40 -38.22
CA LEU B 582 13.46 34.86 -38.24
C LEU B 582 14.44 35.82 -37.59
N VAL B 583 15.70 35.37 -37.46
CA VAL B 583 16.73 36.18 -36.82
C VAL B 583 18.04 36.17 -37.62
N TRP B 584 18.50 37.35 -38.00
CA TRP B 584 19.77 37.50 -38.71
C TRP B 584 20.65 38.52 -38.01
N LYS B 585 21.92 38.18 -37.82
CA LYS B 585 22.84 39.09 -37.16
C LYS B 585 24.12 39.31 -37.96
N TYR B 586 24.95 40.24 -37.51
CA TYR B 586 26.19 40.56 -38.20
C TYR B 586 27.32 40.84 -37.21
N ALA B 587 28.56 40.65 -37.66
CA ALA B 587 29.72 40.91 -36.81
C ALA B 587 30.32 42.27 -37.13
N ASP B 588 30.39 43.14 -36.11
CA ASP B 588 30.90 44.49 -36.30
C ASP B 588 32.40 44.56 -36.09
N ALA B 589 32.84 45.56 -35.33
CA ALA B 589 34.27 45.79 -35.11
C ALA B 589 34.87 44.76 -34.16
N GLY B 590 34.39 44.75 -32.92
CA GLY B 590 34.88 43.82 -31.91
C GLY B 590 34.26 42.46 -32.03
N HIS B 591 33.93 42.06 -33.25
CA HIS B 591 33.31 40.76 -33.52
C HIS B 591 32.04 40.54 -32.70
N VAL B 592 31.35 41.63 -32.38
CA VAL B 592 30.11 41.55 -31.61
C VAL B 592 28.92 41.31 -32.53
N CYS B 593 27.98 40.49 -32.10
CA CYS B 593 26.81 40.15 -32.89
C CYS B 593 25.63 41.07 -32.59
N HIS B 594 25.14 41.75 -33.61
CA HIS B 594 23.99 42.64 -33.47
C HIS B 594 22.90 42.27 -34.46
N LEU B 595 21.65 42.38 -34.04
CA LEU B 595 20.52 42.09 -34.92
C LEU B 595 20.54 42.98 -36.15
N CYS B 596 20.16 42.41 -37.29
CA CYS B 596 20.08 43.19 -38.52
C CYS B 596 18.79 44.00 -38.53
N HIS B 597 18.48 44.60 -39.68
CA HIS B 597 17.25 45.37 -39.81
C HIS B 597 16.08 44.45 -40.13
N PRO B 598 14.93 44.67 -39.47
CA PRO B 598 13.74 43.84 -39.64
C PRO B 598 13.44 43.50 -41.10
N ASN B 599 13.60 44.48 -41.99
CA ASN B 599 13.34 44.26 -43.40
C ASN B 599 14.22 43.16 -44.01
N CYS B 600 15.53 43.24 -43.79
CA CYS B 600 16.46 42.27 -44.35
C CYS B 600 15.98 40.84 -44.14
N THR B 601 15.49 40.24 -45.23
CA THR B 601 15.01 38.87 -45.19
C THR B 601 16.12 37.88 -45.53
N TYR B 602 16.99 38.27 -46.46
CA TYR B 602 18.11 37.44 -46.88
C TYR B 602 19.33 37.70 -46.01
N GLY B 603 19.11 38.15 -44.78
CA GLY B 603 20.19 38.50 -43.88
C GLY B 603 20.82 39.83 -44.28
N CYS B 604 21.88 40.20 -43.57
CA CYS B 604 22.59 41.44 -43.86
C CYS B 604 24.03 41.39 -43.40
N THR B 605 24.91 42.04 -44.16
CA THR B 605 26.34 42.08 -43.82
C THR B 605 26.69 43.40 -43.15
N GLY B 606 25.68 44.18 -42.80
CA GLY B 606 25.87 45.47 -42.16
C GLY B 606 24.61 46.00 -41.53
N PRO B 607 24.74 47.05 -40.71
CA PRO B 607 23.62 47.66 -39.99
C PRO B 607 22.57 48.24 -40.93
N GLY B 608 21.30 47.89 -40.72
CA GLY B 608 20.21 48.44 -41.50
C GLY B 608 20.26 48.10 -42.98
N LEU B 609 19.51 48.85 -43.77
CA LEU B 609 19.45 48.64 -45.22
C LEU B 609 20.80 48.95 -45.87
N GLU B 610 21.52 49.90 -45.28
CA GLU B 610 22.84 50.27 -45.77
C GLU B 610 23.85 49.14 -45.57
N GLY B 611 23.36 48.01 -45.09
CA GLY B 611 24.22 46.86 -44.85
C GLY B 611 23.89 45.68 -45.74
N CYS B 612 22.62 45.57 -46.14
CA CYS B 612 22.18 44.51 -47.03
C CYS B 612 21.81 45.07 -48.40
N PRO B 613 22.80 45.22 -49.28
CA PRO B 613 22.63 45.80 -50.62
C PRO B 613 21.72 44.96 -51.51
N THR B 614 21.63 45.34 -52.77
CA THR B 614 20.82 44.61 -53.75
C THR B 614 21.34 44.83 -55.16
N GLU C 1 -38.01 33.84 25.04
CA GLU C 1 -37.48 34.81 25.99
C GLU C 1 -36.04 34.50 26.38
N CYS C 2 -35.18 34.35 25.37
CA CYS C 2 -33.76 34.13 25.60
C CYS C 2 -33.02 35.47 25.51
N PRO C 3 -31.78 35.52 26.02
CA PRO C 3 -31.02 36.77 26.04
C PRO C 3 -30.79 37.32 24.64
N LEU C 4 -30.22 38.53 24.56
CA LEU C 4 -29.87 39.11 23.27
C LEU C 4 -28.87 38.24 22.53
N SER C 5 -28.03 37.53 23.28
CA SER C 5 -27.00 36.68 22.71
C SER C 5 -27.61 35.60 21.83
N HIS C 6 -28.56 34.85 22.38
CA HIS C 6 -29.23 33.79 21.64
C HIS C 6 -30.37 34.33 20.79
N ASP C 7 -30.32 35.64 20.51
CA ASP C 7 -31.29 36.24 19.62
C ASP C 7 -30.93 35.89 18.18
N GLY C 8 -31.84 35.21 17.49
CA GLY C 8 -31.56 34.73 16.16
C GLY C 8 -30.77 33.43 16.20
N TYR C 9 -30.82 32.77 17.34
CA TYR C 9 -30.17 31.48 17.52
C TYR C 9 -30.93 30.39 16.78
N CYS C 10 -32.25 30.53 16.74
CA CYS C 10 -33.11 29.57 16.05
C CYS C 10 -33.49 30.07 14.66
N LEU C 11 -33.37 29.20 13.67
CA LEU C 11 -33.64 29.56 12.28
C LEU C 11 -35.03 29.09 11.85
N HIS C 12 -35.44 29.49 10.66
CA HIS C 12 -36.73 29.09 10.09
C HIS C 12 -37.90 29.31 11.04
N ASP C 13 -37.96 30.52 11.60
CA ASP C 13 -39.07 30.93 12.46
C ASP C 13 -39.24 30.04 13.70
N GLY C 14 -38.14 29.45 14.15
CA GLY C 14 -38.15 28.69 15.39
C GLY C 14 -38.05 29.64 16.57
N VAL C 15 -38.43 29.17 17.74
CA VAL C 15 -38.37 30.02 18.94
C VAL C 15 -37.40 29.47 19.97
N CYS C 16 -36.46 30.32 20.39
CA CYS C 16 -35.52 29.96 21.44
C CYS C 16 -36.25 29.87 22.77
N MET C 17 -35.80 28.96 23.64
CA MET C 17 -36.44 28.74 24.92
C MET C 17 -35.43 28.36 25.99
N TYR C 18 -35.61 28.90 27.19
CA TYR C 18 -34.72 28.58 28.30
C TYR C 18 -35.26 27.43 29.15
N ILE C 19 -34.55 26.31 29.12
CA ILE C 19 -34.92 25.15 29.91
C ILE C 19 -34.28 25.26 31.29
N GLU C 20 -35.04 25.78 32.25
CA GLU C 20 -34.52 26.01 33.58
C GLU C 20 -34.12 24.70 34.27
N ALA C 21 -34.78 23.62 33.87
CA ALA C 21 -34.51 22.30 34.44
C ALA C 21 -33.05 21.88 34.22
N LEU C 22 -32.52 22.18 33.05
CA LEU C 22 -31.15 21.80 32.71
C LEU C 22 -30.23 23.02 32.63
N ASP C 23 -30.80 24.20 32.79
CA ASP C 23 -30.04 25.45 32.67
C ASP C 23 -29.38 25.57 31.31
N LYS C 24 -30.14 25.27 30.26
CA LYS C 24 -29.65 25.35 28.90
C LYS C 24 -30.62 26.15 28.00
N TYR C 25 -30.17 26.46 26.80
CA TYR C 25 -31.02 27.10 25.80
C TYR C 25 -31.22 26.15 24.63
N ALA C 26 -32.48 26.00 24.20
CA ALA C 26 -32.79 25.11 23.09
C ALA C 26 -33.76 25.78 22.12
N CYS C 27 -33.98 25.15 20.98
CA CYS C 27 -34.86 25.69 19.97
C CYS C 27 -36.14 24.88 19.83
N ASN C 28 -37.26 25.57 19.61
CA ASN C 28 -38.51 24.90 19.29
C ASN C 28 -38.82 25.12 17.82
N CYS C 29 -38.23 24.29 16.97
CA CYS C 29 -38.36 24.45 15.53
C CYS C 29 -39.79 24.27 15.07
N VAL C 30 -40.15 24.94 13.99
CA VAL C 30 -41.47 24.75 13.39
C VAL C 30 -41.50 23.39 12.67
N VAL C 31 -42.69 22.82 12.55
CA VAL C 31 -42.83 21.50 11.94
C VAL C 31 -42.19 21.44 10.57
N GLY C 32 -41.26 20.51 10.39
CA GLY C 32 -40.64 20.30 9.09
C GLY C 32 -39.18 20.70 9.04
N TYR C 33 -38.67 21.22 10.15
CA TYR C 33 -37.28 21.64 10.22
C TYR C 33 -36.57 21.00 11.41
N ILE C 34 -35.49 20.30 11.13
CA ILE C 34 -34.71 19.62 12.18
C ILE C 34 -33.34 20.25 12.34
N GLY C 35 -32.61 19.79 13.34
CA GLY C 35 -31.30 20.34 13.64
C GLY C 35 -31.34 21.15 14.93
N GLU C 36 -30.20 21.21 15.61
CA GLU C 36 -30.13 21.92 16.89
C GLU C 36 -30.59 23.36 16.76
N ARG C 37 -30.43 23.93 15.58
CA ARG C 37 -30.85 25.31 15.33
C ARG C 37 -31.94 25.38 14.27
N CYS C 38 -32.59 24.24 14.04
CA CYS C 38 -33.63 24.17 13.02
C CYS C 38 -33.05 24.56 11.67
N GLN C 39 -31.80 24.19 11.42
CA GLN C 39 -31.11 24.66 10.22
C GLN C 39 -31.40 23.83 8.98
N TYR C 40 -31.81 22.58 9.18
CA TYR C 40 -32.03 21.68 8.07
C TYR C 40 -33.51 21.40 7.82
N ARG C 41 -33.91 21.51 6.55
CA ARG C 41 -35.24 21.13 6.13
C ARG C 41 -35.33 19.61 6.15
N ASP C 42 -36.41 19.08 6.73
CA ASP C 42 -36.59 17.64 6.82
C ASP C 42 -36.92 17.05 5.45
N LEU C 43 -35.92 17.01 4.58
CA LEU C 43 -36.09 16.64 3.18
C LEU C 43 -36.84 15.34 2.96
N LYS C 44 -36.76 14.43 3.93
CA LYS C 44 -37.40 13.13 3.76
C LYS C 44 -38.88 13.16 4.13
N TRP C 45 -39.42 14.37 4.31
CA TRP C 45 -40.84 14.54 4.57
C TRP C 45 -41.39 15.82 3.96
N TRP C 46 -42.22 15.69 2.93
CA TRP C 46 -43.00 16.82 2.41
C TRP C 46 -42.15 17.91 1.78
N GLU C 47 -42.11 17.95 0.45
CA GLU C 47 -41.52 19.06 -0.28
C GLU C 47 -40.13 19.42 0.21
N GLU D 1 31.30 -45.53 -10.06
CA GLU D 1 30.63 -46.47 -10.94
C GLU D 1 29.12 -46.21 -10.99
N CYS D 2 28.74 -45.03 -11.46
CA CYS D 2 27.33 -44.67 -11.59
C CYS D 2 26.89 -44.77 -13.04
N PRO D 3 25.56 -44.82 -13.27
CA PRO D 3 25.02 -44.90 -14.63
C PRO D 3 25.57 -43.81 -15.54
N LEU D 4 25.54 -44.04 -16.85
CA LEU D 4 26.05 -43.05 -17.79
C LEU D 4 25.25 -41.76 -17.71
N SER D 5 24.10 -41.81 -17.05
CA SER D 5 23.28 -40.62 -16.85
C SER D 5 23.91 -39.70 -15.83
N HIS D 6 24.26 -40.25 -14.67
CA HIS D 6 24.89 -39.48 -13.60
C HIS D 6 26.39 -39.34 -13.84
N ASP D 7 26.80 -39.40 -15.09
CA ASP D 7 28.20 -39.19 -15.46
C ASP D 7 28.52 -37.71 -15.43
N GLY D 8 29.51 -37.33 -14.64
CA GLY D 8 29.86 -35.93 -14.47
C GLY D 8 28.85 -35.23 -13.59
N TYR D 9 28.20 -36.01 -12.72
CA TYR D 9 27.17 -35.51 -11.84
C TYR D 9 27.77 -34.82 -10.61
N CYS D 10 28.79 -35.44 -10.02
CA CYS D 10 29.47 -34.86 -8.88
C CYS D 10 30.59 -33.91 -9.31
N LEU D 11 30.43 -32.63 -8.97
CA LEU D 11 31.37 -31.60 -9.38
C LEU D 11 32.60 -31.55 -8.47
N HIS D 12 33.55 -30.68 -8.83
CA HIS D 12 34.78 -30.50 -8.05
C HIS D 12 35.44 -31.81 -7.64
N ASP D 13 35.60 -32.72 -8.59
CA ASP D 13 36.29 -33.99 -8.37
C ASP D 13 35.63 -34.86 -7.30
N GLY D 14 34.33 -34.66 -7.08
CA GLY D 14 33.58 -35.52 -6.19
C GLY D 14 33.28 -36.83 -6.88
N VAL D 15 33.16 -37.90 -6.11
CA VAL D 15 32.92 -39.22 -6.68
C VAL D 15 31.48 -39.67 -6.47
N CYS D 16 30.87 -40.16 -7.54
CA CYS D 16 29.49 -40.64 -7.48
C CYS D 16 29.41 -42.00 -6.78
N MET D 17 28.30 -42.25 -6.11
CA MET D 17 28.13 -43.48 -5.35
C MET D 17 26.66 -43.88 -5.27
N TYR D 18 26.39 -45.16 -5.51
CA TYR D 18 25.03 -45.68 -5.41
C TYR D 18 24.72 -46.16 -4.00
N ILE D 19 23.67 -45.60 -3.41
CA ILE D 19 23.23 -45.99 -2.09
C ILE D 19 22.17 -47.08 -2.21
N GLU D 20 22.61 -48.34 -2.24
CA GLU D 20 21.69 -49.46 -2.38
C GLU D 20 20.70 -49.55 -1.23
N ALA D 21 21.07 -48.97 -0.09
CA ALA D 21 20.22 -48.99 1.09
C ALA D 21 18.96 -48.14 0.88
N LEU D 22 19.06 -47.15 -0.01
CA LEU D 22 17.94 -46.24 -0.26
C LEU D 22 17.54 -46.20 -1.73
N ASP D 23 18.26 -46.94 -2.56
CA ASP D 23 18.04 -46.93 -4.00
C ASP D 23 18.13 -45.52 -4.56
N LYS D 24 19.19 -44.81 -4.18
CA LYS D 24 19.43 -43.45 -4.66
C LYS D 24 20.87 -43.30 -5.12
N TYR D 25 21.19 -42.14 -5.68
CA TYR D 25 22.56 -41.80 -6.03
C TYR D 25 22.98 -40.51 -5.34
N ALA D 26 24.22 -40.45 -4.88
CA ALA D 26 24.72 -39.27 -4.19
C ALA D 26 26.21 -39.09 -4.43
N CYS D 27 26.73 -37.93 -4.04
CA CYS D 27 28.14 -37.63 -4.25
C CYS D 27 28.95 -37.76 -2.96
N ASN D 28 30.19 -38.20 -3.09
CA ASN D 28 31.13 -38.14 -1.99
C ASN D 28 32.11 -37.00 -2.23
N CYS D 29 31.67 -35.78 -1.92
CA CYS D 29 32.47 -34.58 -2.16
C CYS D 29 33.83 -34.63 -1.50
N VAL D 30 34.81 -33.97 -2.11
CA VAL D 30 36.13 -33.86 -1.51
C VAL D 30 36.08 -32.85 -0.38
N VAL D 31 37.04 -32.94 0.53
CA VAL D 31 37.10 -32.02 1.66
C VAL D 31 37.09 -30.57 1.19
N GLY D 32 36.10 -29.81 1.64
CA GLY D 32 36.04 -28.39 1.35
C GLY D 32 34.92 -27.97 0.43
N TYR D 33 34.33 -28.94 -0.27
CA TYR D 33 33.23 -28.65 -1.20
C TYR D 33 31.91 -29.25 -0.75
N ILE D 34 30.90 -28.40 -0.57
CA ILE D 34 29.59 -28.84 -0.09
C ILE D 34 28.52 -28.70 -1.16
N GLY D 35 27.32 -29.20 -0.86
CA GLY D 35 26.23 -29.16 -1.80
C GLY D 35 25.85 -30.56 -2.27
N GLU D 36 24.64 -30.72 -2.77
CA GLU D 36 24.17 -32.02 -3.22
C GLU D 36 25.05 -32.56 -4.35
N ARG D 37 25.78 -31.66 -4.99
CA ARG D 37 26.69 -32.02 -6.08
C ARG D 37 28.06 -31.40 -5.88
N CYS D 38 28.41 -31.14 -4.62
CA CYS D 38 29.70 -30.55 -4.27
C CYS D 38 29.97 -29.29 -5.08
N GLN D 39 28.91 -28.58 -5.45
CA GLN D 39 29.03 -27.44 -6.35
C GLN D 39 29.58 -26.18 -5.69
N TYR D 40 29.46 -26.10 -4.37
CA TYR D 40 29.92 -24.91 -3.66
C TYR D 40 31.18 -25.16 -2.85
N ARG D 41 32.10 -24.21 -2.92
CA ARG D 41 33.27 -24.23 -2.06
C ARG D 41 32.87 -23.67 -0.70
N ASP D 42 33.14 -24.44 0.35
CA ASP D 42 32.78 -24.04 1.71
C ASP D 42 33.52 -22.76 2.10
N LEU D 43 32.99 -21.63 1.65
CA LEU D 43 33.65 -20.34 1.83
C LEU D 43 33.98 -20.02 3.28
N LYS D 44 33.14 -20.47 4.20
CA LYS D 44 33.26 -20.08 5.59
C LYS D 44 34.27 -20.92 6.36
N TRP D 45 35.42 -21.19 5.75
CA TRP D 45 36.52 -21.86 6.44
C TRP D 45 37.88 -21.35 5.98
N TRP D 46 38.47 -22.00 4.98
CA TRP D 46 39.77 -21.56 4.47
C TRP D 46 39.77 -21.37 2.95
N GLU D 47 40.58 -20.43 2.49
CA GLU D 47 40.82 -20.23 1.06
C GLU D 47 39.54 -20.21 0.24
#